data_2DI0
#
_entry.id   2DI0
#
_entity_poly.entity_id   1
_entity_poly.type   'polypeptide(L)'
_entity_poly.pdbx_seq_one_letter_code
;GSSGSSGMCGVELDSLISQVKDLLPDLGEGFILACLEYYHYDPEQVINNILEERLAPTLSQLDRNLDREMN
;
_entity_poly.pdbx_strand_id   A
#
# COMPACT_ATOMS: atom_id res chain seq x y z
N GLY A 1 -9.09 -2.75 -22.83
CA GLY A 1 -8.57 -2.21 -21.58
C GLY A 1 -8.42 -3.32 -20.53
N SER A 2 -7.22 -3.85 -20.45
CA SER A 2 -6.93 -4.91 -19.50
C SER A 2 -5.43 -5.25 -19.52
N SER A 3 -4.70 -4.57 -18.64
CA SER A 3 -3.26 -4.78 -18.56
C SER A 3 -2.98 -6.09 -17.81
N GLY A 4 -2.05 -6.86 -18.36
CA GLY A 4 -1.68 -8.13 -17.75
C GLY A 4 -0.21 -8.13 -17.34
N SER A 5 0.02 -8.50 -16.09
CA SER A 5 1.37 -8.54 -15.56
C SER A 5 1.69 -9.96 -15.06
N SER A 6 2.74 -10.52 -15.64
CA SER A 6 3.16 -11.87 -15.28
C SER A 6 4.30 -11.79 -14.26
N GLY A 7 3.92 -11.80 -12.99
CA GLY A 7 4.90 -11.74 -11.92
C GLY A 7 4.38 -10.90 -10.74
N MET A 8 4.86 -9.68 -10.66
CA MET A 8 4.44 -8.77 -9.60
C MET A 8 4.69 -9.41 -8.23
N CYS A 9 5.94 -9.41 -7.82
CA CYS A 9 6.31 -9.98 -6.54
C CYS A 9 7.80 -9.70 -6.30
N GLY A 10 8.08 -8.50 -5.85
CA GLY A 10 9.45 -8.09 -5.59
C GLY A 10 9.66 -6.61 -5.89
N VAL A 11 9.93 -6.33 -7.15
CA VAL A 11 10.16 -4.96 -7.59
C VAL A 11 8.81 -4.25 -7.72
N GLU A 12 8.00 -4.76 -8.64
CA GLU A 12 6.68 -4.18 -8.87
C GLU A 12 6.03 -3.78 -7.55
N LEU A 13 5.91 -4.76 -6.67
CA LEU A 13 5.30 -4.53 -5.37
C LEU A 13 5.85 -3.22 -4.79
N ASP A 14 7.17 -3.14 -4.71
CA ASP A 14 7.83 -1.96 -4.19
C ASP A 14 7.29 -0.72 -4.91
N SER A 15 7.31 -0.79 -6.24
CA SER A 15 6.84 0.30 -7.05
C SER A 15 5.49 0.80 -6.54
N LEU A 16 4.53 -0.12 -6.48
CA LEU A 16 3.20 0.21 -6.00
C LEU A 16 3.31 1.06 -4.73
N ILE A 17 3.88 0.44 -3.70
CA ILE A 17 4.06 1.12 -2.44
C ILE A 17 4.51 2.56 -2.69
N SER A 18 5.74 2.68 -3.16
CA SER A 18 6.30 3.99 -3.45
C SER A 18 5.24 4.89 -4.09
N GLN A 19 4.58 4.34 -5.11
CA GLN A 19 3.56 5.08 -5.81
C GLN A 19 2.63 5.78 -4.82
N VAL A 20 1.99 4.99 -3.98
CA VAL A 20 1.09 5.52 -2.99
C VAL A 20 1.85 6.45 -2.04
N LYS A 21 2.92 5.90 -1.48
CA LYS A 21 3.74 6.66 -0.55
C LYS A 21 3.99 8.06 -1.12
N ASP A 22 4.51 8.07 -2.35
CA ASP A 22 4.79 9.34 -3.02
C ASP A 22 3.64 10.31 -2.78
N LEU A 23 2.44 9.74 -2.71
CA LEU A 23 1.25 10.55 -2.49
C LEU A 23 1.01 10.68 -0.98
N LEU A 24 1.26 9.60 -0.27
CA LEU A 24 1.08 9.58 1.16
C LEU A 24 2.36 9.08 1.83
N PRO A 25 3.39 9.96 1.84
CA PRO A 25 4.68 9.61 2.44
C PRO A 25 4.59 9.65 3.96
N ASP A 26 3.73 10.53 4.46
CA ASP A 26 3.55 10.69 5.89
C ASP A 26 3.36 9.32 6.52
N LEU A 27 2.42 8.56 5.95
CA LEU A 27 2.12 7.23 6.44
C LEU A 27 3.36 6.34 6.26
N GLY A 28 3.43 5.31 7.09
CA GLY A 28 4.54 4.38 7.03
C GLY A 28 4.28 3.26 6.01
N GLU A 29 5.34 2.86 5.32
CA GLU A 29 5.22 1.81 4.32
C GLU A 29 4.44 0.62 4.89
N GLY A 30 4.87 0.18 6.06
CA GLY A 30 4.22 -0.94 6.72
C GLY A 30 2.70 -0.87 6.55
N PHE A 31 2.17 0.32 6.74
CA PHE A 31 0.74 0.53 6.62
C PHE A 31 0.33 0.64 5.14
N ILE A 32 1.24 1.19 4.35
CA ILE A 32 0.98 1.36 2.93
C ILE A 32 0.96 0.00 2.25
N LEU A 33 1.81 -0.90 2.75
CA LEU A 33 1.90 -2.24 2.20
C LEU A 33 0.63 -3.01 2.56
N ALA A 34 0.33 -3.01 3.86
CA ALA A 34 -0.85 -3.71 4.35
C ALA A 34 -2.06 -3.33 3.50
N CYS A 35 -2.30 -2.03 3.40
CA CYS A 35 -3.41 -1.52 2.63
C CYS A 35 -3.38 -2.18 1.25
N LEU A 36 -2.31 -1.88 0.52
CA LEU A 36 -2.14 -2.44 -0.81
C LEU A 36 -2.58 -3.90 -0.82
N GLU A 37 -1.92 -4.68 0.02
CA GLU A 37 -2.24 -6.10 0.13
C GLU A 37 -3.75 -6.31 0.21
N TYR A 38 -4.37 -5.56 1.11
CA TYR A 38 -5.81 -5.65 1.29
C TYR A 38 -6.55 -5.09 0.08
N TYR A 39 -5.87 -4.20 -0.63
CA TYR A 39 -6.45 -3.58 -1.81
C TYR A 39 -5.88 -4.20 -3.09
N HIS A 40 -5.85 -5.53 -3.11
CA HIS A 40 -5.35 -6.26 -4.25
C HIS A 40 -4.12 -5.53 -4.81
N TYR A 41 -3.26 -5.11 -3.90
CA TYR A 41 -2.05 -4.41 -4.28
C TYR A 41 -2.34 -3.31 -5.30
N ASP A 42 -3.33 -2.49 -4.98
CA ASP A 42 -3.72 -1.40 -5.85
C ASP A 42 -3.44 -0.07 -5.16
N PRO A 43 -2.75 0.84 -5.90
CA PRO A 43 -2.41 2.14 -5.38
C PRO A 43 -3.63 3.05 -5.35
N GLU A 44 -4.34 3.08 -6.48
CA GLU A 44 -5.54 3.90 -6.60
C GLU A 44 -6.51 3.59 -5.46
N GLN A 45 -6.79 2.30 -5.30
CA GLN A 45 -7.71 1.85 -4.27
C GLN A 45 -7.31 2.45 -2.91
N VAL A 46 -6.11 2.09 -2.47
CA VAL A 46 -5.60 2.58 -1.21
C VAL A 46 -5.97 4.06 -1.05
N ILE A 47 -5.39 4.88 -1.92
CA ILE A 47 -5.64 6.30 -1.89
C ILE A 47 -7.15 6.55 -1.91
N ASN A 48 -7.80 6.03 -2.94
CA ASN A 48 -9.23 6.18 -3.08
C ASN A 48 -9.90 5.98 -1.72
N ASN A 49 -9.58 4.86 -1.10
CA ASN A 49 -10.14 4.54 0.21
C ASN A 49 -9.83 5.67 1.18
N ILE A 50 -8.53 5.90 1.38
CA ILE A 50 -8.09 6.94 2.28
C ILE A 50 -8.85 8.23 1.98
N LEU A 51 -8.77 8.65 0.72
CA LEU A 51 -9.44 9.86 0.29
C LEU A 51 -10.93 9.75 0.61
N GLU A 52 -11.48 8.57 0.37
CA GLU A 52 -12.89 8.33 0.63
C GLU A 52 -13.09 7.84 2.07
N GLU A 53 -12.06 8.07 2.88
CA GLU A 53 -12.11 7.66 4.27
C GLU A 53 -12.80 6.31 4.41
N ARG A 54 -12.65 5.49 3.38
CA ARG A 54 -13.26 4.17 3.37
C ARG A 54 -12.27 3.13 3.90
N LEU A 55 -11.23 3.62 4.56
CA LEU A 55 -10.22 2.75 5.12
C LEU A 55 -10.89 1.70 6.01
N ALA A 56 -10.61 0.45 5.70
CA ALA A 56 -11.18 -0.66 6.46
C ALA A 56 -10.94 -0.41 7.95
N PRO A 57 -11.74 -1.13 8.79
CA PRO A 57 -11.62 -0.99 10.23
C PRO A 57 -10.39 -1.72 10.75
N THR A 58 -9.79 -2.51 9.88
CA THR A 58 -8.60 -3.27 10.23
C THR A 58 -7.34 -2.49 9.84
N LEU A 59 -7.50 -1.63 8.84
CA LEU A 59 -6.39 -0.82 8.36
C LEU A 59 -6.40 0.52 9.09
N SER A 60 -7.58 1.14 9.12
CA SER A 60 -7.72 2.42 9.77
C SER A 60 -7.22 2.34 11.22
N GLN A 61 -7.19 1.13 11.74
CA GLN A 61 -6.74 0.90 13.09
C GLN A 61 -5.24 0.61 13.10
N LEU A 62 -4.79 -0.07 12.06
CA LEU A 62 -3.38 -0.41 11.94
C LEU A 62 -2.53 0.82 12.23
N ASP A 63 -1.25 0.58 12.47
CA ASP A 63 -0.33 1.66 12.77
C ASP A 63 -0.12 2.50 11.51
N ARG A 64 -0.70 3.69 11.53
CA ARG A 64 -0.60 4.60 10.40
C ARG A 64 0.87 4.76 9.99
N ASN A 65 1.76 4.54 10.95
CA ASN A 65 3.18 4.66 10.70
C ASN A 65 3.83 3.27 10.86
N LEU A 66 3.18 2.28 10.29
CA LEU A 66 3.69 0.92 10.35
C LEU A 66 4.90 0.77 9.43
N ASP A 67 5.90 0.08 9.93
CA ASP A 67 7.12 -0.15 9.16
C ASP A 67 7.07 -1.54 8.53
N ARG A 68 8.01 -1.77 7.63
CA ARG A 68 8.09 -3.05 6.96
C ARG A 68 9.20 -3.91 7.57
N GLU A 69 8.79 -5.09 8.04
CA GLU A 69 9.73 -6.01 8.65
C GLU A 69 10.64 -6.62 7.60
N MET A 70 11.92 -6.29 7.72
CA MET A 70 12.92 -6.79 6.78
C MET A 70 12.60 -6.36 5.35
N ASN A 71 13.63 -6.33 4.53
CA ASN A 71 13.47 -5.93 3.14
C ASN A 71 14.84 -6.00 2.43
N GLY A 1 -4.15 -15.32 -2.99
CA GLY A 1 -2.79 -15.82 -3.03
C GLY A 1 -2.77 -17.34 -3.21
N SER A 2 -3.23 -17.77 -4.38
CA SER A 2 -3.27 -19.19 -4.68
C SER A 2 -2.79 -19.43 -6.12
N SER A 3 -1.74 -20.23 -6.23
CA SER A 3 -1.18 -20.55 -7.53
C SER A 3 -0.71 -19.26 -8.23
N GLY A 4 0.54 -18.94 -8.01
CA GLY A 4 1.12 -17.74 -8.61
C GLY A 4 2.50 -17.44 -8.03
N SER A 5 3.50 -17.46 -8.90
CA SER A 5 4.86 -17.20 -8.48
C SER A 5 5.66 -16.57 -9.64
N SER A 6 6.78 -15.98 -9.30
CA SER A 6 7.63 -15.36 -10.29
C SER A 6 6.86 -14.26 -11.02
N GLY A 7 7.15 -13.02 -10.65
CA GLY A 7 6.50 -11.88 -11.26
C GLY A 7 6.29 -10.75 -10.24
N MET A 8 5.05 -10.29 -10.18
CA MET A 8 4.70 -9.21 -9.26
C MET A 8 4.88 -9.67 -7.80
N CYS A 9 6.11 -9.57 -7.33
CA CYS A 9 6.42 -9.96 -5.97
C CYS A 9 7.91 -9.69 -5.73
N GLY A 10 8.26 -8.41 -5.77
CA GLY A 10 9.64 -8.01 -5.55
C GLY A 10 9.82 -6.51 -5.83
N VAL A 11 10.09 -6.21 -7.10
CA VAL A 11 10.29 -4.83 -7.51
C VAL A 11 8.93 -4.15 -7.68
N GLU A 12 8.15 -4.68 -8.62
CA GLU A 12 6.84 -4.14 -8.90
C GLU A 12 6.14 -3.75 -7.59
N LEU A 13 6.06 -4.71 -6.69
CA LEU A 13 5.42 -4.49 -5.40
C LEU A 13 5.86 -3.13 -4.86
N ASP A 14 7.16 -3.00 -4.65
CA ASP A 14 7.72 -1.77 -4.14
C ASP A 14 7.12 -0.58 -4.90
N SER A 15 7.08 -0.73 -6.21
CA SER A 15 6.54 0.32 -7.07
C SER A 15 5.24 0.85 -6.47
N LEU A 16 4.29 -0.05 -6.27
CA LEU A 16 3.01 0.32 -5.71
C LEU A 16 3.23 1.08 -4.40
N ILE A 17 3.92 0.41 -3.48
CA ILE A 17 4.20 1.01 -2.18
C ILE A 17 4.63 2.46 -2.38
N SER A 18 5.80 2.61 -2.99
CA SER A 18 6.34 3.94 -3.24
C SER A 18 5.31 4.80 -3.97
N GLN A 19 4.80 4.27 -5.08
CA GLN A 19 3.80 4.96 -5.86
C GLN A 19 2.82 5.69 -4.94
N VAL A 20 2.19 4.92 -4.07
CA VAL A 20 1.23 5.49 -3.14
C VAL A 20 1.95 6.46 -2.20
N LYS A 21 2.98 5.96 -1.54
CA LYS A 21 3.75 6.76 -0.62
C LYS A 21 4.01 8.14 -1.24
N ASP A 22 4.59 8.12 -2.43
CA ASP A 22 4.90 9.34 -3.14
C ASP A 22 3.73 10.32 -2.98
N LEU A 23 2.53 9.75 -2.93
CA LEU A 23 1.33 10.56 -2.78
C LEU A 23 1.02 10.73 -1.30
N LEU A 24 1.22 9.65 -0.55
CA LEU A 24 0.97 9.66 0.87
C LEU A 24 2.21 9.17 1.62
N PRO A 25 3.24 10.06 1.64
CA PRO A 25 4.49 9.73 2.32
C PRO A 25 4.34 9.81 3.84
N ASP A 26 3.41 10.66 4.26
CA ASP A 26 3.15 10.85 5.67
C ASP A 26 3.02 9.48 6.34
N LEU A 27 2.14 8.66 5.79
CA LEU A 27 1.91 7.33 6.32
C LEU A 27 3.20 6.51 6.21
N GLY A 28 3.20 5.36 6.87
CA GLY A 28 4.36 4.49 6.85
C GLY A 28 4.15 3.32 5.88
N GLU A 29 5.22 2.97 5.19
CA GLU A 29 5.16 1.88 4.23
C GLU A 29 4.39 0.69 4.81
N GLY A 30 4.81 0.28 5.99
CA GLY A 30 4.17 -0.84 6.67
C GLY A 30 2.65 -0.79 6.48
N PHE A 31 2.10 0.41 6.65
CA PHE A 31 0.68 0.60 6.51
C PHE A 31 0.28 0.69 5.04
N ILE A 32 1.19 1.21 4.24
CA ILE A 32 0.95 1.34 2.82
C ILE A 32 0.94 -0.04 2.16
N LEU A 33 1.81 -0.90 2.67
CA LEU A 33 1.91 -2.25 2.15
C LEU A 33 0.65 -3.03 2.53
N ALA A 34 0.36 -3.03 3.81
CA ALA A 34 -0.82 -3.73 4.31
C ALA A 34 -2.03 -3.39 3.44
N CYS A 35 -2.29 -2.09 3.35
CA CYS A 35 -3.41 -1.61 2.56
C CYS A 35 -3.36 -2.30 1.19
N LEU A 36 -2.30 -1.99 0.45
CA LEU A 36 -2.13 -2.57 -0.87
C LEU A 36 -2.54 -4.04 -0.84
N GLU A 37 -1.78 -4.82 -0.07
CA GLU A 37 -2.07 -6.24 0.06
C GLU A 37 -3.57 -6.49 0.09
N TYR A 38 -4.21 -5.91 1.10
CA TYR A 38 -5.64 -6.05 1.27
C TYR A 38 -6.39 -5.51 0.06
N TYR A 39 -5.90 -4.40 -0.46
CA TYR A 39 -6.50 -3.78 -1.63
C TYR A 39 -5.94 -4.36 -2.92
N HIS A 40 -5.88 -5.68 -2.97
CA HIS A 40 -5.36 -6.38 -4.14
C HIS A 40 -4.19 -5.59 -4.72
N TYR A 41 -3.23 -5.29 -3.85
CA TYR A 41 -2.06 -4.55 -4.26
C TYR A 41 -2.42 -3.47 -5.29
N ASP A 42 -3.33 -2.60 -4.90
CA ASP A 42 -3.77 -1.53 -5.77
C ASP A 42 -3.57 -0.18 -5.06
N PRO A 43 -2.90 0.75 -5.77
CA PRO A 43 -2.64 2.08 -5.22
C PRO A 43 -3.91 2.93 -5.24
N GLU A 44 -4.49 3.05 -6.42
CA GLU A 44 -5.70 3.84 -6.58
C GLU A 44 -6.70 3.52 -5.46
N GLN A 45 -6.85 2.23 -5.20
CA GLN A 45 -7.75 1.77 -4.16
C GLN A 45 -7.40 2.42 -2.82
N VAL A 46 -6.17 2.15 -2.39
CA VAL A 46 -5.70 2.70 -1.14
C VAL A 46 -6.01 4.20 -1.08
N ILE A 47 -5.37 4.94 -1.98
CA ILE A 47 -5.57 6.38 -2.04
C ILE A 47 -7.06 6.68 -1.98
N ASN A 48 -7.77 6.22 -3.00
CA ASN A 48 -9.22 6.43 -3.07
C ASN A 48 -9.82 6.26 -1.67
N ASN A 49 -9.67 5.05 -1.14
CA ASN A 49 -10.20 4.74 0.18
C ASN A 49 -9.81 5.85 1.15
N ILE A 50 -8.50 6.01 1.33
CA ILE A 50 -7.98 7.02 2.23
C ILE A 50 -8.69 8.36 1.95
N LEU A 51 -8.57 8.80 0.70
CA LEU A 51 -9.19 10.05 0.30
C LEU A 51 -10.65 10.06 0.77
N GLU A 52 -11.34 8.96 0.52
CA GLU A 52 -12.73 8.85 0.90
C GLU A 52 -12.84 8.28 2.33
N GLU A 53 -11.72 8.36 3.05
CA GLU A 53 -11.67 7.86 4.41
C GLU A 53 -12.48 6.56 4.52
N ARG A 54 -12.36 5.74 3.50
CA ARG A 54 -13.06 4.46 3.48
C ARG A 54 -12.11 3.32 3.83
N LEU A 55 -11.08 3.66 4.59
CA LEU A 55 -10.09 2.67 5.00
C LEU A 55 -10.76 1.65 5.92
N ALA A 56 -10.64 0.39 5.52
CA ALA A 56 -11.22 -0.69 6.30
C ALA A 56 -10.90 -0.49 7.78
N PRO A 57 -11.59 -1.28 8.63
CA PRO A 57 -11.39 -1.20 10.07
C PRO A 57 -10.07 -1.84 10.48
N THR A 58 -9.80 -3.00 9.88
CA THR A 58 -8.58 -3.73 10.18
C THR A 58 -7.36 -2.91 9.77
N LEU A 59 -7.41 -2.39 8.55
CA LEU A 59 -6.32 -1.58 8.04
C LEU A 59 -6.24 -0.27 8.82
N SER A 60 -7.40 0.35 9.00
CA SER A 60 -7.47 1.61 9.73
C SER A 60 -6.83 1.44 11.11
N GLN A 61 -6.90 0.22 11.62
CA GLN A 61 -6.34 -0.08 12.93
C GLN A 61 -4.81 -0.09 12.86
N LEU A 62 -4.30 -0.67 11.79
CA LEU A 62 -2.87 -0.75 11.59
C LEU A 62 -2.26 0.64 11.72
N ASP A 63 -1.18 0.71 12.49
CA ASP A 63 -0.49 1.98 12.70
C ASP A 63 -0.40 2.74 11.38
N ARG A 64 -0.85 3.98 11.42
CA ARG A 64 -0.82 4.82 10.23
C ARG A 64 0.61 4.96 9.71
N ASN A 65 1.53 5.13 10.65
CA ASN A 65 2.93 5.28 10.30
C ASN A 65 3.67 3.97 10.61
N LEU A 66 3.13 2.89 10.08
CA LEU A 66 3.72 1.57 10.28
C LEU A 66 4.93 1.42 9.37
N ASP A 67 5.97 0.80 9.91
CA ASP A 67 7.19 0.58 9.15
C ASP A 67 7.23 -0.88 8.68
N ARG A 68 8.16 -1.15 7.78
CA ARG A 68 8.33 -2.50 7.25
C ARG A 68 9.53 -3.18 7.91
N GLU A 69 10.67 -2.52 7.82
CA GLU A 69 11.89 -3.06 8.39
C GLU A 69 12.36 -2.19 9.55
N MET A 70 12.26 -2.75 10.75
CA MET A 70 12.67 -2.03 11.95
C MET A 70 13.83 -2.75 12.65
N ASN A 71 14.98 -2.70 12.01
CA ASN A 71 16.17 -3.34 12.56
C ASN A 71 15.78 -4.69 13.16
N GLY A 1 0.27 1.68 -26.11
CA GLY A 1 -0.08 0.28 -26.23
C GLY A 1 0.28 -0.50 -24.97
N SER A 2 0.84 -1.68 -25.18
CA SER A 2 1.24 -2.53 -24.07
C SER A 2 2.52 -1.98 -23.42
N SER A 3 2.37 -1.51 -22.20
CA SER A 3 3.50 -0.95 -21.47
C SER A 3 3.05 -0.49 -20.08
N GLY A 4 3.99 -0.49 -19.15
CA GLY A 4 3.70 -0.07 -17.79
C GLY A 4 3.70 -1.26 -16.83
N SER A 5 4.90 -1.62 -16.40
CA SER A 5 5.05 -2.74 -15.49
C SER A 5 4.58 -4.04 -16.15
N SER A 6 5.44 -5.04 -16.08
CA SER A 6 5.12 -6.33 -16.67
C SER A 6 4.67 -7.31 -15.59
N GLY A 7 3.36 -7.47 -15.50
CA GLY A 7 2.79 -8.37 -14.51
C GLY A 7 2.66 -7.67 -13.15
N MET A 8 3.24 -8.32 -12.14
CA MET A 8 3.20 -7.77 -10.79
C MET A 8 3.99 -8.65 -9.82
N CYS A 9 5.27 -8.32 -9.69
CA CYS A 9 6.15 -9.07 -8.80
C CYS A 9 7.54 -8.44 -8.86
N GLY A 10 8.06 -8.11 -7.68
CA GLY A 10 9.38 -7.50 -7.59
C GLY A 10 9.26 -5.98 -7.46
N VAL A 11 10.07 -5.30 -8.25
CA VAL A 11 10.07 -3.84 -8.24
C VAL A 11 8.63 -3.33 -8.27
N GLU A 12 7.80 -4.04 -9.02
CA GLU A 12 6.40 -3.67 -9.14
C GLU A 12 5.77 -3.50 -7.76
N LEU A 13 5.96 -4.52 -6.93
CA LEU A 13 5.41 -4.49 -5.58
C LEU A 13 5.87 -3.21 -4.88
N ASP A 14 7.19 -3.08 -4.75
CA ASP A 14 7.76 -1.91 -4.10
C ASP A 14 7.24 -0.64 -4.79
N SER A 15 7.11 -0.73 -6.11
CA SER A 15 6.62 0.39 -6.88
C SER A 15 5.25 0.82 -6.38
N LEU A 16 4.32 -0.13 -6.37
CA LEU A 16 2.97 0.15 -5.92
C LEU A 16 3.03 0.94 -4.61
N ILE A 17 3.88 0.47 -3.71
CA ILE A 17 4.04 1.12 -2.41
C ILE A 17 4.50 2.56 -2.63
N SER A 18 5.71 2.70 -3.14
CA SER A 18 6.28 4.01 -3.40
C SER A 18 5.24 4.91 -4.09
N GLN A 19 4.60 4.35 -5.11
CA GLN A 19 3.60 5.08 -5.86
C GLN A 19 2.66 5.82 -4.89
N VAL A 20 2.18 5.07 -3.90
CA VAL A 20 1.28 5.65 -2.91
C VAL A 20 2.06 6.57 -1.99
N LYS A 21 3.12 6.02 -1.41
CA LYS A 21 3.95 6.79 -0.50
C LYS A 21 4.24 8.16 -1.12
N ASP A 22 4.74 8.14 -2.34
CA ASP A 22 5.05 9.38 -3.04
C ASP A 22 3.94 10.39 -2.79
N LEU A 23 2.72 9.88 -2.68
CA LEU A 23 1.57 10.73 -2.45
C LEU A 23 1.34 10.88 -0.95
N LEU A 24 1.54 9.77 -0.24
CA LEU A 24 1.37 9.76 1.21
C LEU A 24 2.65 9.24 1.86
N PRO A 25 3.69 10.12 1.86
CA PRO A 25 4.96 9.75 2.46
C PRO A 25 4.88 9.78 3.99
N ASP A 26 4.01 10.65 4.49
CA ASP A 26 3.83 10.78 5.93
C ASP A 26 3.58 9.40 6.53
N LEU A 27 2.69 8.65 5.91
CA LEU A 27 2.35 7.32 6.37
C LEU A 27 3.56 6.40 6.17
N GLY A 28 3.59 5.34 6.97
CA GLY A 28 4.68 4.38 6.90
C GLY A 28 4.37 3.29 5.86
N GLU A 29 5.43 2.75 5.28
CA GLU A 29 5.29 1.70 4.28
C GLU A 29 4.50 0.52 4.87
N GLY A 30 4.93 0.08 6.04
CA GLY A 30 4.28 -1.03 6.71
C GLY A 30 2.76 -0.94 6.57
N PHE A 31 2.27 0.28 6.73
CA PHE A 31 0.83 0.52 6.64
C PHE A 31 0.39 0.64 5.17
N ILE A 32 1.31 1.14 4.36
CA ILE A 32 1.04 1.31 2.94
C ILE A 32 0.98 -0.06 2.27
N LEU A 33 1.82 -0.96 2.76
CA LEU A 33 1.88 -2.31 2.22
C LEU A 33 0.61 -3.06 2.61
N ALA A 34 0.32 -3.05 3.91
CA ALA A 34 -0.85 -3.73 4.43
C ALA A 34 -2.07 -3.35 3.58
N CYS A 35 -2.28 -2.04 3.46
CA CYS A 35 -3.40 -1.53 2.70
C CYS A 35 -3.38 -2.20 1.31
N LEU A 36 -2.29 -1.96 0.59
CA LEU A 36 -2.14 -2.53 -0.73
C LEU A 36 -2.57 -4.00 -0.71
N GLU A 37 -1.84 -4.77 0.07
CA GLU A 37 -2.13 -6.20 0.19
C GLU A 37 -3.64 -6.42 0.25
N TYR A 38 -4.29 -5.65 1.10
CA TYR A 38 -5.73 -5.75 1.27
C TYR A 38 -6.46 -5.20 0.04
N TYR A 39 -5.88 -4.17 -0.55
CA TYR A 39 -6.46 -3.54 -1.72
C TYR A 39 -5.91 -4.18 -3.01
N HIS A 40 -5.91 -5.50 -3.02
CA HIS A 40 -5.42 -6.23 -4.17
C HIS A 40 -4.19 -5.53 -4.74
N TYR A 41 -3.27 -5.18 -3.85
CA TYR A 41 -2.05 -4.50 -4.25
C TYR A 41 -2.34 -3.40 -5.26
N ASP A 42 -3.39 -2.64 -4.98
CA ASP A 42 -3.79 -1.56 -5.86
C ASP A 42 -3.54 -0.22 -5.16
N PRO A 43 -2.86 0.70 -5.90
CA PRO A 43 -2.55 2.01 -5.36
C PRO A 43 -3.79 2.90 -5.31
N GLU A 44 -4.41 3.04 -6.48
CA GLU A 44 -5.61 3.85 -6.59
C GLU A 44 -6.58 3.53 -5.45
N GLN A 45 -6.90 2.24 -5.33
CA GLN A 45 -7.80 1.78 -4.30
C GLN A 45 -7.44 2.39 -2.96
N VAL A 46 -6.20 2.15 -2.55
CA VAL A 46 -5.71 2.67 -1.29
C VAL A 46 -6.06 4.16 -1.19
N ILE A 47 -5.42 4.94 -2.05
CA ILE A 47 -5.65 6.38 -2.07
C ILE A 47 -7.15 6.64 -2.05
N ASN A 48 -7.82 6.17 -3.11
CA ASN A 48 -9.26 6.37 -3.22
C ASN A 48 -9.90 6.16 -1.85
N ASN A 49 -9.63 5.01 -1.26
CA ASN A 49 -10.17 4.67 0.04
C ASN A 49 -9.79 5.77 1.04
N ILE A 50 -8.51 5.82 1.35
CA ILE A 50 -8.01 6.82 2.30
C ILE A 50 -8.70 8.15 2.03
N LEU A 51 -8.80 8.49 0.76
CA LEU A 51 -9.44 9.74 0.35
C LEU A 51 -10.87 9.76 0.87
N GLU A 52 -11.59 8.69 0.59
CA GLU A 52 -12.98 8.59 1.02
C GLU A 52 -13.04 8.15 2.49
N GLU A 53 -11.87 8.03 3.09
CA GLU A 53 -11.77 7.63 4.48
C GLU A 53 -12.57 6.34 4.71
N ARG A 54 -12.61 5.52 3.68
CA ARG A 54 -13.32 4.26 3.75
C ARG A 54 -12.39 3.14 4.23
N LEU A 55 -11.19 3.55 4.61
CA LEU A 55 -10.21 2.59 5.09
C LEU A 55 -10.89 1.56 5.99
N ALA A 56 -10.58 0.29 5.73
CA ALA A 56 -11.15 -0.79 6.50
C ALA A 56 -10.89 -0.55 7.99
N PRO A 57 -11.71 -1.23 8.83
CA PRO A 57 -11.58 -1.09 10.27
C PRO A 57 -10.36 -1.86 10.78
N THR A 58 -9.78 -2.66 9.89
CA THR A 58 -8.61 -3.45 10.25
C THR A 58 -7.34 -2.69 9.86
N LEU A 59 -7.46 -1.87 8.83
CA LEU A 59 -6.32 -1.10 8.35
C LEU A 59 -6.32 0.27 9.05
N SER A 60 -7.49 0.87 9.12
CA SER A 60 -7.64 2.17 9.74
C SER A 60 -7.12 2.12 11.19
N GLN A 61 -7.00 0.89 11.70
CA GLN A 61 -6.51 0.70 13.05
C GLN A 61 -5.00 0.47 13.04
N LEU A 62 -4.53 -0.12 11.95
CA LEU A 62 -3.10 -0.39 11.81
C LEU A 62 -2.31 0.88 12.09
N ASP A 63 -1.05 0.68 12.47
CA ASP A 63 -0.18 1.80 12.77
C ASP A 63 0.04 2.64 11.51
N ARG A 64 -0.54 3.84 11.52
CA ARG A 64 -0.42 4.73 10.39
C ARG A 64 1.04 4.87 9.97
N ASN A 65 1.93 4.62 10.93
CA ASN A 65 3.35 4.70 10.67
C ASN A 65 3.99 3.32 10.86
N LEU A 66 3.35 2.32 10.28
CA LEU A 66 3.83 0.95 10.38
C LEU A 66 5.03 0.78 9.44
N ASP A 67 6.08 0.18 9.99
CA ASP A 67 7.28 -0.06 9.21
C ASP A 67 7.23 -1.45 8.58
N ARG A 68 8.15 -1.70 7.67
CA ARG A 68 8.22 -2.98 6.99
C ARG A 68 9.30 -3.86 7.62
N GLU A 69 10.52 -3.34 7.60
CA GLU A 69 11.64 -4.07 8.15
C GLU A 69 12.45 -3.17 9.09
N MET A 70 12.90 -3.76 10.19
CA MET A 70 13.68 -3.04 11.17
C MET A 70 15.19 -3.20 10.92
N ASN A 71 15.74 -2.22 10.22
CA ASN A 71 17.16 -2.25 9.91
C ASN A 71 17.56 -3.66 9.47
N GLY A 1 -9.68 -4.38 -15.66
CA GLY A 1 -9.02 -4.49 -16.94
C GLY A 1 -9.45 -5.76 -17.68
N SER A 2 -8.70 -6.09 -18.71
CA SER A 2 -8.99 -7.27 -19.50
C SER A 2 -7.71 -7.81 -20.14
N SER A 3 -7.05 -8.69 -19.43
CA SER A 3 -5.81 -9.28 -19.91
C SER A 3 -4.76 -8.19 -20.10
N GLY A 4 -4.08 -7.87 -19.00
CA GLY A 4 -3.04 -6.86 -19.04
C GLY A 4 -1.85 -7.26 -18.17
N SER A 5 -2.00 -7.06 -16.87
CA SER A 5 -0.95 -7.40 -15.94
C SER A 5 -1.54 -8.16 -14.73
N SER A 6 -1.04 -9.36 -14.53
CA SER A 6 -1.50 -10.19 -13.43
C SER A 6 -0.36 -11.07 -12.92
N GLY A 7 -0.10 -10.94 -11.63
CA GLY A 7 0.97 -11.71 -11.01
C GLY A 7 2.23 -10.86 -10.81
N MET A 8 2.21 -10.04 -9.78
CA MET A 8 3.33 -9.17 -9.48
C MET A 8 3.71 -9.26 -8.00
N CYS A 9 5.00 -9.09 -7.74
CA CYS A 9 5.52 -9.15 -6.39
C CYS A 9 7.03 -8.97 -6.43
N GLY A 10 7.55 -8.32 -5.40
CA GLY A 10 8.98 -8.07 -5.31
C GLY A 10 9.30 -6.61 -5.66
N VAL A 11 9.64 -6.40 -6.92
CA VAL A 11 9.98 -5.06 -7.40
C VAL A 11 8.69 -4.25 -7.56
N GLU A 12 7.85 -4.73 -8.47
CA GLU A 12 6.59 -4.06 -8.74
C GLU A 12 5.92 -3.64 -7.42
N LEU A 13 5.68 -4.63 -6.58
CA LEU A 13 5.04 -4.39 -5.30
C LEU A 13 5.61 -3.11 -4.68
N ASP A 14 6.94 -3.05 -4.64
CA ASP A 14 7.61 -1.89 -4.09
C ASP A 14 7.06 -0.63 -4.74
N SER A 15 7.08 -0.62 -6.07
CA SER A 15 6.60 0.53 -6.82
C SER A 15 5.19 0.89 -6.34
N LEU A 16 4.31 -0.11 -6.35
CA LEU A 16 2.94 0.10 -5.91
C LEU A 16 2.93 0.90 -4.62
N ILE A 17 3.89 0.59 -3.76
CA ILE A 17 4.01 1.27 -2.48
C ILE A 17 4.53 2.69 -2.70
N SER A 18 5.77 2.75 -3.18
CA SER A 18 6.40 4.03 -3.44
C SER A 18 5.42 4.98 -4.11
N GLN A 19 4.73 4.46 -5.13
CA GLN A 19 3.75 5.25 -5.86
C GLN A 19 2.82 5.97 -4.89
N VAL A 20 2.15 5.18 -4.07
CA VAL A 20 1.23 5.73 -3.09
C VAL A 20 2.01 6.57 -2.06
N LYS A 21 3.01 5.93 -1.48
CA LYS A 21 3.84 6.59 -0.48
C LYS A 21 4.19 8.00 -0.98
N ASP A 22 4.80 8.05 -2.15
CA ASP A 22 5.20 9.31 -2.75
C ASP A 22 4.05 10.31 -2.61
N LEU A 23 2.83 9.79 -2.70
CA LEU A 23 1.65 10.62 -2.60
C LEU A 23 1.31 10.82 -1.11
N LEU A 24 1.50 9.76 -0.35
CA LEU A 24 1.23 9.79 1.08
C LEU A 24 2.46 9.34 1.85
N PRO A 25 3.48 10.25 1.88
CA PRO A 25 4.72 9.96 2.58
C PRO A 25 4.52 10.06 4.10
N ASP A 26 3.48 10.77 4.48
CA ASP A 26 3.18 10.95 5.90
C ASP A 26 3.00 9.58 6.56
N LEU A 27 2.28 8.71 5.85
CA LEU A 27 2.02 7.36 6.36
C LEU A 27 3.30 6.53 6.20
N GLY A 28 3.28 5.37 6.85
CA GLY A 28 4.42 4.47 6.80
C GLY A 28 4.17 3.32 5.82
N GLU A 29 5.24 2.93 5.14
CA GLU A 29 5.15 1.85 4.17
C GLU A 29 4.40 0.65 4.77
N GLY A 30 4.85 0.25 5.95
CA GLY A 30 4.23 -0.88 6.63
C GLY A 30 2.72 -0.86 6.47
N PHE A 31 2.15 0.34 6.66
CA PHE A 31 0.71 0.51 6.53
C PHE A 31 0.29 0.59 5.06
N ILE A 32 1.17 1.15 4.25
CA ILE A 32 0.92 1.28 2.83
C ILE A 32 0.91 -0.10 2.18
N LEU A 33 1.81 -0.95 2.66
CA LEU A 33 1.91 -2.30 2.14
C LEU A 33 0.65 -3.08 2.51
N ALA A 34 0.35 -3.07 3.80
CA ALA A 34 -0.83 -3.78 4.30
C ALA A 34 -2.05 -3.40 3.45
N CYS A 35 -2.26 -2.09 3.34
CA CYS A 35 -3.39 -1.59 2.57
C CYS A 35 -3.34 -2.23 1.18
N LEU A 36 -2.18 -2.14 0.56
CA LEU A 36 -1.99 -2.70 -0.77
C LEU A 36 -2.43 -4.17 -0.77
N GLU A 37 -1.77 -4.96 0.06
CA GLU A 37 -2.08 -6.37 0.17
C GLU A 37 -3.59 -6.56 0.25
N TYR A 38 -4.22 -5.78 1.13
CA TYR A 38 -5.65 -5.86 1.31
C TYR A 38 -6.39 -5.43 0.04
N TYR A 39 -5.90 -4.34 -0.54
CA TYR A 39 -6.51 -3.81 -1.75
C TYR A 39 -5.91 -4.46 -2.99
N HIS A 40 -5.73 -5.78 -2.90
CA HIS A 40 -5.16 -6.53 -4.01
C HIS A 40 -4.05 -5.72 -4.66
N TYR A 41 -3.09 -5.34 -3.85
CA TYR A 41 -1.96 -4.57 -4.33
C TYR A 41 -2.41 -3.46 -5.28
N ASP A 42 -3.43 -2.72 -4.84
CA ASP A 42 -3.96 -1.64 -5.64
C ASP A 42 -3.64 -0.31 -4.97
N PRO A 43 -2.89 0.54 -5.71
CA PRO A 43 -2.50 1.85 -5.20
C PRO A 43 -3.68 2.82 -5.23
N GLU A 44 -4.34 2.87 -6.37
CA GLU A 44 -5.49 3.76 -6.54
C GLU A 44 -6.49 3.53 -5.40
N GLN A 45 -6.82 2.27 -5.18
CA GLN A 45 -7.76 1.91 -4.14
C GLN A 45 -7.34 2.54 -2.80
N VAL A 46 -6.17 2.14 -2.35
CA VAL A 46 -5.63 2.65 -1.09
C VAL A 46 -5.93 4.15 -0.99
N ILE A 47 -5.39 4.89 -1.95
CA ILE A 47 -5.60 6.33 -1.98
C ILE A 47 -7.09 6.63 -2.02
N ASN A 48 -7.73 6.15 -3.09
CA ASN A 48 -9.16 6.36 -3.25
C ASN A 48 -9.87 6.20 -1.91
N ASN A 49 -9.59 5.07 -1.26
CA ASN A 49 -10.19 4.79 0.03
C ASN A 49 -9.82 5.90 1.01
N ILE A 50 -8.53 5.99 1.29
CA ILE A 50 -8.03 7.00 2.21
C ILE A 50 -8.70 8.34 1.90
N LEU A 51 -8.89 8.60 0.61
CA LEU A 51 -9.52 9.82 0.17
C LEU A 51 -11.01 9.77 0.48
N GLU A 52 -11.60 8.60 0.24
CA GLU A 52 -13.01 8.40 0.48
C GLU A 52 -13.24 7.90 1.92
N GLU A 53 -12.24 8.15 2.76
CA GLU A 53 -12.32 7.73 4.14
C GLU A 53 -12.98 6.36 4.26
N ARG A 54 -12.71 5.53 3.25
CA ARG A 54 -13.27 4.19 3.22
C ARG A 54 -12.23 3.17 3.70
N LEU A 55 -11.29 3.66 4.50
CA LEU A 55 -10.24 2.81 5.02
C LEU A 55 -10.86 1.73 5.91
N ALA A 56 -10.62 0.49 5.53
CA ALA A 56 -11.15 -0.64 6.28
C ALA A 56 -10.88 -0.42 7.77
N PRO A 57 -11.71 -1.12 8.61
CA PRO A 57 -11.57 -1.00 10.05
C PRO A 57 -10.36 -1.79 10.55
N THR A 58 -9.76 -2.53 9.63
CA THR A 58 -8.59 -3.33 9.96
C THR A 58 -7.31 -2.57 9.63
N LEU A 59 -7.41 -1.72 8.62
CA LEU A 59 -6.27 -0.92 8.20
C LEU A 59 -6.28 0.41 8.93
N SER A 60 -7.46 0.98 9.04
CA SER A 60 -7.62 2.26 9.73
C SER A 60 -7.07 2.16 11.16
N GLN A 61 -7.16 0.96 11.71
CA GLN A 61 -6.67 0.72 13.06
C GLN A 61 -5.16 0.55 13.06
N LEU A 62 -4.67 -0.07 11.98
CA LEU A 62 -3.24 -0.30 11.85
C LEU A 62 -2.49 1.01 12.05
N ASP A 63 -1.23 0.88 12.42
CA ASP A 63 -0.38 2.05 12.66
C ASP A 63 -0.26 2.84 11.36
N ARG A 64 -0.79 4.06 11.40
CA ARG A 64 -0.73 4.93 10.23
C ARG A 64 0.71 5.09 9.75
N ASN A 65 1.63 4.89 10.69
CA ASN A 65 3.04 5.00 10.38
C ASN A 65 3.73 3.65 10.59
N LEU A 66 3.04 2.60 10.16
CA LEU A 66 3.57 1.26 10.28
C LEU A 66 4.79 1.10 9.38
N ASP A 67 5.69 0.22 9.80
CA ASP A 67 6.90 -0.03 9.05
C ASP A 67 6.83 -1.41 8.41
N ARG A 68 7.77 -1.67 7.52
CA ARG A 68 7.82 -2.94 6.82
C ARG A 68 8.73 -3.92 7.56
N GLU A 69 10.00 -3.53 7.67
CA GLU A 69 10.98 -4.35 8.36
C GLU A 69 10.60 -4.52 9.82
N MET A 70 9.94 -5.63 10.11
CA MET A 70 9.51 -5.92 11.47
C MET A 70 10.06 -7.27 11.94
N ASN A 71 10.50 -7.29 13.19
CA ASN A 71 11.05 -8.51 13.77
C ASN A 71 11.07 -8.38 15.29
N GLY A 1 15.04 4.06 -11.51
CA GLY A 1 15.61 2.73 -11.52
C GLY A 1 14.85 1.82 -12.49
N SER A 2 15.35 1.78 -13.72
CA SER A 2 14.74 0.97 -14.76
C SER A 2 15.01 -0.51 -14.47
N SER A 3 13.92 -1.28 -14.42
CA SER A 3 14.03 -2.71 -14.16
C SER A 3 12.65 -3.37 -14.31
N GLY A 4 12.54 -4.17 -15.36
CA GLY A 4 11.30 -4.86 -15.64
C GLY A 4 11.29 -6.26 -15.01
N SER A 5 10.22 -6.55 -14.29
CA SER A 5 10.08 -7.84 -13.63
C SER A 5 8.75 -8.48 -14.01
N SER A 6 8.66 -9.78 -13.77
CA SER A 6 7.45 -10.53 -14.08
C SER A 6 6.54 -10.58 -12.86
N GLY A 7 5.25 -10.71 -13.13
CA GLY A 7 4.26 -10.77 -12.07
C GLY A 7 4.34 -9.54 -11.17
N MET A 8 4.02 -9.75 -9.90
CA MET A 8 4.05 -8.66 -8.94
C MET A 8 4.33 -9.19 -7.52
N CYS A 9 5.62 -9.27 -7.20
CA CYS A 9 6.02 -9.75 -5.89
C CYS A 9 7.54 -9.56 -5.77
N GLY A 10 7.94 -8.30 -5.68
CA GLY A 10 9.34 -7.97 -5.55
C GLY A 10 9.60 -6.49 -5.87
N VAL A 11 9.92 -6.25 -7.14
CA VAL A 11 10.19 -4.89 -7.58
C VAL A 11 8.86 -4.15 -7.78
N GLU A 12 8.09 -4.62 -8.74
CA GLU A 12 6.80 -4.03 -9.03
C GLU A 12 6.09 -3.64 -7.74
N LEU A 13 5.85 -4.65 -6.90
CA LEU A 13 5.19 -4.44 -5.64
C LEU A 13 5.71 -3.15 -5.00
N ASP A 14 7.02 -3.10 -4.81
CA ASP A 14 7.65 -1.94 -4.21
C ASP A 14 7.09 -0.67 -4.86
N SER A 15 7.10 -0.68 -6.19
CA SER A 15 6.60 0.46 -6.94
C SER A 15 5.23 0.89 -6.39
N LEU A 16 4.28 -0.03 -6.48
CA LEU A 16 2.94 0.25 -6.00
C LEU A 16 3.02 1.00 -4.67
N ILE A 17 3.79 0.43 -3.75
CA ILE A 17 3.96 1.04 -2.44
C ILE A 17 4.47 2.47 -2.61
N SER A 18 5.71 2.58 -3.08
CA SER A 18 6.32 3.88 -3.29
C SER A 18 5.33 4.82 -3.96
N GLN A 19 4.71 4.33 -5.02
CA GLN A 19 3.73 5.11 -5.76
C GLN A 19 2.77 5.81 -4.79
N VAL A 20 2.21 5.01 -3.90
CA VAL A 20 1.27 5.53 -2.91
C VAL A 20 2.03 6.42 -1.92
N LYS A 21 3.05 5.85 -1.32
CA LYS A 21 3.85 6.58 -0.35
C LYS A 21 4.18 7.97 -0.91
N ASP A 22 4.75 7.97 -2.10
CA ASP A 22 5.11 9.22 -2.76
C ASP A 22 3.95 10.22 -2.62
N LEU A 23 2.74 9.68 -2.65
CA LEU A 23 1.55 10.50 -2.53
C LEU A 23 1.20 10.68 -1.06
N LEU A 24 1.43 9.62 -0.29
CA LEU A 24 1.15 9.65 1.12
C LEU A 24 2.41 9.25 1.90
N PRO A 25 3.38 10.20 1.95
CA PRO A 25 4.63 9.96 2.66
C PRO A 25 4.43 10.03 4.17
N ASP A 26 3.45 10.82 4.57
CA ASP A 26 3.15 11.00 5.98
C ASP A 26 2.97 9.62 6.62
N LEU A 27 2.27 8.74 5.90
CA LEU A 27 2.02 7.40 6.39
C LEU A 27 3.29 6.56 6.24
N GLY A 28 3.29 5.43 6.90
CA GLY A 28 4.43 4.53 6.85
C GLY A 28 4.19 3.38 5.87
N GLU A 29 5.24 3.02 5.16
CA GLU A 29 5.15 1.94 4.18
C GLU A 29 4.43 0.74 4.78
N GLY A 30 4.88 0.34 5.96
CA GLY A 30 4.28 -0.79 6.65
C GLY A 30 2.77 -0.79 6.50
N PHE A 31 2.19 0.40 6.68
CA PHE A 31 0.75 0.55 6.58
C PHE A 31 0.31 0.62 5.11
N ILE A 32 1.20 1.17 4.29
CA ILE A 32 0.92 1.30 2.86
C ILE A 32 0.93 -0.09 2.22
N LEU A 33 1.83 -0.93 2.72
CA LEU A 33 1.95 -2.28 2.20
C LEU A 33 0.72 -3.10 2.60
N ALA A 34 0.43 -3.06 3.89
CA ALA A 34 -0.72 -3.79 4.42
C ALA A 34 -1.95 -3.46 3.58
N CYS A 35 -2.23 -2.16 3.49
CA CYS A 35 -3.38 -1.69 2.73
C CYS A 35 -3.33 -2.35 1.35
N LEU A 36 -2.31 -1.99 0.59
CA LEU A 36 -2.14 -2.53 -0.74
C LEU A 36 -2.49 -4.02 -0.74
N GLU A 37 -1.79 -4.75 0.09
CA GLU A 37 -2.03 -6.19 0.20
C GLU A 37 -3.53 -6.47 0.29
N TYR A 38 -4.21 -5.69 1.12
CA TYR A 38 -5.64 -5.85 1.29
C TYR A 38 -6.40 -5.34 0.06
N TYR A 39 -5.84 -4.32 -0.56
CA TYR A 39 -6.44 -3.73 -1.75
C TYR A 39 -5.86 -4.35 -3.02
N HIS A 40 -5.77 -5.67 -3.02
CA HIS A 40 -5.24 -6.39 -4.17
C HIS A 40 -4.07 -5.61 -4.76
N TYR A 41 -3.20 -5.13 -3.87
CA TYR A 41 -2.03 -4.37 -4.29
C TYR A 41 -2.42 -3.32 -5.34
N ASP A 42 -3.18 -2.33 -4.88
CA ASP A 42 -3.60 -1.26 -5.76
C ASP A 42 -3.36 0.09 -5.09
N PRO A 43 -2.61 0.97 -5.82
CA PRO A 43 -2.29 2.28 -5.31
C PRO A 43 -3.51 3.21 -5.37
N GLU A 44 -4.40 2.90 -6.30
CA GLU A 44 -5.61 3.69 -6.46
C GLU A 44 -6.58 3.42 -5.32
N GLN A 45 -6.89 2.14 -5.14
CA GLN A 45 -7.81 1.73 -4.10
C GLN A 45 -7.41 2.36 -2.76
N VAL A 46 -6.14 2.20 -2.42
CA VAL A 46 -5.63 2.75 -1.18
C VAL A 46 -5.95 4.25 -1.11
N ILE A 47 -5.49 4.97 -2.12
CA ILE A 47 -5.73 6.39 -2.19
C ILE A 47 -7.23 6.66 -2.17
N ASN A 48 -7.90 6.21 -3.22
CA ASN A 48 -9.33 6.39 -3.34
C ASN A 48 -9.98 6.17 -1.97
N ASN A 49 -9.60 5.06 -1.35
CA ASN A 49 -10.14 4.73 -0.04
C ASN A 49 -9.83 5.86 0.95
N ILE A 50 -8.56 5.97 1.29
CA ILE A 50 -8.12 7.01 2.22
C ILE A 50 -8.85 8.31 1.90
N LEU A 51 -8.97 8.59 0.61
CA LEU A 51 -9.64 9.80 0.15
C LEU A 51 -11.11 9.74 0.58
N GLU A 52 -11.74 8.62 0.28
CA GLU A 52 -13.14 8.43 0.64
C GLU A 52 -13.27 8.07 2.12
N GLU A 53 -12.13 8.06 2.79
CA GLU A 53 -12.11 7.73 4.21
C GLU A 53 -12.82 6.39 4.45
N ARG A 54 -12.77 5.54 3.44
CA ARG A 54 -13.39 4.23 3.53
C ARG A 54 -12.38 3.19 3.98
N LEU A 55 -11.31 3.67 4.59
CA LEU A 55 -10.26 2.80 5.07
C LEU A 55 -10.87 1.72 5.98
N ALA A 56 -10.62 0.48 5.62
CA ALA A 56 -11.14 -0.65 6.39
C ALA A 56 -10.89 -0.39 7.88
N PRO A 57 -11.73 -1.05 8.72
CA PRO A 57 -11.60 -0.92 10.16
C PRO A 57 -10.39 -1.70 10.68
N THR A 58 -9.84 -2.54 9.81
CA THR A 58 -8.69 -3.35 10.17
C THR A 58 -7.40 -2.63 9.80
N LEU A 59 -7.49 -1.81 8.77
CA LEU A 59 -6.33 -1.05 8.30
C LEU A 59 -6.30 0.30 9.02
N SER A 60 -7.48 0.92 9.11
CA SER A 60 -7.59 2.21 9.76
C SER A 60 -7.08 2.12 11.20
N GLN A 61 -7.22 0.93 11.77
CA GLN A 61 -6.77 0.71 13.13
C GLN A 61 -5.26 0.49 13.18
N LEU A 62 -4.74 -0.10 12.11
CA LEU A 62 -3.32 -0.36 12.00
C LEU A 62 -2.55 0.95 12.19
N ASP A 63 -1.29 0.81 12.55
CA ASP A 63 -0.43 1.96 12.77
C ASP A 63 -0.29 2.74 11.45
N ARG A 64 -0.86 3.93 11.44
CA ARG A 64 -0.82 4.78 10.26
C ARG A 64 0.63 4.92 9.77
N ASN A 65 1.55 4.80 10.71
CA ASN A 65 2.96 4.92 10.40
C ASN A 65 3.65 3.56 10.61
N LEU A 66 2.98 2.52 10.13
CA LEU A 66 3.51 1.17 10.25
C LEU A 66 4.71 1.01 9.33
N ASP A 67 5.73 0.34 9.84
CA ASP A 67 6.95 0.12 9.07
C ASP A 67 6.87 -1.27 8.42
N ARG A 68 7.81 -1.51 7.51
CA ARG A 68 7.86 -2.77 6.81
C ARG A 68 8.69 -3.79 7.59
N GLU A 69 10.00 -3.60 7.52
CA GLU A 69 10.91 -4.49 8.23
C GLU A 69 10.42 -4.76 9.65
N MET A 70 10.86 -5.88 10.20
CA MET A 70 10.46 -6.26 11.55
C MET A 70 11.21 -7.51 12.00
N ASN A 71 11.07 -7.81 13.29
CA ASN A 71 11.72 -8.97 13.87
C ASN A 71 11.51 -8.97 15.38
N GLY A 1 2.40 6.38 -21.53
CA GLY A 1 3.62 5.69 -21.87
C GLY A 1 4.00 4.68 -20.78
N SER A 2 3.67 3.43 -21.04
CA SER A 2 3.97 2.37 -20.09
C SER A 2 5.29 1.67 -20.47
N SER A 3 5.86 0.98 -19.51
CA SER A 3 7.10 0.28 -19.73
C SER A 3 7.33 -0.75 -18.62
N GLY A 4 8.19 -1.72 -18.91
CA GLY A 4 8.50 -2.76 -17.95
C GLY A 4 7.30 -3.67 -17.71
N SER A 5 7.60 -4.94 -17.47
CA SER A 5 6.55 -5.91 -17.23
C SER A 5 7.14 -7.16 -16.57
N SER A 6 6.73 -7.39 -15.34
CA SER A 6 7.21 -8.53 -14.58
C SER A 6 6.12 -9.02 -13.63
N GLY A 7 5.79 -8.16 -12.67
CA GLY A 7 4.77 -8.49 -11.69
C GLY A 7 5.28 -8.27 -10.26
N MET A 8 4.38 -7.87 -9.39
CA MET A 8 4.73 -7.63 -8.01
C MET A 8 5.46 -8.83 -7.40
N CYS A 9 6.68 -8.57 -6.93
CA CYS A 9 7.49 -9.61 -6.34
C CYS A 9 8.48 -8.96 -5.37
N GLY A 10 9.37 -8.16 -5.95
CA GLY A 10 10.38 -7.47 -5.16
C GLY A 10 10.35 -5.97 -5.42
N VAL A 11 10.84 -5.60 -6.60
CA VAL A 11 10.87 -4.19 -6.98
C VAL A 11 9.46 -3.73 -7.35
N GLU A 12 8.89 -4.38 -8.35
CA GLU A 12 7.55 -4.06 -8.79
C GLU A 12 6.65 -3.76 -7.59
N LEU A 13 6.55 -4.74 -6.71
CA LEU A 13 5.73 -4.61 -5.53
C LEU A 13 6.07 -3.29 -4.83
N ASP A 14 7.34 -3.16 -4.47
CA ASP A 14 7.80 -1.95 -3.80
C ASP A 14 7.32 -0.72 -4.57
N SER A 15 7.35 -0.83 -5.88
CA SER A 15 6.91 0.26 -6.73
C SER A 15 5.52 0.73 -6.31
N LEU A 16 4.58 -0.20 -6.36
CA LEU A 16 3.21 0.11 -5.98
C LEU A 16 3.21 0.88 -4.67
N ILE A 17 3.92 0.34 -3.69
CA ILE A 17 4.00 0.97 -2.38
C ILE A 17 4.44 2.42 -2.56
N SER A 18 5.67 2.60 -3.00
CA SER A 18 6.22 3.92 -3.21
C SER A 18 5.21 4.79 -3.96
N GLN A 19 4.74 4.27 -5.09
CA GLN A 19 3.78 4.97 -5.90
C GLN A 19 2.73 5.66 -5.02
N VAL A 20 2.26 4.91 -4.03
CA VAL A 20 1.25 5.42 -3.12
C VAL A 20 1.91 6.43 -2.18
N LYS A 21 2.96 6.00 -1.51
CA LYS A 21 3.68 6.85 -0.58
C LYS A 21 3.95 8.20 -1.26
N ASP A 22 4.47 8.13 -2.47
CA ASP A 22 4.77 9.33 -3.23
C ASP A 22 3.59 10.31 -3.14
N LEU A 23 2.41 9.73 -2.92
CA LEU A 23 1.20 10.53 -2.82
C LEU A 23 0.84 10.69 -1.34
N LEU A 24 1.18 9.68 -0.56
CA LEU A 24 0.89 9.71 0.87
C LEU A 24 2.18 9.41 1.64
N PRO A 25 3.10 10.41 1.66
CA PRO A 25 4.35 10.28 2.35
C PRO A 25 4.16 10.39 3.87
N ASP A 26 2.98 10.84 4.25
CA ASP A 26 2.66 10.99 5.66
C ASP A 26 2.57 9.61 6.31
N LEU A 27 1.85 8.72 5.66
CA LEU A 27 1.69 7.37 6.16
C LEU A 27 3.00 6.60 6.00
N GLY A 28 3.07 5.45 6.65
CA GLY A 28 4.26 4.62 6.60
C GLY A 28 4.05 3.45 5.63
N GLU A 29 5.14 3.08 4.96
CA GLU A 29 5.09 1.98 4.01
C GLU A 29 4.37 0.79 4.63
N GLY A 30 4.82 0.39 5.81
CA GLY A 30 4.24 -0.74 6.50
C GLY A 30 2.71 -0.73 6.37
N PHE A 31 2.13 0.44 6.56
CA PHE A 31 0.69 0.60 6.47
C PHE A 31 0.25 0.66 5.00
N ILE A 32 1.13 1.21 4.17
CA ILE A 32 0.84 1.33 2.75
C ILE A 32 0.83 -0.07 2.11
N LEU A 33 1.74 -0.91 2.59
CA LEU A 33 1.85 -2.27 2.08
C LEU A 33 0.61 -3.05 2.48
N ALA A 34 0.32 -3.02 3.77
CA ALA A 34 -0.83 -3.73 4.30
C ALA A 34 -2.06 -3.38 3.46
N CYS A 35 -2.33 -2.09 3.35
CA CYS A 35 -3.47 -1.61 2.59
C CYS A 35 -3.40 -2.22 1.19
N LEU A 36 -2.34 -1.85 0.47
CA LEU A 36 -2.15 -2.36 -0.88
C LEU A 36 -2.50 -3.84 -0.92
N GLU A 37 -1.74 -4.62 -0.18
CA GLU A 37 -1.96 -6.06 -0.12
C GLU A 37 -3.45 -6.36 -0.03
N TYR A 38 -4.07 -5.84 1.03
CA TYR A 38 -5.49 -6.04 1.24
C TYR A 38 -6.29 -5.67 -0.01
N TYR A 39 -5.97 -4.52 -0.57
CA TYR A 39 -6.65 -4.03 -1.76
C TYR A 39 -5.97 -4.57 -3.02
N HIS A 40 -5.63 -5.85 -2.98
CA HIS A 40 -4.99 -6.49 -4.12
C HIS A 40 -3.96 -5.54 -4.73
N TYR A 41 -2.99 -5.15 -3.91
CA TYR A 41 -1.95 -4.25 -4.36
C TYR A 41 -2.51 -3.18 -5.30
N ASP A 42 -3.52 -2.47 -4.79
CA ASP A 42 -4.15 -1.42 -5.57
C ASP A 42 -3.85 -0.06 -4.94
N PRO A 43 -3.12 0.79 -5.70
CA PRO A 43 -2.77 2.12 -5.22
C PRO A 43 -3.98 3.05 -5.26
N GLU A 44 -4.69 3.00 -6.37
CA GLU A 44 -5.86 3.84 -6.56
C GLU A 44 -6.87 3.58 -5.44
N GLN A 45 -7.11 2.31 -5.18
CA GLN A 45 -8.05 1.92 -4.15
C GLN A 45 -7.61 2.48 -2.79
N VAL A 46 -6.40 2.09 -2.38
CA VAL A 46 -5.86 2.54 -1.12
C VAL A 46 -6.04 4.05 -1.00
N ILE A 47 -5.48 4.76 -1.97
CA ILE A 47 -5.57 6.21 -1.98
C ILE A 47 -7.04 6.62 -1.91
N ASN A 48 -7.79 6.23 -2.93
CA ASN A 48 -9.20 6.55 -3.00
C ASN A 48 -9.82 6.40 -1.61
N ASN A 49 -9.68 5.20 -1.06
CA ASN A 49 -10.22 4.90 0.25
C ASN A 49 -9.77 5.99 1.23
N ILE A 50 -8.46 6.04 1.46
CA ILE A 50 -7.91 7.02 2.37
C ILE A 50 -8.55 8.39 2.11
N LEU A 51 -8.61 8.74 0.83
CA LEU A 51 -9.20 10.01 0.44
C LEU A 51 -10.65 10.06 0.90
N GLU A 52 -11.36 8.97 0.65
CA GLU A 52 -12.76 8.89 1.04
C GLU A 52 -12.89 8.30 2.44
N GLU A 53 -11.80 8.39 3.19
CA GLU A 53 -11.77 7.89 4.55
C GLU A 53 -12.51 6.55 4.62
N ARG A 54 -12.41 5.79 3.54
CA ARG A 54 -13.07 4.49 3.48
C ARG A 54 -12.06 3.37 3.76
N LEU A 55 -11.19 3.64 4.72
CA LEU A 55 -10.18 2.66 5.08
C LEU A 55 -10.82 1.59 5.98
N ALA A 56 -10.61 0.34 5.58
CA ALA A 56 -11.16 -0.78 6.33
C ALA A 56 -10.83 -0.60 7.81
N PRO A 57 -11.63 -1.29 8.67
CA PRO A 57 -11.44 -1.21 10.11
C PRO A 57 -10.21 -2.03 10.54
N THR A 58 -9.84 -2.98 9.70
CA THR A 58 -8.70 -3.83 9.98
C THR A 58 -7.40 -3.11 9.60
N LEU A 59 -7.46 -2.39 8.48
CA LEU A 59 -6.30 -1.66 8.00
C LEU A 59 -6.20 -0.33 8.75
N SER A 60 -7.33 0.34 8.85
CA SER A 60 -7.39 1.63 9.53
C SER A 60 -6.85 1.49 10.96
N GLN A 61 -6.93 0.26 11.46
CA GLN A 61 -6.46 -0.02 12.81
C GLN A 61 -4.93 -0.04 12.85
N LEU A 62 -4.35 -0.60 11.79
CA LEU A 62 -2.90 -0.69 11.69
C LEU A 62 -2.31 0.71 11.82
N ASP A 63 -1.13 0.76 12.45
CA ASP A 63 -0.44 2.02 12.65
C ASP A 63 -0.37 2.77 11.32
N ARG A 64 -0.94 3.96 11.32
CA ARG A 64 -0.95 4.79 10.13
C ARG A 64 0.47 4.93 9.58
N ASN A 65 1.42 5.03 10.51
CA ASN A 65 2.81 5.18 10.13
C ASN A 65 3.55 3.86 10.41
N LEU A 66 2.98 2.78 9.93
CA LEU A 66 3.56 1.47 10.12
C LEU A 66 4.74 1.30 9.16
N ASP A 67 5.80 0.70 9.68
CA ASP A 67 7.00 0.47 8.88
C ASP A 67 6.97 -0.96 8.33
N ARG A 68 7.88 -1.22 7.41
CA ARG A 68 7.98 -2.53 6.80
C ARG A 68 8.99 -3.40 7.55
N GLU A 69 10.20 -2.89 7.65
CA GLU A 69 11.27 -3.59 8.35
C GLU A 69 11.58 -4.91 7.62
N MET A 70 12.35 -4.78 6.55
CA MET A 70 12.73 -5.94 5.76
C MET A 70 14.20 -5.82 5.29
N ASN A 71 15.08 -6.40 6.09
CA ASN A 71 16.50 -6.37 5.77
C ASN A 71 16.93 -4.92 5.51
N GLY A 1 -2.79 -8.13 -20.04
CA GLY A 1 -3.96 -8.15 -20.89
C GLY A 1 -5.25 -8.20 -20.06
N SER A 2 -6.14 -9.08 -20.45
CA SER A 2 -7.41 -9.24 -19.75
C SER A 2 -7.18 -9.94 -18.41
N SER A 3 -6.63 -11.15 -18.50
CA SER A 3 -6.35 -11.93 -17.31
C SER A 3 -5.20 -11.32 -16.54
N GLY A 4 -5.53 -10.71 -15.40
CA GLY A 4 -4.53 -10.09 -14.56
C GLY A 4 -3.62 -11.14 -13.92
N SER A 5 -2.68 -11.63 -14.71
CA SER A 5 -1.75 -12.64 -14.24
C SER A 5 -0.92 -12.08 -13.08
N SER A 6 -1.30 -12.49 -11.87
CA SER A 6 -0.61 -12.04 -10.68
C SER A 6 0.82 -12.58 -10.67
N GLY A 7 1.72 -11.80 -11.24
CA GLY A 7 3.12 -12.20 -11.31
C GLY A 7 4.04 -11.05 -10.87
N MET A 8 3.84 -10.63 -9.63
CA MET A 8 4.63 -9.54 -9.07
C MET A 8 4.83 -9.72 -7.57
N CYS A 9 6.06 -9.49 -7.13
CA CYS A 9 6.40 -9.62 -5.73
C CYS A 9 7.88 -9.25 -5.55
N GLY A 10 8.18 -8.00 -5.86
CA GLY A 10 9.54 -7.51 -5.73
C GLY A 10 9.61 -6.01 -6.02
N VAL A 11 9.87 -5.69 -7.28
CA VAL A 11 9.97 -4.30 -7.69
C VAL A 11 8.56 -3.70 -7.78
N GLU A 12 7.76 -4.28 -8.65
CA GLU A 12 6.39 -3.81 -8.83
C GLU A 12 5.73 -3.55 -7.47
N LEU A 13 5.63 -4.60 -6.68
CA LEU A 13 5.03 -4.49 -5.36
C LEU A 13 5.54 -3.24 -4.67
N ASP A 14 6.87 -3.15 -4.58
CA ASP A 14 7.50 -2.01 -3.95
C ASP A 14 7.05 -0.72 -4.65
N SER A 15 7.07 -0.76 -5.97
CA SER A 15 6.66 0.39 -6.76
C SER A 15 5.27 0.85 -6.33
N LEU A 16 4.34 -0.08 -6.32
CA LEU A 16 2.97 0.21 -5.93
C LEU A 16 2.99 1.04 -4.64
N ILE A 17 3.83 0.61 -3.71
CA ILE A 17 3.94 1.30 -2.43
C ILE A 17 4.52 2.70 -2.66
N SER A 18 5.76 2.72 -3.13
CA SER A 18 6.44 3.98 -3.40
C SER A 18 5.47 4.96 -4.06
N GLN A 19 4.82 4.48 -5.12
CA GLN A 19 3.87 5.30 -5.85
C GLN A 19 2.92 6.00 -4.88
N VAL A 20 2.30 5.18 -4.02
CA VAL A 20 1.37 5.72 -3.05
C VAL A 20 2.12 6.56 -2.02
N LYS A 21 3.12 5.95 -1.42
CA LYS A 21 3.93 6.64 -0.43
C LYS A 21 4.29 8.04 -0.95
N ASP A 22 4.78 8.07 -2.18
CA ASP A 22 5.17 9.32 -2.80
C ASP A 22 4.09 10.37 -2.54
N LEU A 23 2.85 9.89 -2.46
CA LEU A 23 1.73 10.77 -2.22
C LEU A 23 1.48 10.88 -0.70
N LEU A 24 1.75 9.77 -0.02
CA LEU A 24 1.57 9.72 1.42
C LEU A 24 2.84 9.17 2.07
N PRO A 25 3.91 10.02 2.04
CA PRO A 25 5.18 9.63 2.62
C PRO A 25 5.12 9.69 4.15
N ASP A 26 4.18 10.48 4.65
CA ASP A 26 4.00 10.64 6.08
C ASP A 26 3.74 9.27 6.72
N LEU A 27 2.77 8.57 6.14
CA LEU A 27 2.41 7.26 6.64
C LEU A 27 3.59 6.30 6.44
N GLY A 28 3.63 5.27 7.29
CA GLY A 28 4.69 4.29 7.22
C GLY A 28 4.38 3.22 6.17
N GLU A 29 5.39 2.92 5.37
CA GLU A 29 5.24 1.92 4.31
C GLU A 29 4.48 0.71 4.85
N GLY A 30 4.91 0.24 6.02
CA GLY A 30 4.29 -0.91 6.64
C GLY A 30 2.76 -0.86 6.49
N PHE A 31 2.21 0.32 6.75
CA PHE A 31 0.78 0.51 6.64
C PHE A 31 0.36 0.65 5.19
N ILE A 32 1.26 1.19 4.39
CA ILE A 32 0.98 1.39 2.97
C ILE A 32 0.96 0.04 2.27
N LEU A 33 1.85 -0.85 2.70
CA LEU A 33 1.94 -2.17 2.14
C LEU A 33 0.68 -2.96 2.50
N ALA A 34 0.40 -3.02 3.79
CA ALA A 34 -0.77 -3.74 4.27
C ALA A 34 -1.98 -3.35 3.43
N CYS A 35 -2.27 -2.06 3.41
CA CYS A 35 -3.40 -1.56 2.65
C CYS A 35 -3.36 -2.20 1.25
N LEU A 36 -2.31 -1.89 0.52
CA LEU A 36 -2.14 -2.43 -0.82
C LEU A 36 -2.55 -3.90 -0.83
N GLU A 37 -1.86 -4.68 -0.01
CA GLU A 37 -2.15 -6.10 0.09
C GLU A 37 -3.66 -6.33 0.13
N TYR A 38 -4.29 -5.75 1.13
CA TYR A 38 -5.73 -5.89 1.30
C TYR A 38 -6.47 -5.51 0.01
N TYR A 39 -6.04 -4.40 -0.57
CA TYR A 39 -6.65 -3.93 -1.81
C TYR A 39 -5.98 -4.55 -3.03
N HIS A 40 -5.68 -5.83 -2.91
CA HIS A 40 -5.04 -6.55 -4.00
C HIS A 40 -3.97 -5.67 -4.64
N TYR A 41 -3.02 -5.24 -3.83
CA TYR A 41 -1.95 -4.38 -4.30
C TYR A 41 -2.48 -3.35 -5.30
N ASP A 42 -3.42 -2.54 -4.84
CA ASP A 42 -4.01 -1.51 -5.67
C ASP A 42 -3.68 -0.14 -5.09
N PRO A 43 -2.99 0.69 -5.92
CA PRO A 43 -2.61 2.02 -5.50
C PRO A 43 -3.81 2.97 -5.51
N GLU A 44 -4.57 2.89 -6.59
CA GLU A 44 -5.75 3.74 -6.75
C GLU A 44 -6.72 3.49 -5.58
N GLN A 45 -7.00 2.22 -5.35
CA GLN A 45 -7.91 1.84 -4.28
C GLN A 45 -7.44 2.42 -2.95
N VAL A 46 -6.23 2.03 -2.56
CA VAL A 46 -5.65 2.51 -1.31
C VAL A 46 -5.94 4.00 -1.16
N ILE A 47 -5.35 4.78 -2.06
CA ILE A 47 -5.53 6.22 -2.04
C ILE A 47 -7.03 6.54 -2.04
N ASN A 48 -7.72 5.95 -2.99
CA ASN A 48 -9.15 6.17 -3.13
C ASN A 48 -9.80 6.03 -1.75
N ASN A 49 -9.57 4.90 -1.12
CA ASN A 49 -10.12 4.64 0.20
C ASN A 49 -9.73 5.77 1.15
N ILE A 50 -8.44 5.83 1.44
CA ILE A 50 -7.93 6.87 2.33
C ILE A 50 -8.62 8.19 2.01
N LEU A 51 -8.63 8.54 0.74
CA LEU A 51 -9.24 9.77 0.29
C LEU A 51 -10.71 9.80 0.76
N GLU A 52 -11.39 8.69 0.51
CA GLU A 52 -12.79 8.58 0.90
C GLU A 52 -12.90 8.01 2.30
N GLU A 53 -11.82 8.14 3.05
CA GLU A 53 -11.78 7.65 4.42
C GLU A 53 -12.53 6.31 4.52
N ARG A 54 -12.39 5.51 3.47
CA ARG A 54 -13.04 4.21 3.44
C ARG A 54 -12.02 3.09 3.73
N LEU A 55 -11.11 3.40 4.64
CA LEU A 55 -10.09 2.44 5.02
C LEU A 55 -10.72 1.36 5.92
N ALA A 56 -10.43 0.11 5.57
CA ALA A 56 -10.95 -1.01 6.33
C ALA A 56 -10.71 -0.77 7.82
N PRO A 57 -11.55 -1.43 8.66
CA PRO A 57 -11.44 -1.30 10.09
C PRO A 57 -10.23 -2.09 10.63
N THR A 58 -9.64 -2.88 9.74
CA THR A 58 -8.48 -3.68 10.11
C THR A 58 -7.19 -2.92 9.79
N LEU A 59 -7.28 -2.04 8.80
CA LEU A 59 -6.13 -1.26 8.39
C LEU A 59 -6.17 0.09 9.12
N SER A 60 -7.33 0.72 9.11
CA SER A 60 -7.51 2.00 9.76
C SER A 60 -7.03 1.91 11.22
N GLN A 61 -6.99 0.69 11.72
CA GLN A 61 -6.56 0.46 13.09
C GLN A 61 -5.05 0.24 13.15
N LEU A 62 -4.54 -0.40 12.10
CA LEU A 62 -3.12 -0.68 12.02
C LEU A 62 -2.33 0.60 12.30
N ASP A 63 -1.06 0.42 12.63
CA ASP A 63 -0.19 1.54 12.92
C ASP A 63 -0.01 2.39 11.66
N ARG A 64 -0.42 3.66 11.77
CA ARG A 64 -0.32 4.57 10.64
C ARG A 64 1.14 4.70 10.19
N ASN A 65 2.04 4.51 11.15
CA ASN A 65 3.46 4.59 10.87
C ASN A 65 4.08 3.20 10.97
N LEU A 66 3.38 2.23 10.41
CA LEU A 66 3.84 0.85 10.43
C LEU A 66 5.05 0.72 9.49
N ASP A 67 5.97 -0.14 9.88
CA ASP A 67 7.17 -0.38 9.09
C ASP A 67 7.00 -1.68 8.30
N ARG A 68 7.92 -1.89 7.36
CA ARG A 68 7.90 -3.09 6.55
C ARG A 68 8.81 -4.17 7.14
N GLU A 69 8.19 -5.29 7.48
CA GLU A 69 8.93 -6.40 8.06
C GLU A 69 9.63 -5.96 9.35
N MET A 70 8.98 -6.23 10.46
CA MET A 70 9.53 -5.86 11.76
C MET A 70 8.68 -6.44 12.90
N ASN A 71 9.25 -6.41 14.09
CA ASN A 71 8.57 -6.92 15.26
C ASN A 71 9.00 -6.13 16.49
N GLY A 1 -8.31 -16.12 -21.23
CA GLY A 1 -7.27 -15.14 -20.96
C GLY A 1 -7.82 -13.97 -20.15
N SER A 2 -8.02 -14.22 -18.86
CA SER A 2 -8.54 -13.21 -17.97
C SER A 2 -8.46 -13.68 -16.52
N SER A 3 -7.30 -13.45 -15.91
CA SER A 3 -7.08 -13.85 -14.53
C SER A 3 -6.08 -12.91 -13.86
N GLY A 4 -6.25 -12.75 -12.56
CA GLY A 4 -5.37 -11.88 -11.80
C GLY A 4 -4.22 -12.68 -11.18
N SER A 5 -3.42 -13.29 -12.05
CA SER A 5 -2.28 -14.08 -11.61
C SER A 5 -1.29 -14.24 -12.75
N SER A 6 -0.35 -13.30 -12.82
CA SER A 6 0.67 -13.33 -13.86
C SER A 6 2.05 -13.04 -13.24
N GLY A 7 2.15 -11.89 -12.62
CA GLY A 7 3.39 -11.48 -12.00
C GLY A 7 3.13 -10.52 -10.82
N MET A 8 3.45 -9.25 -11.06
CA MET A 8 3.26 -8.24 -10.05
C MET A 8 3.74 -8.73 -8.68
N CYS A 9 5.03 -8.57 -8.44
CA CYS A 9 5.63 -8.99 -7.19
C CYS A 9 7.12 -8.66 -7.23
N GLY A 10 7.67 -8.43 -6.04
CA GLY A 10 9.08 -8.09 -5.92
C GLY A 10 9.32 -6.61 -6.16
N VAL A 11 9.57 -6.28 -7.42
CA VAL A 11 9.81 -4.89 -7.80
C VAL A 11 8.48 -4.13 -7.81
N GLU A 12 7.61 -4.54 -8.70
CA GLU A 12 6.30 -3.91 -8.83
C GLU A 12 5.75 -3.57 -7.44
N LEU A 13 5.69 -4.58 -6.60
CA LEU A 13 5.18 -4.40 -5.24
C LEU A 13 5.82 -3.16 -4.63
N ASP A 14 7.13 -3.08 -4.74
CA ASP A 14 7.87 -1.95 -4.20
C ASP A 14 7.35 -0.66 -4.85
N SER A 15 7.13 -0.74 -6.16
CA SER A 15 6.65 0.40 -6.90
C SER A 15 5.27 0.83 -6.37
N LEU A 16 4.35 -0.12 -6.38
CA LEU A 16 3.00 0.14 -5.90
C LEU A 16 3.07 1.01 -4.64
N ILE A 17 3.87 0.56 -3.69
CA ILE A 17 4.04 1.28 -2.44
C ILE A 17 4.54 2.69 -2.74
N SER A 18 5.79 2.75 -3.18
CA SER A 18 6.41 4.02 -3.51
C SER A 18 5.40 4.94 -4.19
N GLN A 19 4.68 4.38 -5.15
CA GLN A 19 3.69 5.13 -5.89
C GLN A 19 2.72 5.82 -4.92
N VAL A 20 2.11 5.01 -4.06
CA VAL A 20 1.17 5.53 -3.08
C VAL A 20 1.91 6.45 -2.10
N LYS A 21 2.98 5.92 -1.54
CA LYS A 21 3.78 6.67 -0.59
C LYS A 21 4.06 8.06 -1.16
N ASP A 22 4.56 8.07 -2.39
CA ASP A 22 4.87 9.32 -3.06
C ASP A 22 3.72 10.30 -2.87
N LEU A 23 2.54 9.74 -2.68
CA LEU A 23 1.35 10.55 -2.49
C LEU A 23 1.04 10.66 -0.99
N LEU A 24 1.32 9.58 -0.28
CA LEU A 24 1.09 9.53 1.15
C LEU A 24 2.36 9.04 1.86
N PRO A 25 3.39 9.92 1.86
CA PRO A 25 4.66 9.60 2.49
C PRO A 25 4.55 9.68 4.01
N ASP A 26 3.74 10.63 4.46
CA ASP A 26 3.54 10.84 5.89
C ASP A 26 3.38 9.48 6.56
N LEU A 27 2.43 8.70 6.04
CA LEU A 27 2.16 7.39 6.59
C LEU A 27 3.41 6.50 6.43
N GLY A 28 3.36 5.34 7.07
CA GLY A 28 4.47 4.41 7.00
C GLY A 28 4.19 3.30 5.98
N GLU A 29 5.27 2.85 5.34
CA GLU A 29 5.15 1.80 4.35
C GLU A 29 4.38 0.61 4.91
N GLY A 30 4.81 0.16 6.08
CA GLY A 30 4.17 -0.97 6.75
C GLY A 30 2.64 -0.91 6.56
N PHE A 31 2.10 0.28 6.76
CA PHE A 31 0.68 0.49 6.62
C PHE A 31 0.27 0.60 5.15
N ILE A 32 1.18 1.17 4.37
CA ILE A 32 0.92 1.34 2.94
C ILE A 32 0.91 -0.03 2.26
N LEU A 33 1.77 -0.90 2.75
CA LEU A 33 1.87 -2.25 2.21
C LEU A 33 0.60 -3.03 2.56
N ALA A 34 0.29 -3.04 3.85
CA ALA A 34 -0.89 -3.73 4.33
C ALA A 34 -2.09 -3.34 3.47
N CYS A 35 -2.35 -2.05 3.42
CA CYS A 35 -3.46 -1.53 2.64
C CYS A 35 -3.41 -2.15 1.25
N LEU A 36 -2.34 -1.82 0.53
CA LEU A 36 -2.16 -2.34 -0.81
C LEU A 36 -2.58 -3.82 -0.85
N GLU A 37 -1.86 -4.63 -0.10
CA GLU A 37 -2.14 -6.05 -0.03
C GLU A 37 -3.65 -6.28 0.04
N TYR A 38 -4.26 -5.70 1.06
CA TYR A 38 -5.70 -5.84 1.25
C TYR A 38 -6.46 -5.43 0.00
N TYR A 39 -6.07 -4.28 -0.54
CA TYR A 39 -6.72 -3.77 -1.75
C TYR A 39 -6.06 -4.34 -3.01
N HIS A 40 -5.84 -5.65 -2.96
CA HIS A 40 -5.22 -6.34 -4.09
C HIS A 40 -4.10 -5.47 -4.67
N TYR A 41 -3.15 -5.13 -3.82
CA TYR A 41 -2.03 -4.31 -4.23
C TYR A 41 -2.48 -3.22 -5.22
N ASP A 42 -3.53 -2.52 -4.83
CA ASP A 42 -4.07 -1.46 -5.66
C ASP A 42 -3.68 -0.10 -5.07
N PRO A 43 -2.85 0.64 -5.84
CA PRO A 43 -2.40 1.95 -5.40
C PRO A 43 -3.51 2.99 -5.52
N GLU A 44 -4.41 2.74 -6.47
CA GLU A 44 -5.52 3.64 -6.70
C GLU A 44 -6.56 3.51 -5.58
N GLN A 45 -6.82 2.26 -5.20
CA GLN A 45 -7.79 1.99 -4.16
C GLN A 45 -7.27 2.53 -2.82
N VAL A 46 -6.09 2.05 -2.44
CA VAL A 46 -5.48 2.48 -1.19
C VAL A 46 -5.71 3.98 -1.00
N ILE A 47 -5.42 4.73 -2.05
CA ILE A 47 -5.58 6.17 -2.00
C ILE A 47 -7.07 6.51 -1.94
N ASN A 48 -7.79 6.05 -2.95
CA ASN A 48 -9.22 6.30 -3.03
C ASN A 48 -9.84 6.07 -1.65
N ASN A 49 -9.50 4.93 -1.05
CA ASN A 49 -10.02 4.59 0.26
C ASN A 49 -9.76 5.75 1.22
N ILE A 50 -8.49 6.00 1.49
CA ILE A 50 -8.10 7.08 2.37
C ILE A 50 -8.83 8.37 1.96
N LEU A 51 -8.74 8.66 0.67
CA LEU A 51 -9.37 9.85 0.14
C LEU A 51 -10.85 9.86 0.53
N GLU A 52 -11.50 8.73 0.30
CA GLU A 52 -12.91 8.59 0.62
C GLU A 52 -13.08 8.12 2.07
N GLU A 53 -11.98 8.21 2.82
CA GLU A 53 -12.01 7.80 4.21
C GLU A 53 -12.70 6.45 4.36
N ARG A 54 -12.61 5.65 3.31
CA ARG A 54 -13.23 4.34 3.30
C ARG A 54 -12.23 3.29 3.77
N LEU A 55 -11.24 3.75 4.53
CA LEU A 55 -10.21 2.86 5.05
C LEU A 55 -10.87 1.75 5.85
N ALA A 56 -10.55 0.51 5.49
CA ALA A 56 -11.10 -0.64 6.17
C ALA A 56 -10.89 -0.49 7.68
N PRO A 57 -11.77 -1.19 8.45
CA PRO A 57 -11.69 -1.14 9.91
C PRO A 57 -10.51 -1.96 10.42
N THR A 58 -9.89 -2.69 9.50
CA THR A 58 -8.75 -3.52 9.85
C THR A 58 -7.44 -2.77 9.61
N LEU A 59 -7.48 -1.87 8.63
CA LEU A 59 -6.31 -1.09 8.29
C LEU A 59 -6.35 0.23 9.05
N SER A 60 -7.51 0.86 9.03
CA SER A 60 -7.70 2.13 9.71
C SER A 60 -7.30 1.99 11.18
N GLN A 61 -7.30 0.75 11.65
CA GLN A 61 -6.95 0.48 13.04
C GLN A 61 -5.45 0.20 13.15
N LEU A 62 -4.87 -0.25 12.03
CA LEU A 62 -3.45 -0.55 11.99
C LEU A 62 -2.65 0.72 12.28
N ASP A 63 -1.36 0.53 12.51
CA ASP A 63 -0.48 1.65 12.80
C ASP A 63 -0.30 2.49 11.53
N ARG A 64 -0.96 3.62 11.51
CA ARG A 64 -0.88 4.52 10.36
C ARG A 64 0.58 4.65 9.90
N ASN A 65 1.48 4.56 10.87
CA ASN A 65 2.90 4.68 10.57
C ASN A 65 3.56 3.31 10.79
N LEU A 66 2.91 2.28 10.25
CA LEU A 66 3.43 0.93 10.38
C LEU A 66 4.66 0.78 9.49
N ASP A 67 5.65 0.06 10.01
CA ASP A 67 6.88 -0.16 9.27
C ASP A 67 6.85 -1.56 8.65
N ARG A 68 7.81 -1.81 7.77
CA ARG A 68 7.90 -3.09 7.10
C ARG A 68 8.96 -3.97 7.77
N GLU A 69 8.52 -5.12 8.23
CA GLU A 69 9.41 -6.06 8.89
C GLU A 69 9.72 -5.58 10.31
N MET A 70 9.53 -6.48 11.26
CA MET A 70 9.78 -6.16 12.65
C MET A 70 9.80 -7.44 13.51
N ASN A 71 10.23 -7.26 14.75
CA ASN A 71 10.29 -8.38 15.68
C ASN A 71 10.97 -7.92 16.98
N GLY A 1 -3.38 -1.66 -21.80
CA GLY A 1 -2.24 -0.79 -22.05
C GLY A 1 -1.87 0.01 -20.80
N SER A 2 -2.52 1.14 -20.65
CA SER A 2 -2.27 2.01 -19.51
C SER A 2 -0.90 2.67 -19.65
N SER A 3 0.13 1.85 -19.58
CA SER A 3 1.49 2.35 -19.70
C SER A 3 2.48 1.18 -19.70
N GLY A 4 2.42 0.39 -18.64
CA GLY A 4 3.28 -0.76 -18.50
C GLY A 4 2.95 -1.57 -17.25
N SER A 5 2.64 -2.84 -17.47
CA SER A 5 2.29 -3.73 -16.38
C SER A 5 2.29 -5.18 -16.86
N SER A 6 3.17 -5.97 -16.27
CA SER A 6 3.29 -7.38 -16.62
C SER A 6 4.18 -8.10 -15.61
N GLY A 7 3.54 -8.87 -14.75
CA GLY A 7 4.26 -9.62 -13.73
C GLY A 7 4.44 -8.79 -12.46
N MET A 8 3.33 -8.46 -11.83
CA MET A 8 3.35 -7.68 -10.61
C MET A 8 4.02 -8.45 -9.47
N CYS A 9 5.33 -8.32 -9.40
CA CYS A 9 6.09 -9.01 -8.36
C CYS A 9 7.49 -8.40 -8.31
N GLY A 10 7.99 -8.24 -7.09
CA GLY A 10 9.31 -7.67 -6.90
C GLY A 10 9.26 -6.15 -6.86
N VAL A 11 10.08 -5.53 -7.71
CA VAL A 11 10.13 -4.08 -7.79
C VAL A 11 8.71 -3.53 -7.93
N GLU A 12 7.91 -4.26 -8.68
CA GLU A 12 6.53 -3.85 -8.91
C GLU A 12 5.82 -3.63 -7.57
N LEU A 13 5.89 -4.65 -6.72
CA LEU A 13 5.26 -4.58 -5.42
C LEU A 13 5.73 -3.31 -4.70
N ASP A 14 7.03 -3.11 -4.71
CA ASP A 14 7.61 -1.94 -4.07
C ASP A 14 7.12 -0.68 -4.76
N SER A 15 7.12 -0.73 -6.09
CA SER A 15 6.66 0.41 -6.88
C SER A 15 5.29 0.88 -6.39
N LEU A 16 4.37 -0.08 -6.33
CA LEU A 16 3.02 0.22 -5.89
C LEU A 16 3.08 1.04 -4.59
N ILE A 17 3.86 0.52 -3.65
CA ILE A 17 4.02 1.19 -2.37
C ILE A 17 4.49 2.62 -2.59
N SER A 18 5.74 2.74 -3.03
CA SER A 18 6.31 4.05 -3.28
C SER A 18 5.31 4.94 -4.01
N GLN A 19 4.77 4.40 -5.10
CA GLN A 19 3.79 5.13 -5.88
C GLN A 19 2.79 5.83 -4.96
N VAL A 20 2.26 5.08 -4.01
CA VAL A 20 1.29 5.62 -3.07
C VAL A 20 2.01 6.55 -2.10
N LYS A 21 3.06 6.02 -1.48
CA LYS A 21 3.83 6.79 -0.52
C LYS A 21 4.11 8.18 -1.10
N ASP A 22 4.67 8.18 -2.31
CA ASP A 22 4.99 9.43 -2.98
C ASP A 22 3.84 10.41 -2.81
N LEU A 23 2.63 9.86 -2.75
CA LEU A 23 1.44 10.67 -2.60
C LEU A 23 1.10 10.78 -1.11
N LEU A 24 1.38 9.70 -0.39
CA LEU A 24 1.10 9.66 1.04
C LEU A 24 2.37 9.20 1.78
N PRO A 25 3.36 10.14 1.83
CA PRO A 25 4.62 9.84 2.50
C PRO A 25 4.45 9.88 4.02
N ASP A 26 3.52 10.72 4.45
CA ASP A 26 3.24 10.87 5.88
C ASP A 26 3.07 9.48 6.50
N LEU A 27 2.28 8.66 5.83
CA LEU A 27 2.01 7.31 6.31
C LEU A 27 3.28 6.47 6.17
N GLY A 28 3.29 5.35 6.87
CA GLY A 28 4.43 4.45 6.83
C GLY A 28 4.19 3.31 5.84
N GLU A 29 5.27 2.90 5.19
CA GLU A 29 5.19 1.82 4.21
C GLU A 29 4.42 0.63 4.80
N GLY A 30 4.86 0.21 5.98
CA GLY A 30 4.24 -0.92 6.65
C GLY A 30 2.71 -0.85 6.51
N PHE A 31 2.18 0.34 6.69
CA PHE A 31 0.75 0.55 6.58
C PHE A 31 0.31 0.66 5.12
N ILE A 32 1.23 1.16 4.30
CA ILE A 32 0.95 1.33 2.88
C ILE A 32 0.93 -0.04 2.21
N LEU A 33 1.79 -0.92 2.70
CA LEU A 33 1.88 -2.27 2.16
C LEU A 33 0.62 -3.05 2.55
N ALA A 34 0.33 -3.04 3.84
CA ALA A 34 -0.84 -3.74 4.35
C ALA A 34 -2.06 -3.38 3.50
N CYS A 35 -2.29 -2.08 3.38
CA CYS A 35 -3.42 -1.59 2.61
C CYS A 35 -3.36 -2.23 1.23
N LEU A 36 -2.29 -1.93 0.51
CA LEU A 36 -2.09 -2.47 -0.82
C LEU A 36 -2.51 -3.95 -0.84
N GLU A 37 -1.77 -4.74 -0.07
CA GLU A 37 -2.05 -6.17 0.01
C GLU A 37 -3.56 -6.41 0.09
N TYR A 38 -4.16 -5.86 1.14
CA TYR A 38 -5.59 -6.01 1.35
C TYR A 38 -6.37 -5.62 0.10
N TYR A 39 -5.97 -4.49 -0.49
CA TYR A 39 -6.63 -3.99 -1.69
C TYR A 39 -5.97 -4.59 -2.94
N HIS A 40 -5.70 -5.88 -2.88
CA HIS A 40 -5.08 -6.58 -4.00
C HIS A 40 -4.01 -5.68 -4.62
N TYR A 41 -3.05 -5.29 -3.79
CA TYR A 41 -1.96 -4.43 -4.25
C TYR A 41 -2.48 -3.38 -5.22
N ASP A 42 -3.44 -2.59 -4.75
CA ASP A 42 -4.02 -1.54 -5.57
C ASP A 42 -3.70 -0.19 -4.95
N PRO A 43 -2.94 0.64 -5.72
CA PRO A 43 -2.58 1.97 -5.24
C PRO A 43 -3.76 2.93 -5.32
N GLU A 44 -4.46 2.87 -6.44
CA GLU A 44 -5.62 3.73 -6.65
C GLU A 44 -6.66 3.47 -5.56
N GLN A 45 -6.92 2.20 -5.32
CA GLN A 45 -7.90 1.81 -4.31
C GLN A 45 -7.54 2.44 -2.97
N VAL A 46 -6.37 2.07 -2.47
CA VAL A 46 -5.90 2.59 -1.19
C VAL A 46 -6.12 4.10 -1.15
N ILE A 47 -5.39 4.81 -2.01
CA ILE A 47 -5.49 6.25 -2.08
C ILE A 47 -6.97 6.65 -2.04
N ASN A 48 -7.71 6.16 -3.01
CA ASN A 48 -9.14 6.45 -3.09
C ASN A 48 -9.77 6.28 -1.71
N ASN A 49 -9.61 5.09 -1.17
CA ASN A 49 -10.16 4.79 0.15
C ASN A 49 -9.75 5.88 1.13
N ILE A 50 -8.45 5.94 1.39
CA ILE A 50 -7.91 6.93 2.31
C ILE A 50 -8.59 8.28 2.05
N LEU A 51 -8.66 8.65 0.78
CA LEU A 51 -9.28 9.90 0.39
C LEU A 51 -10.74 9.90 0.83
N GLU A 52 -11.39 8.77 0.61
CA GLU A 52 -12.79 8.61 0.97
C GLU A 52 -12.91 8.13 2.42
N GLU A 53 -11.80 8.22 3.13
CA GLU A 53 -11.77 7.80 4.52
C GLU A 53 -12.53 6.47 4.69
N ARG A 54 -12.45 5.65 3.66
CA ARG A 54 -13.12 4.37 3.67
C ARG A 54 -12.12 3.24 3.98
N LEU A 55 -11.12 3.60 4.77
CA LEU A 55 -10.09 2.65 5.14
C LEU A 55 -10.69 1.56 6.03
N ALA A 56 -10.49 0.31 5.62
CA ALA A 56 -11.02 -0.81 6.36
C ALA A 56 -10.71 -0.62 7.85
N PRO A 57 -11.48 -1.36 8.70
CA PRO A 57 -11.29 -1.28 10.14
C PRO A 57 -10.03 -2.04 10.56
N THR A 58 -9.67 -3.02 9.75
CA THR A 58 -8.49 -3.82 10.04
C THR A 58 -7.23 -3.10 9.58
N LEU A 59 -7.37 -2.30 8.52
CA LEU A 59 -6.25 -1.56 7.99
C LEU A 59 -6.11 -0.23 8.75
N SER A 60 -7.24 0.44 8.92
CA SER A 60 -7.26 1.71 9.63
C SER A 60 -6.64 1.53 11.02
N GLN A 61 -6.76 0.32 11.54
CA GLN A 61 -6.22 0.02 12.85
C GLN A 61 -4.69 0.01 12.82
N LEU A 62 -4.16 -0.55 11.74
CA LEU A 62 -2.72 -0.63 11.56
C LEU A 62 -2.11 0.76 11.71
N ASP A 63 -1.06 0.83 12.51
CA ASP A 63 -0.38 2.10 12.75
C ASP A 63 -0.26 2.86 11.43
N ARG A 64 -0.78 4.07 11.44
CA ARG A 64 -0.74 4.91 10.25
C ARG A 64 0.70 5.05 9.75
N ASN A 65 1.63 5.02 10.70
CA ASN A 65 3.04 5.13 10.36
C ASN A 65 3.73 3.80 10.63
N LEU A 66 3.17 2.75 10.05
CA LEU A 66 3.71 1.41 10.23
C LEU A 66 4.90 1.23 9.28
N ASP A 67 5.94 0.58 9.79
CA ASP A 67 7.13 0.33 9.01
C ASP A 67 7.13 -1.12 8.52
N ARG A 68 8.04 -1.41 7.61
CA ARG A 68 8.15 -2.75 7.05
C ARG A 68 9.35 -3.47 7.67
N GLU A 69 9.08 -4.62 8.26
CA GLU A 69 10.12 -5.42 8.88
C GLU A 69 11.34 -5.52 7.95
N MET A 70 12.48 -5.09 8.47
CA MET A 70 13.71 -5.13 7.71
C MET A 70 14.88 -5.57 8.59
N ASN A 71 15.57 -6.59 8.12
CA ASN A 71 16.72 -7.12 8.84
C ASN A 71 17.92 -7.20 7.91
N GLY A 1 10.41 -1.99 -18.17
CA GLY A 1 11.04 -0.76 -18.63
C GLY A 1 9.99 0.36 -18.77
N SER A 2 9.62 0.61 -20.02
CA SER A 2 8.63 1.65 -20.30
C SER A 2 7.23 1.12 -20.03
N SER A 3 6.88 0.04 -20.71
CA SER A 3 5.57 -0.57 -20.56
C SER A 3 5.72 -2.07 -20.30
N GLY A 4 4.78 -2.60 -19.54
CA GLY A 4 4.80 -4.02 -19.22
C GLY A 4 4.19 -4.28 -17.84
N SER A 5 2.88 -4.21 -17.78
CA SER A 5 2.16 -4.42 -16.53
C SER A 5 1.31 -5.69 -16.63
N SER A 6 1.95 -6.82 -16.35
CA SER A 6 1.27 -8.10 -16.40
C SER A 6 2.02 -9.13 -15.57
N GLY A 7 1.72 -9.15 -14.28
CA GLY A 7 2.37 -10.08 -13.38
C GLY A 7 2.88 -9.36 -12.12
N MET A 8 1.95 -8.75 -11.41
CA MET A 8 2.28 -8.02 -10.19
C MET A 8 2.83 -8.97 -9.13
N CYS A 9 4.16 -9.01 -9.05
CA CYS A 9 4.82 -9.87 -8.08
C CYS A 9 6.32 -9.59 -8.14
N GLY A 10 6.67 -8.34 -7.87
CA GLY A 10 8.07 -7.93 -7.89
C GLY A 10 8.20 -6.42 -7.73
N VAL A 11 9.07 -5.85 -8.54
CA VAL A 11 9.31 -4.42 -8.50
C VAL A 11 7.97 -3.68 -8.38
N GLU A 12 6.95 -4.29 -8.98
CA GLU A 12 5.61 -3.73 -8.95
C GLU A 12 5.16 -3.49 -7.51
N LEU A 13 5.22 -4.57 -6.73
CA LEU A 13 4.82 -4.50 -5.33
C LEU A 13 5.50 -3.30 -4.67
N ASP A 14 6.81 -3.26 -4.80
CA ASP A 14 7.59 -2.19 -4.22
C ASP A 14 7.13 -0.86 -4.83
N SER A 15 7.02 -0.86 -6.15
CA SER A 15 6.59 0.34 -6.87
C SER A 15 5.31 0.89 -6.25
N LEU A 16 4.28 0.06 -6.23
CA LEU A 16 3.00 0.45 -5.67
C LEU A 16 3.23 1.23 -4.37
N ILE A 17 3.98 0.61 -3.48
CA ILE A 17 4.28 1.22 -2.20
C ILE A 17 4.77 2.66 -2.43
N SER A 18 5.98 2.77 -2.97
CA SER A 18 6.56 4.07 -3.26
C SER A 18 5.54 4.95 -3.96
N GLN A 19 4.92 4.39 -4.98
CA GLN A 19 3.92 5.11 -5.75
C GLN A 19 2.93 5.81 -4.81
N VAL A 20 2.33 5.02 -3.94
CA VAL A 20 1.37 5.54 -2.98
C VAL A 20 2.07 6.47 -2.00
N LYS A 21 3.11 5.93 -1.38
CA LYS A 21 3.89 6.70 -0.42
C LYS A 21 4.18 8.09 -0.99
N ASP A 22 4.69 8.10 -2.21
CA ASP A 22 5.01 9.34 -2.88
C ASP A 22 3.87 10.34 -2.67
N LEU A 23 2.66 9.81 -2.59
CA LEU A 23 1.49 10.63 -2.39
C LEU A 23 1.19 10.73 -0.90
N LEU A 24 1.47 9.64 -0.19
CA LEU A 24 1.25 9.61 1.24
C LEU A 24 2.52 9.12 1.95
N PRO A 25 3.54 10.02 1.96
CA PRO A 25 4.81 9.70 2.59
C PRO A 25 4.70 9.75 4.11
N ASP A 26 3.86 10.66 4.59
CA ASP A 26 3.65 10.82 6.01
C ASP A 26 3.45 9.44 6.65
N LEU A 27 2.53 8.68 6.07
CA LEU A 27 2.24 7.34 6.57
C LEU A 27 3.47 6.46 6.39
N GLY A 28 3.48 5.36 7.12
CA GLY A 28 4.58 4.42 7.06
C GLY A 28 4.33 3.34 6.01
N GLU A 29 5.40 2.91 5.36
CA GLU A 29 5.29 1.88 4.34
C GLU A 29 4.52 0.68 4.87
N GLY A 30 4.95 0.20 6.03
CA GLY A 30 4.30 -0.95 6.65
C GLY A 30 2.78 -0.87 6.50
N PHE A 31 2.25 0.32 6.74
CA PHE A 31 0.83 0.54 6.62
C PHE A 31 0.40 0.71 5.16
N ILE A 32 1.31 1.26 4.38
CA ILE A 32 1.06 1.48 2.97
C ILE A 32 1.01 0.13 2.25
N LEU A 33 1.85 -0.78 2.72
CA LEU A 33 1.91 -2.11 2.12
C LEU A 33 0.65 -2.89 2.49
N ALA A 34 0.36 -2.92 3.79
CA ALA A 34 -0.81 -3.63 4.27
C ALA A 34 -2.02 -3.24 3.43
N CYS A 35 -2.25 -1.94 3.33
CA CYS A 35 -3.37 -1.43 2.56
C CYS A 35 -3.35 -2.10 1.18
N LEU A 36 -2.31 -1.80 0.42
CA LEU A 36 -2.16 -2.37 -0.90
C LEU A 36 -2.58 -3.84 -0.87
N GLU A 37 -1.85 -4.61 -0.08
CA GLU A 37 -2.14 -6.03 0.05
C GLU A 37 -3.64 -6.27 0.15
N TYR A 38 -4.24 -5.67 1.18
CA TYR A 38 -5.67 -5.82 1.39
C TYR A 38 -6.45 -5.46 0.12
N TYR A 39 -6.04 -4.35 -0.49
CA TYR A 39 -6.70 -3.89 -1.71
C TYR A 39 -6.05 -4.53 -2.94
N HIS A 40 -5.79 -5.82 -2.84
CA HIS A 40 -5.18 -6.55 -3.94
C HIS A 40 -4.11 -5.68 -4.60
N TYR A 41 -3.12 -5.28 -3.79
CA TYR A 41 -2.04 -4.46 -4.27
C TYR A 41 -2.54 -3.43 -5.30
N ASP A 42 -3.54 -2.67 -4.87
CA ASP A 42 -4.12 -1.65 -5.73
C ASP A 42 -3.75 -0.26 -5.19
N PRO A 43 -3.14 0.55 -6.08
CA PRO A 43 -2.73 1.90 -5.71
C PRO A 43 -3.94 2.84 -5.63
N GLU A 44 -4.63 2.95 -6.75
CA GLU A 44 -5.80 3.81 -6.82
C GLU A 44 -6.74 3.52 -5.65
N GLN A 45 -7.05 2.25 -5.46
CA GLN A 45 -7.93 1.84 -4.38
C GLN A 45 -7.45 2.42 -3.05
N VAL A 46 -6.24 2.02 -2.67
CA VAL A 46 -5.65 2.50 -1.43
C VAL A 46 -5.96 3.99 -1.27
N ILE A 47 -5.35 4.78 -2.13
CA ILE A 47 -5.55 6.22 -2.09
C ILE A 47 -7.05 6.53 -1.97
N ASN A 48 -7.80 6.05 -2.95
CA ASN A 48 -9.23 6.26 -2.97
C ASN A 48 -9.79 6.00 -1.57
N ASN A 49 -9.56 4.78 -1.10
CA ASN A 49 -10.04 4.39 0.22
C ASN A 49 -9.74 5.51 1.22
N ILE A 50 -8.46 5.74 1.44
CA ILE A 50 -8.03 6.78 2.36
C ILE A 50 -8.78 8.07 2.05
N LEU A 51 -8.81 8.40 0.77
CA LEU A 51 -9.48 9.62 0.33
C LEU A 51 -10.93 9.60 0.82
N GLU A 52 -11.60 8.47 0.58
CA GLU A 52 -12.98 8.32 0.99
C GLU A 52 -13.05 7.73 2.40
N GLU A 53 -11.93 7.83 3.11
CA GLU A 53 -11.85 7.33 4.46
C GLU A 53 -12.56 5.97 4.56
N ARG A 54 -12.47 5.22 3.47
CA ARG A 54 -13.10 3.90 3.43
C ARG A 54 -12.07 2.81 3.73
N LEU A 55 -11.17 3.13 4.65
CA LEU A 55 -10.13 2.20 5.05
C LEU A 55 -10.74 1.13 5.97
N ALA A 56 -10.40 -0.12 5.67
CA ALA A 56 -10.90 -1.24 6.46
C ALA A 56 -10.64 -0.96 7.94
N PRO A 57 -11.39 -1.70 8.80
CA PRO A 57 -11.24 -1.56 10.24
C PRO A 57 -9.96 -2.22 10.74
N THR A 58 -9.36 -3.00 9.85
CA THR A 58 -8.13 -3.69 10.18
C THR A 58 -6.91 -2.87 9.74
N LEU A 59 -7.15 -2.00 8.78
CA LEU A 59 -6.08 -1.15 8.26
C LEU A 59 -6.11 0.20 8.99
N SER A 60 -7.31 0.76 9.06
CA SER A 60 -7.49 2.05 9.72
C SER A 60 -7.00 1.96 11.17
N GLN A 61 -6.94 0.74 11.67
CA GLN A 61 -6.51 0.51 13.03
C GLN A 61 -4.98 0.35 13.08
N LEU A 62 -4.46 -0.21 11.99
CA LEU A 62 -3.02 -0.44 11.89
C LEU A 62 -2.28 0.86 12.20
N ASP A 63 -1.00 0.73 12.49
CA ASP A 63 -0.17 1.87 12.79
C ASP A 63 0.00 2.73 11.54
N ARG A 64 -0.58 3.93 11.58
CA ARG A 64 -0.51 4.84 10.47
C ARG A 64 0.94 4.99 9.99
N ASN A 65 1.85 4.95 10.95
CA ASN A 65 3.27 5.07 10.65
C ASN A 65 3.96 3.73 10.90
N LEU A 66 3.41 2.70 10.25
CA LEU A 66 3.97 1.36 10.39
C LEU A 66 5.18 1.21 9.46
N ASP A 67 6.26 0.70 10.04
CA ASP A 67 7.48 0.50 9.27
C ASP A 67 7.52 -0.93 8.74
N ARG A 68 8.48 -1.17 7.86
CA ARG A 68 8.64 -2.49 7.27
C ARG A 68 9.97 -3.11 7.71
N GLU A 69 9.86 -4.30 8.27
CA GLU A 69 11.05 -5.01 8.73
C GLU A 69 12.07 -5.13 7.61
N MET A 70 13.31 -5.40 8.00
CA MET A 70 14.38 -5.55 7.04
C MET A 70 15.45 -6.51 7.55
N ASN A 71 16.42 -6.78 6.68
CA ASN A 71 17.51 -7.68 7.04
C ASN A 71 18.73 -7.36 6.17
N GLY A 1 19.31 -12.35 -20.77
CA GLY A 1 18.55 -12.57 -19.55
C GLY A 1 18.12 -14.04 -19.44
N SER A 2 17.38 -14.33 -18.38
CA SER A 2 16.90 -15.68 -18.15
C SER A 2 15.82 -15.67 -17.07
N SER A 3 14.67 -16.22 -17.41
CA SER A 3 13.56 -16.28 -16.48
C SER A 3 12.38 -17.02 -17.12
N GLY A 4 11.53 -17.56 -16.28
CA GLY A 4 10.36 -18.29 -16.75
C GLY A 4 9.08 -17.73 -16.13
N SER A 5 8.71 -18.29 -14.98
CA SER A 5 7.51 -17.85 -14.29
C SER A 5 7.86 -16.77 -13.27
N SER A 6 7.76 -15.52 -13.71
CA SER A 6 8.07 -14.40 -12.85
C SER A 6 7.19 -13.20 -13.21
N GLY A 7 6.20 -12.96 -12.37
CA GLY A 7 5.28 -11.85 -12.60
C GLY A 7 4.67 -11.37 -11.28
N MET A 8 4.72 -10.06 -11.09
CA MET A 8 4.18 -9.46 -9.87
C MET A 8 4.84 -10.05 -8.62
N CYS A 9 4.72 -9.32 -7.53
CA CYS A 9 5.30 -9.76 -6.27
C CYS A 9 6.82 -9.66 -6.38
N GLY A 10 7.32 -8.45 -6.23
CA GLY A 10 8.75 -8.22 -6.31
C GLY A 10 9.05 -6.73 -6.55
N VAL A 11 9.23 -6.40 -7.82
CA VAL A 11 9.52 -5.03 -8.19
C VAL A 11 8.23 -4.20 -8.15
N GLU A 12 7.32 -4.55 -9.05
CA GLU A 12 6.04 -3.86 -9.12
C GLU A 12 5.53 -3.53 -7.71
N LEU A 13 5.44 -4.57 -6.90
CA LEU A 13 4.98 -4.40 -5.53
C LEU A 13 5.65 -3.18 -4.90
N ASP A 14 6.97 -3.21 -4.90
CA ASP A 14 7.75 -2.12 -4.35
C ASP A 14 7.28 -0.80 -4.96
N SER A 15 7.13 -0.81 -6.26
CA SER A 15 6.68 0.38 -6.98
C SER A 15 5.36 0.88 -6.38
N LEU A 16 4.40 -0.02 -6.30
CA LEU A 16 3.10 0.30 -5.76
C LEU A 16 3.28 1.07 -4.44
N ILE A 17 3.97 0.43 -3.51
CA ILE A 17 4.22 1.03 -2.22
C ILE A 17 4.65 2.48 -2.42
N SER A 18 5.83 2.65 -3.00
CA SER A 18 6.37 3.98 -3.25
C SER A 18 5.33 4.84 -3.96
N GLN A 19 4.82 4.32 -5.06
CA GLN A 19 3.82 5.03 -5.83
C GLN A 19 2.83 5.73 -4.90
N VAL A 20 2.27 4.94 -4.00
CA VAL A 20 1.31 5.47 -3.04
C VAL A 20 2.01 6.46 -2.11
N LYS A 21 3.05 5.98 -1.46
CA LYS A 21 3.81 6.80 -0.54
C LYS A 21 4.06 8.17 -1.18
N ASP A 22 4.57 8.15 -2.40
CA ASP A 22 4.85 9.38 -3.12
C ASP A 22 3.70 10.36 -2.92
N LEU A 23 2.49 9.81 -2.84
CA LEU A 23 1.30 10.62 -2.64
C LEU A 23 0.98 10.68 -1.16
N LEU A 24 1.30 9.59 -0.47
CA LEU A 24 1.04 9.50 0.96
C LEU A 24 2.33 9.11 1.69
N PRO A 25 3.28 10.09 1.75
CA PRO A 25 4.56 9.85 2.40
C PRO A 25 4.40 9.85 3.93
N ASP A 26 3.57 10.77 4.40
CA ASP A 26 3.31 10.88 5.83
C ASP A 26 3.15 9.48 6.44
N LEU A 27 2.21 8.75 5.87
CA LEU A 27 1.94 7.39 6.33
C LEU A 27 3.21 6.54 6.17
N GLY A 28 3.25 5.44 6.91
CA GLY A 28 4.38 4.55 6.85
C GLY A 28 4.14 3.41 5.86
N GLU A 29 5.22 2.98 5.21
CA GLU A 29 5.13 1.92 4.24
C GLU A 29 4.38 0.72 4.83
N GLY A 30 4.84 0.29 6.00
CA GLY A 30 4.22 -0.84 6.67
C GLY A 30 2.70 -0.80 6.53
N PHE A 31 2.15 0.39 6.66
CA PHE A 31 0.71 0.57 6.55
C PHE A 31 0.29 0.66 5.07
N ILE A 32 1.17 1.23 4.27
CA ILE A 32 0.91 1.39 2.85
C ILE A 32 0.92 0.00 2.19
N LEU A 33 1.78 -0.86 2.70
CA LEU A 33 1.90 -2.20 2.17
C LEU A 33 0.67 -3.02 2.56
N ALA A 34 0.37 -3.01 3.85
CA ALA A 34 -0.78 -3.73 4.35
C ALA A 34 -2.01 -3.40 3.50
N CYS A 35 -2.29 -2.10 3.41
CA CYS A 35 -3.43 -1.64 2.64
C CYS A 35 -3.38 -2.32 1.26
N LEU A 36 -2.35 -1.96 0.51
CA LEU A 36 -2.17 -2.52 -0.83
C LEU A 36 -2.53 -4.01 -0.80
N GLU A 37 -1.86 -4.73 0.09
CA GLU A 37 -2.09 -6.16 0.22
C GLU A 37 -3.59 -6.44 0.35
N TYR A 38 -4.24 -5.64 1.18
CA TYR A 38 -5.67 -5.80 1.40
C TYR A 38 -6.47 -5.24 0.22
N TYR A 39 -5.81 -4.39 -0.55
CA TYR A 39 -6.45 -3.78 -1.71
C TYR A 39 -5.87 -4.35 -3.01
N HIS A 40 -5.79 -5.66 -3.06
CA HIS A 40 -5.26 -6.34 -4.23
C HIS A 40 -4.10 -5.54 -4.80
N TYR A 41 -3.15 -5.22 -3.94
CA TYR A 41 -1.98 -4.45 -4.34
C TYR A 41 -2.35 -3.39 -5.37
N ASP A 42 -3.21 -2.48 -4.96
CA ASP A 42 -3.65 -1.42 -5.85
C ASP A 42 -3.46 -0.07 -5.15
N PRO A 43 -2.76 0.85 -5.87
CA PRO A 43 -2.49 2.18 -5.33
C PRO A 43 -3.76 3.04 -5.37
N GLU A 44 -4.34 3.13 -6.55
CA GLU A 44 -5.55 3.92 -6.73
C GLU A 44 -6.55 3.63 -5.61
N GLN A 45 -6.75 2.34 -5.35
CA GLN A 45 -7.68 1.91 -4.32
C GLN A 45 -7.28 2.52 -2.98
N VAL A 46 -6.07 2.18 -2.54
CA VAL A 46 -5.57 2.68 -1.27
C VAL A 46 -5.95 4.15 -1.12
N ILE A 47 -5.44 4.96 -2.04
CA ILE A 47 -5.72 6.38 -2.02
C ILE A 47 -7.23 6.60 -1.98
N ASN A 48 -7.90 6.07 -2.99
CA ASN A 48 -9.35 6.19 -3.08
C ASN A 48 -9.96 5.92 -1.71
N ASN A 49 -9.54 4.81 -1.12
CA ASN A 49 -10.04 4.43 0.19
C ASN A 49 -9.84 5.58 1.17
N ILE A 50 -8.57 5.87 1.44
CA ILE A 50 -8.22 6.94 2.36
C ILE A 50 -9.00 8.20 1.98
N LEU A 51 -8.83 8.62 0.74
CA LEU A 51 -9.51 9.80 0.25
C LEU A 51 -11.00 9.70 0.57
N GLU A 52 -11.56 8.53 0.27
CA GLU A 52 -12.97 8.30 0.52
C GLU A 52 -13.17 7.75 1.94
N GLU A 53 -12.16 7.95 2.77
CA GLU A 53 -12.21 7.49 4.15
C GLU A 53 -12.89 6.12 4.22
N ARG A 54 -12.73 5.36 3.15
CA ARG A 54 -13.32 4.04 3.07
C ARG A 54 -12.35 3.00 3.64
N LEU A 55 -11.37 3.48 4.37
CA LEU A 55 -10.37 2.61 4.97
C LEU A 55 -11.07 1.48 5.73
N ALA A 56 -10.55 0.28 5.55
CA ALA A 56 -11.11 -0.89 6.21
C ALA A 56 -10.96 -0.73 7.72
N PRO A 57 -11.73 -1.57 8.47
CA PRO A 57 -11.70 -1.53 9.92
C PRO A 57 -10.42 -2.19 10.46
N THR A 58 -9.73 -2.89 9.56
CA THR A 58 -8.50 -3.57 9.91
C THR A 58 -7.29 -2.70 9.57
N LEU A 59 -7.44 -1.95 8.49
CA LEU A 59 -6.37 -1.07 8.03
C LEU A 59 -6.44 0.25 8.82
N SER A 60 -7.66 0.71 9.03
CA SER A 60 -7.87 1.96 9.75
C SER A 60 -7.27 1.85 11.16
N GLN A 61 -7.36 0.66 11.71
CA GLN A 61 -6.83 0.40 13.05
C GLN A 61 -5.31 0.23 12.99
N LEU A 62 -4.85 -0.33 11.88
CA LEU A 62 -3.43 -0.57 11.69
C LEU A 62 -2.67 0.73 11.97
N ASP A 63 -1.40 0.56 12.35
CA ASP A 63 -0.56 1.70 12.65
C ASP A 63 -0.34 2.52 11.38
N ARG A 64 -1.02 3.66 11.33
CA ARG A 64 -0.91 4.55 10.19
C ARG A 64 0.55 4.71 9.76
N ASN A 65 1.43 4.68 10.76
CA ASN A 65 2.85 4.82 10.51
C ASN A 65 3.54 3.48 10.78
N LEU A 66 3.06 2.45 10.10
CA LEU A 66 3.63 1.12 10.26
C LEU A 66 4.87 0.98 9.39
N ASP A 67 5.86 0.30 9.93
CA ASP A 67 7.11 0.09 9.21
C ASP A 67 7.08 -1.28 8.54
N ARG A 68 8.05 -1.51 7.67
CA ARG A 68 8.15 -2.77 6.95
C ARG A 68 9.28 -3.63 7.54
N GLU A 69 10.46 -3.03 7.58
CA GLU A 69 11.62 -3.72 8.12
C GLU A 69 11.41 -4.04 9.60
N MET A 70 10.98 -5.26 9.86
CA MET A 70 10.74 -5.71 11.23
C MET A 70 11.01 -7.21 11.37
N ASN A 71 10.95 -7.67 12.61
CA ASN A 71 11.18 -9.08 12.90
C ASN A 71 10.45 -9.45 14.19
N GLY A 1 9.80 5.18 -13.11
CA GLY A 1 11.14 4.80 -13.51
C GLY A 1 11.43 3.34 -13.14
N SER A 2 11.07 2.44 -14.05
CA SER A 2 11.28 1.03 -13.83
C SER A 2 11.91 0.39 -15.07
N SER A 3 12.77 -0.59 -14.82
CA SER A 3 13.43 -1.29 -15.90
C SER A 3 13.84 -2.69 -15.46
N GLY A 4 13.33 -3.68 -16.17
CA GLY A 4 13.62 -5.07 -15.86
C GLY A 4 12.53 -5.68 -14.98
N SER A 5 11.36 -5.85 -15.59
CA SER A 5 10.22 -6.42 -14.89
C SER A 5 10.43 -7.92 -14.71
N SER A 6 10.80 -8.30 -13.49
CA SER A 6 11.03 -9.69 -13.17
C SER A 6 9.70 -10.40 -12.91
N GLY A 7 8.96 -9.88 -11.94
CA GLY A 7 7.67 -10.45 -11.58
C GLY A 7 7.12 -9.81 -10.30
N MET A 8 5.83 -10.02 -10.09
CA MET A 8 5.17 -9.47 -8.91
C MET A 8 5.82 -10.00 -7.63
N CYS A 9 5.55 -9.29 -6.54
CA CYS A 9 6.10 -9.66 -5.25
C CYS A 9 7.61 -9.42 -5.28
N GLY A 10 7.99 -8.21 -4.92
CA GLY A 10 9.39 -7.84 -4.90
C GLY A 10 9.59 -6.40 -5.38
N VAL A 11 9.92 -6.28 -6.66
CA VAL A 11 10.13 -4.97 -7.26
C VAL A 11 8.78 -4.31 -7.53
N GLU A 12 8.04 -4.93 -8.43
CA GLU A 12 6.72 -4.41 -8.80
C GLU A 12 6.00 -3.88 -7.56
N LEU A 13 5.96 -4.72 -6.53
CA LEU A 13 5.30 -4.34 -5.29
C LEU A 13 5.82 -2.98 -4.84
N ASP A 14 7.12 -2.92 -4.59
CA ASP A 14 7.74 -1.69 -4.15
C ASP A 14 7.17 -0.52 -4.96
N SER A 15 7.05 -0.74 -6.26
CA SER A 15 6.51 0.28 -7.14
C SER A 15 5.22 0.86 -6.55
N LEU A 16 4.27 -0.03 -6.31
CA LEU A 16 2.99 0.37 -5.76
C LEU A 16 3.22 1.21 -4.49
N ILE A 17 3.87 0.58 -3.53
CA ILE A 17 4.16 1.24 -2.26
C ILE A 17 4.68 2.66 -2.55
N SER A 18 5.88 2.71 -3.11
CA SER A 18 6.49 3.98 -3.44
C SER A 18 5.47 4.90 -4.11
N GLN A 19 4.89 4.41 -5.19
CA GLN A 19 3.90 5.17 -5.93
C GLN A 19 2.93 5.84 -4.97
N VAL A 20 2.31 5.03 -4.13
CA VAL A 20 1.36 5.54 -3.15
C VAL A 20 2.09 6.43 -2.15
N LYS A 21 3.14 5.88 -1.57
CA LYS A 21 3.92 6.61 -0.59
C LYS A 21 4.20 8.02 -1.12
N ASP A 22 4.79 8.07 -2.30
CA ASP A 22 5.11 9.34 -2.93
C ASP A 22 3.92 10.29 -2.78
N LEU A 23 2.73 9.70 -2.76
CA LEU A 23 1.51 10.47 -2.63
C LEU A 23 1.18 10.64 -1.14
N LEU A 24 1.43 9.58 -0.38
CA LEU A 24 1.16 9.60 1.05
C LEU A 24 2.41 9.15 1.80
N PRO A 25 3.43 10.06 1.80
CA PRO A 25 4.69 9.76 2.48
C PRO A 25 4.53 9.87 4.00
N ASP A 26 3.56 10.67 4.40
CA ASP A 26 3.29 10.88 5.82
C ASP A 26 3.12 9.52 6.50
N LEU A 27 2.19 8.74 5.96
CA LEU A 27 1.92 7.41 6.51
C LEU A 27 3.16 6.54 6.36
N GLY A 28 3.17 5.44 7.09
CA GLY A 28 4.29 4.52 7.05
C GLY A 28 4.05 3.42 6.01
N GLU A 29 5.11 3.06 5.32
CA GLU A 29 5.04 2.03 4.31
C GLU A 29 4.33 0.80 4.86
N GLY A 30 4.81 0.35 6.01
CA GLY A 30 4.24 -0.83 6.65
C GLY A 30 2.71 -0.83 6.52
N PHE A 31 2.12 0.33 6.79
CA PHE A 31 0.67 0.47 6.70
C PHE A 31 0.23 0.61 5.25
N ILE A 32 1.10 1.19 4.44
CA ILE A 32 0.79 1.38 3.04
C ILE A 32 0.79 0.03 2.32
N LEU A 33 1.71 -0.83 2.75
CA LEU A 33 1.82 -2.16 2.18
C LEU A 33 0.58 -2.97 2.55
N ALA A 34 0.32 -3.03 3.85
CA ALA A 34 -0.82 -3.78 4.34
C ALA A 34 -2.06 -3.43 3.51
N CYS A 35 -2.33 -2.14 3.43
CA CYS A 35 -3.48 -1.66 2.67
C CYS A 35 -3.44 -2.32 1.29
N LEU A 36 -2.39 -2.01 0.55
CA LEU A 36 -2.23 -2.57 -0.78
C LEU A 36 -2.64 -4.04 -0.77
N GLU A 37 -1.93 -4.81 0.05
CA GLU A 37 -2.21 -6.23 0.16
C GLU A 37 -3.72 -6.48 0.22
N TYR A 38 -4.36 -5.76 1.15
CA TYR A 38 -5.80 -5.89 1.32
C TYR A 38 -6.54 -5.45 0.07
N TYR A 39 -6.09 -4.34 -0.51
CA TYR A 39 -6.70 -3.82 -1.72
C TYR A 39 -6.09 -4.45 -2.97
N HIS A 40 -5.89 -5.75 -2.89
CA HIS A 40 -5.31 -6.49 -4.00
C HIS A 40 -4.21 -5.66 -4.65
N TYR A 41 -3.23 -5.28 -3.82
CA TYR A 41 -2.11 -4.49 -4.30
C TYR A 41 -2.57 -3.44 -5.30
N ASP A 42 -3.57 -2.66 -4.88
CA ASP A 42 -4.11 -1.62 -5.73
C ASP A 42 -3.74 -0.25 -5.13
N PRO A 43 -3.08 0.58 -5.98
CA PRO A 43 -2.67 1.91 -5.55
C PRO A 43 -3.86 2.87 -5.51
N GLU A 44 -4.52 2.98 -6.65
CA GLU A 44 -5.68 3.85 -6.75
C GLU A 44 -6.65 3.59 -5.59
N GLN A 45 -6.96 2.33 -5.38
CA GLN A 45 -7.85 1.93 -4.32
C GLN A 45 -7.39 2.52 -2.98
N VAL A 46 -6.19 2.12 -2.59
CA VAL A 46 -5.62 2.59 -1.34
C VAL A 46 -5.91 4.08 -1.18
N ILE A 47 -5.34 4.87 -2.08
CA ILE A 47 -5.52 6.30 -2.05
C ILE A 47 -7.02 6.62 -1.98
N ASN A 48 -7.75 6.06 -2.93
CA ASN A 48 -9.19 6.28 -2.99
C ASN A 48 -9.78 6.06 -1.60
N ASN A 49 -9.52 4.88 -1.05
CA ASN A 49 -10.02 4.55 0.28
C ASN A 49 -9.67 5.67 1.25
N ILE A 50 -8.37 5.84 1.47
CA ILE A 50 -7.89 6.87 2.38
C ILE A 50 -8.63 8.18 2.09
N LEU A 51 -8.60 8.57 0.82
CA LEU A 51 -9.26 9.80 0.41
C LEU A 51 -10.71 9.79 0.90
N GLU A 52 -11.37 8.66 0.64
CA GLU A 52 -12.76 8.51 1.04
C GLU A 52 -12.84 7.96 2.47
N GLU A 53 -11.72 8.06 3.17
CA GLU A 53 -11.64 7.58 4.54
C GLU A 53 -12.40 6.25 4.67
N ARG A 54 -12.35 5.47 3.62
CA ARG A 54 -13.02 4.17 3.59
C ARG A 54 -12.02 3.06 3.91
N LEU A 55 -11.04 3.40 4.74
CA LEU A 55 -10.03 2.43 5.12
C LEU A 55 -10.65 1.38 6.05
N ALA A 56 -10.56 0.13 5.61
CA ALA A 56 -11.11 -0.97 6.39
C ALA A 56 -10.74 -0.78 7.86
N PRO A 57 -11.49 -1.51 8.74
CA PRO A 57 -11.24 -1.44 10.17
C PRO A 57 -9.97 -2.21 10.55
N THR A 58 -9.75 -3.30 9.83
CA THR A 58 -8.58 -4.13 10.09
C THR A 58 -7.30 -3.39 9.70
N LEU A 59 -7.46 -2.46 8.76
CA LEU A 59 -6.33 -1.68 8.29
C LEU A 59 -6.27 -0.36 9.06
N SER A 60 -7.44 0.24 9.22
CA SER A 60 -7.54 1.50 9.93
C SER A 60 -6.99 1.36 11.35
N GLN A 61 -6.87 0.11 11.77
CA GLN A 61 -6.37 -0.19 13.10
C GLN A 61 -4.84 -0.18 13.10
N LEU A 62 -4.28 -0.75 12.05
CA LEU A 62 -2.83 -0.83 11.92
C LEU A 62 -2.24 0.57 12.12
N ASP A 63 -1.02 0.59 12.67
CA ASP A 63 -0.35 1.85 12.92
C ASP A 63 -0.25 2.64 11.62
N ARG A 64 -0.84 3.84 11.65
CA ARG A 64 -0.83 4.71 10.49
C ARG A 64 0.60 4.93 10.01
N ASN A 65 1.54 4.84 10.95
CA ASN A 65 2.94 5.03 10.64
C ASN A 65 3.69 3.73 10.87
N LEU A 66 3.24 2.69 10.17
CA LEU A 66 3.86 1.39 10.29
C LEU A 66 5.04 1.29 9.31
N ASP A 67 6.09 0.63 9.76
CA ASP A 67 7.27 0.46 8.94
C ASP A 67 7.25 -0.91 8.27
N ARG A 68 8.15 -1.11 7.33
CA ARG A 68 8.23 -2.36 6.61
C ARG A 68 9.41 -3.19 7.12
N GLU A 69 10.60 -2.59 7.01
CA GLU A 69 11.81 -3.25 7.46
C GLU A 69 11.63 -3.81 8.88
N MET A 70 12.19 -4.99 9.09
CA MET A 70 12.10 -5.63 10.39
C MET A 70 10.64 -5.83 10.80
N ASN A 71 10.44 -6.67 11.81
CA ASN A 71 9.11 -6.97 12.30
C ASN A 71 9.19 -7.29 13.79
N GLY A 1 -4.32 -8.46 -13.38
CA GLY A 1 -4.60 -8.03 -14.74
C GLY A 1 -3.49 -8.48 -15.69
N SER A 2 -3.53 -7.91 -16.89
CA SER A 2 -2.53 -8.25 -17.90
C SER A 2 -1.14 -7.81 -17.43
N SER A 3 -0.14 -8.26 -18.16
CA SER A 3 1.23 -7.92 -17.83
C SER A 3 2.18 -8.40 -18.95
N GLY A 4 3.33 -7.76 -19.01
CA GLY A 4 4.32 -8.11 -20.01
C GLY A 4 5.52 -8.82 -19.39
N SER A 5 6.53 -8.03 -19.06
CA SER A 5 7.74 -8.57 -18.44
C SER A 5 7.53 -8.75 -16.94
N SER A 6 7.33 -10.00 -16.55
CA SER A 6 7.11 -10.31 -15.14
C SER A 6 5.78 -9.73 -14.68
N GLY A 7 4.85 -10.63 -14.37
CA GLY A 7 3.54 -10.23 -13.92
C GLY A 7 3.63 -9.16 -12.83
N MET A 8 3.55 -9.61 -11.59
CA MET A 8 3.63 -8.70 -10.45
C MET A 8 4.11 -9.44 -9.20
N CYS A 9 5.42 -9.41 -9.00
CA CYS A 9 6.01 -10.07 -7.85
C CYS A 9 7.48 -9.67 -7.76
N GLY A 10 7.69 -8.38 -7.53
CA GLY A 10 9.04 -7.85 -7.43
C GLY A 10 9.03 -6.32 -7.30
N VAL A 11 9.96 -5.69 -8.01
CA VAL A 11 10.06 -4.24 -7.98
C VAL A 11 8.66 -3.63 -8.05
N GLU A 12 7.77 -4.37 -8.71
CA GLU A 12 6.39 -3.91 -8.86
C GLU A 12 5.75 -3.69 -7.48
N LEU A 13 5.85 -4.72 -6.66
CA LEU A 13 5.28 -4.66 -5.32
C LEU A 13 5.80 -3.43 -4.60
N ASP A 14 7.12 -3.22 -4.71
CA ASP A 14 7.75 -2.09 -4.08
C ASP A 14 7.24 -0.80 -4.73
N SER A 15 7.13 -0.85 -6.05
CA SER A 15 6.65 0.30 -6.80
C SER A 15 5.29 0.75 -6.26
N LEU A 16 4.36 -0.19 -6.25
CA LEU A 16 3.01 0.10 -5.77
C LEU A 16 3.10 0.86 -4.44
N ILE A 17 4.00 0.39 -3.58
CA ILE A 17 4.20 1.01 -2.29
C ILE A 17 4.64 2.46 -2.49
N SER A 18 5.75 2.63 -3.18
CA SER A 18 6.28 3.96 -3.45
C SER A 18 5.22 4.81 -4.14
N GLN A 19 4.51 4.18 -5.06
CA GLN A 19 3.46 4.88 -5.80
C GLN A 19 2.53 5.63 -4.84
N VAL A 20 2.06 4.90 -3.84
CA VAL A 20 1.17 5.48 -2.85
C VAL A 20 1.95 6.48 -1.98
N LYS A 21 3.03 5.96 -1.40
CA LYS A 21 3.87 6.78 -0.55
C LYS A 21 4.14 8.13 -1.24
N ASP A 22 4.55 8.04 -2.48
CA ASP A 22 4.85 9.23 -3.27
C ASP A 22 3.75 10.28 -3.03
N LEU A 23 2.55 9.77 -2.77
CA LEU A 23 1.41 10.64 -2.53
C LEU A 23 1.17 10.73 -1.02
N LEU A 24 1.51 9.65 -0.32
CA LEU A 24 1.33 9.61 1.12
C LEU A 24 2.64 9.17 1.77
N PRO A 25 3.62 10.12 1.78
CA PRO A 25 4.91 9.84 2.38
C PRO A 25 4.83 9.85 3.91
N ASP A 26 3.85 10.59 4.42
CA ASP A 26 3.65 10.69 5.85
C ASP A 26 3.44 9.29 6.43
N LEU A 27 2.47 8.59 5.86
CA LEU A 27 2.16 7.24 6.31
C LEU A 27 3.40 6.36 6.16
N GLY A 28 3.45 5.32 6.98
CA GLY A 28 4.57 4.39 6.94
C GLY A 28 4.31 3.26 5.95
N GLU A 29 5.36 2.92 5.22
CA GLU A 29 5.25 1.86 4.22
C GLU A 29 4.48 0.68 4.80
N GLY A 30 4.92 0.23 5.97
CA GLY A 30 4.26 -0.89 6.63
C GLY A 30 2.75 -0.84 6.44
N PHE A 31 2.20 0.34 6.65
CA PHE A 31 0.77 0.54 6.50
C PHE A 31 0.37 0.63 5.03
N ILE A 32 1.27 1.23 4.24
CA ILE A 32 1.02 1.38 2.82
C ILE A 32 1.01 0.01 2.15
N LEU A 33 1.88 -0.87 2.65
CA LEU A 33 1.96 -2.22 2.11
C LEU A 33 0.70 -2.99 2.46
N ALA A 34 0.39 -3.00 3.75
CA ALA A 34 -0.78 -3.70 4.24
C ALA A 34 -1.98 -3.32 3.39
N CYS A 35 -2.23 -2.02 3.30
CA CYS A 35 -3.34 -1.51 2.52
C CYS A 35 -3.29 -2.16 1.13
N LEU A 36 -2.23 -1.85 0.40
CA LEU A 36 -2.05 -2.40 -0.93
C LEU A 36 -2.47 -3.87 -0.94
N GLU A 37 -1.74 -4.66 -0.17
CA GLU A 37 -2.02 -6.08 -0.08
C GLU A 37 -3.53 -6.32 0.00
N TYR A 38 -4.14 -5.69 1.00
CA TYR A 38 -5.57 -5.83 1.20
C TYR A 38 -6.35 -5.31 -0.01
N TYR A 39 -5.84 -4.22 -0.58
CA TYR A 39 -6.47 -3.61 -1.74
C TYR A 39 -5.89 -4.19 -3.04
N HIS A 40 -5.78 -5.51 -3.07
CA HIS A 40 -5.25 -6.18 -4.24
C HIS A 40 -4.11 -5.36 -4.83
N TYR A 41 -3.15 -5.02 -3.98
CA TYR A 41 -2.01 -4.25 -4.41
C TYR A 41 -2.42 -3.18 -5.42
N ASP A 42 -3.20 -2.22 -4.95
CA ASP A 42 -3.67 -1.14 -5.81
C ASP A 42 -3.41 0.19 -5.12
N PRO A 43 -2.63 1.06 -5.83
CA PRO A 43 -2.30 2.38 -5.30
C PRO A 43 -3.50 3.32 -5.39
N GLU A 44 -4.41 2.99 -6.30
CA GLU A 44 -5.59 3.80 -6.49
C GLU A 44 -6.61 3.52 -5.38
N GLN A 45 -6.82 2.23 -5.12
CA GLN A 45 -7.75 1.82 -4.09
C GLN A 45 -7.37 2.45 -2.74
N VAL A 46 -6.13 2.22 -2.36
CA VAL A 46 -5.63 2.75 -1.10
C VAL A 46 -5.97 4.24 -1.00
N ILE A 47 -5.60 4.97 -2.06
CA ILE A 47 -5.87 6.40 -2.11
C ILE A 47 -7.38 6.63 -2.06
N ASN A 48 -8.06 6.13 -3.07
CA ASN A 48 -9.50 6.29 -3.16
C ASN A 48 -10.11 6.10 -1.78
N ASN A 49 -9.76 4.98 -1.16
CA ASN A 49 -10.27 4.66 0.17
C ASN A 49 -9.89 5.79 1.13
N ILE A 50 -8.59 5.92 1.37
CA ILE A 50 -8.09 6.94 2.26
C ILE A 50 -8.82 8.25 1.99
N LEU A 51 -8.94 8.58 0.71
CA LEU A 51 -9.62 9.80 0.31
C LEU A 51 -11.09 9.71 0.69
N GLU A 52 -11.65 8.53 0.46
CA GLU A 52 -13.06 8.30 0.78
C GLU A 52 -13.20 7.80 2.22
N GLU A 53 -12.16 8.05 3.00
CA GLU A 53 -12.17 7.63 4.40
C GLU A 53 -12.82 6.26 4.54
N ARG A 54 -12.70 5.46 3.48
CA ARG A 54 -13.28 4.13 3.48
C ARG A 54 -12.23 3.11 3.93
N LEU A 55 -11.18 3.60 4.57
CA LEU A 55 -10.11 2.75 5.04
C LEU A 55 -10.72 1.58 5.83
N ALA A 56 -10.28 0.38 5.47
CA ALA A 56 -10.77 -0.82 6.14
C ALA A 56 -10.65 -0.65 7.64
N PRO A 57 -11.49 -1.42 8.38
CA PRO A 57 -11.48 -1.37 9.83
C PRO A 57 -10.26 -2.09 10.41
N THR A 58 -9.59 -2.83 9.53
CA THR A 58 -8.41 -3.58 9.93
C THR A 58 -7.15 -2.76 9.65
N LEU A 59 -7.24 -1.91 8.63
CA LEU A 59 -6.11 -1.09 8.24
C LEU A 59 -6.18 0.24 9.01
N SER A 60 -7.36 0.83 9.01
CA SER A 60 -7.56 2.10 9.71
C SER A 60 -7.09 1.98 11.15
N GLN A 61 -7.04 0.75 11.63
CA GLN A 61 -6.61 0.49 13.00
C GLN A 61 -5.09 0.25 13.04
N LEU A 62 -4.57 -0.22 11.91
CA LEU A 62 -3.15 -0.50 11.80
C LEU A 62 -2.37 0.79 12.06
N ASP A 63 -1.10 0.61 12.41
CA ASP A 63 -0.23 1.75 12.67
C ASP A 63 -0.06 2.58 11.40
N ARG A 64 -0.63 3.77 11.42
CA ARG A 64 -0.55 4.67 10.28
C ARG A 64 0.91 4.84 9.85
N ASN A 65 1.80 4.68 10.81
CA ASN A 65 3.22 4.82 10.55
C ASN A 65 3.91 3.47 10.75
N LEU A 66 3.32 2.45 10.14
CA LEU A 66 3.86 1.11 10.24
C LEU A 66 5.08 0.98 9.32
N ASP A 67 6.09 0.29 9.81
CA ASP A 67 7.30 0.09 9.04
C ASP A 67 7.28 -1.31 8.42
N ARG A 68 8.22 -1.54 7.51
CA ARG A 68 8.32 -2.81 6.82
C ARG A 68 9.53 -3.59 7.34
N GLU A 69 9.25 -4.78 7.87
CA GLU A 69 10.30 -5.63 8.40
C GLU A 69 11.02 -4.93 9.55
N MET A 70 11.39 -5.72 10.55
CA MET A 70 12.08 -5.19 11.71
C MET A 70 13.52 -5.69 11.76
N ASN A 71 14.25 -5.23 12.77
CA ASN A 71 15.64 -5.61 12.94
C ASN A 71 16.27 -4.74 14.02
N GLY A 1 5.79 -11.98 -23.74
CA GLY A 1 4.53 -11.63 -23.11
C GLY A 1 4.50 -12.10 -21.65
N SER A 2 3.53 -12.95 -21.36
CA SER A 2 3.38 -13.49 -20.01
C SER A 2 4.13 -14.82 -19.90
N SER A 3 4.64 -15.07 -18.70
CA SER A 3 5.38 -16.29 -18.44
C SER A 3 4.74 -17.05 -17.28
N GLY A 4 3.73 -17.86 -17.62
CA GLY A 4 3.03 -18.64 -16.62
C GLY A 4 2.59 -17.76 -15.46
N SER A 5 1.84 -16.72 -15.79
CA SER A 5 1.34 -15.81 -14.78
C SER A 5 2.51 -15.27 -13.94
N SER A 6 3.07 -14.17 -14.41
CA SER A 6 4.19 -13.54 -13.72
C SER A 6 4.01 -12.02 -13.71
N GLY A 7 4.39 -11.43 -12.59
CA GLY A 7 4.28 -9.98 -12.43
C GLY A 7 3.85 -9.61 -11.02
N MET A 8 4.24 -8.41 -10.61
CA MET A 8 3.91 -7.92 -9.28
C MET A 8 4.37 -8.91 -8.21
N CYS A 9 5.54 -8.63 -7.65
CA CYS A 9 6.11 -9.48 -6.61
C CYS A 9 7.40 -8.83 -6.11
N GLY A 10 8.25 -8.49 -7.07
CA GLY A 10 9.53 -7.87 -6.75
C GLY A 10 9.40 -6.34 -6.69
N VAL A 11 10.28 -5.67 -7.41
CA VAL A 11 10.28 -4.23 -7.45
C VAL A 11 8.84 -3.73 -7.65
N GLU A 12 8.14 -4.42 -8.55
CA GLU A 12 6.76 -4.06 -8.85
C GLU A 12 5.98 -3.80 -7.55
N LEU A 13 6.19 -4.69 -6.58
CA LEU A 13 5.52 -4.57 -5.30
C LEU A 13 5.91 -3.23 -4.65
N ASP A 14 7.21 -3.04 -4.52
CA ASP A 14 7.72 -1.82 -3.91
C ASP A 14 7.23 -0.62 -4.71
N SER A 15 7.13 -0.82 -6.02
CA SER A 15 6.67 0.24 -6.91
C SER A 15 5.32 0.78 -6.43
N LEU A 16 4.35 -0.12 -6.39
CA LEU A 16 3.01 0.25 -5.96
C LEU A 16 3.11 1.10 -4.70
N ILE A 17 3.85 0.59 -3.73
CA ILE A 17 4.03 1.28 -2.47
C ILE A 17 4.56 2.69 -2.74
N SER A 18 5.78 2.75 -3.23
CA SER A 18 6.41 4.02 -3.54
C SER A 18 5.38 4.97 -4.16
N GLN A 19 4.71 4.49 -5.19
CA GLN A 19 3.70 5.28 -5.87
C GLN A 19 2.77 5.95 -4.85
N VAL A 20 2.17 5.11 -4.01
CA VAL A 20 1.27 5.61 -2.99
C VAL A 20 2.05 6.45 -1.99
N LYS A 21 3.09 5.84 -1.43
CA LYS A 21 3.92 6.52 -0.45
C LYS A 21 4.21 7.94 -0.93
N ASP A 22 4.75 8.02 -2.15
CA ASP A 22 5.08 9.30 -2.73
C ASP A 22 3.93 10.28 -2.51
N LEU A 23 2.71 9.74 -2.54
CA LEU A 23 1.53 10.55 -2.34
C LEU A 23 1.26 10.69 -0.84
N LEU A 24 1.54 9.62 -0.11
CA LEU A 24 1.33 9.61 1.32
C LEU A 24 2.61 9.15 2.01
N PRO A 25 3.63 10.06 2.01
CA PRO A 25 4.91 9.75 2.63
C PRO A 25 4.81 9.81 4.16
N ASP A 26 3.83 10.57 4.62
CA ASP A 26 3.61 10.72 6.06
C ASP A 26 3.41 9.33 6.68
N LEU A 27 2.51 8.57 6.08
CA LEU A 27 2.21 7.24 6.57
C LEU A 27 3.46 6.35 6.42
N GLY A 28 3.43 5.22 7.09
CA GLY A 28 4.54 4.28 7.04
C GLY A 28 4.28 3.17 6.02
N GLU A 29 5.33 2.81 5.30
CA GLU A 29 5.23 1.76 4.30
C GLU A 29 4.45 0.57 4.84
N GLY A 30 4.88 0.10 6.00
CA GLY A 30 4.23 -1.03 6.65
C GLY A 30 2.71 -0.95 6.50
N PHE A 31 2.19 0.25 6.72
CA PHE A 31 0.76 0.48 6.61
C PHE A 31 0.34 0.63 5.15
N ILE A 32 1.25 1.17 4.36
CA ILE A 32 0.98 1.38 2.95
C ILE A 32 0.93 0.02 2.24
N LEU A 33 1.78 -0.88 2.71
CA LEU A 33 1.84 -2.21 2.13
C LEU A 33 0.57 -2.99 2.50
N ALA A 34 0.31 -3.04 3.79
CA ALA A 34 -0.85 -3.75 4.29
C ALA A 34 -2.06 -3.38 3.43
N CYS A 35 -2.29 -2.08 3.31
CA CYS A 35 -3.40 -1.58 2.52
C CYS A 35 -3.36 -2.26 1.15
N LEU A 36 -2.29 -1.98 0.42
CA LEU A 36 -2.11 -2.55 -0.91
C LEU A 36 -2.53 -4.03 -0.88
N GLU A 37 -1.81 -4.80 -0.10
CA GLU A 37 -2.10 -6.22 0.02
C GLU A 37 -3.60 -6.45 0.14
N TYR A 38 -4.17 -5.91 1.22
CA TYR A 38 -5.59 -6.04 1.46
C TYR A 38 -6.41 -5.50 0.28
N TYR A 39 -5.80 -4.55 -0.42
CA TYR A 39 -6.46 -3.95 -1.57
C TYR A 39 -5.90 -4.51 -2.89
N HIS A 40 -5.81 -5.83 -2.94
CA HIS A 40 -5.29 -6.50 -4.12
C HIS A 40 -4.13 -5.68 -4.70
N TYR A 41 -3.17 -5.38 -3.84
CA TYR A 41 -2.01 -4.61 -4.24
C TYR A 41 -2.41 -3.53 -5.26
N ASP A 42 -3.38 -2.73 -4.87
CA ASP A 42 -3.86 -1.65 -5.73
C ASP A 42 -3.61 -0.30 -5.04
N PRO A 43 -2.97 0.62 -5.80
CA PRO A 43 -2.67 1.94 -5.28
C PRO A 43 -3.93 2.80 -5.23
N GLU A 44 -4.54 2.98 -6.40
CA GLU A 44 -5.75 3.77 -6.49
C GLU A 44 -6.71 3.42 -5.35
N GLN A 45 -7.05 2.14 -5.28
CA GLN A 45 -7.95 1.68 -4.24
C GLN A 45 -7.63 2.34 -2.90
N VAL A 46 -6.37 2.19 -2.50
CA VAL A 46 -5.92 2.76 -1.24
C VAL A 46 -6.16 4.28 -1.26
N ILE A 47 -5.40 4.96 -2.10
CA ILE A 47 -5.53 6.40 -2.22
C ILE A 47 -7.01 6.79 -2.17
N ASN A 48 -7.79 6.14 -3.04
CA ASN A 48 -9.21 6.41 -3.10
C ASN A 48 -9.81 6.27 -1.70
N ASN A 49 -9.66 5.08 -1.14
CA ASN A 49 -10.19 4.81 0.19
C ASN A 49 -9.76 5.93 1.14
N ILE A 50 -8.46 5.99 1.40
CA ILE A 50 -7.92 7.01 2.28
C ILE A 50 -8.62 8.35 2.01
N LEU A 51 -8.67 8.70 0.73
CA LEU A 51 -9.31 9.93 0.32
C LEU A 51 -10.75 9.95 0.81
N GLU A 52 -11.44 8.84 0.58
CA GLU A 52 -12.82 8.71 1.00
C GLU A 52 -12.91 8.14 2.41
N GLU A 53 -11.80 8.28 3.13
CA GLU A 53 -11.74 7.78 4.50
C GLU A 53 -12.45 6.44 4.62
N ARG A 54 -12.40 5.68 3.53
CA ARG A 54 -13.04 4.37 3.50
C ARG A 54 -12.01 3.28 3.82
N LEU A 55 -11.10 3.61 4.71
CA LEU A 55 -10.07 2.67 5.12
C LEU A 55 -10.68 1.60 6.02
N ALA A 56 -10.43 0.35 5.68
CA ALA A 56 -10.94 -0.77 6.45
C ALA A 56 -10.66 -0.53 7.93
N PRO A 57 -11.51 -1.15 8.79
CA PRO A 57 -11.36 -1.01 10.23
C PRO A 57 -10.18 -1.85 10.73
N THR A 58 -9.61 -2.63 9.83
CA THR A 58 -8.48 -3.47 10.17
C THR A 58 -7.17 -2.78 9.83
N LEU A 59 -7.25 -1.90 8.83
CA LEU A 59 -6.07 -1.16 8.39
C LEU A 59 -6.04 0.20 9.08
N SER A 60 -7.19 0.86 9.09
CA SER A 60 -7.31 2.16 9.72
C SER A 60 -6.80 2.10 11.16
N GLN A 61 -6.94 0.92 11.74
CA GLN A 61 -6.51 0.72 13.11
C GLN A 61 -4.99 0.53 13.17
N LEU A 62 -4.48 -0.20 12.19
CA LEU A 62 -3.05 -0.46 12.11
C LEU A 62 -2.29 0.85 12.32
N ASP A 63 -1.00 0.72 12.60
CA ASP A 63 -0.15 1.87 12.83
C ASP A 63 -0.05 2.68 11.53
N ARG A 64 -0.59 3.88 11.57
CA ARG A 64 -0.55 4.75 10.40
C ARG A 64 0.89 4.94 9.92
N ASN A 65 1.81 4.85 10.87
CA ASN A 65 3.22 4.99 10.55
C ASN A 65 3.93 3.66 10.77
N LEU A 66 3.28 2.59 10.33
CA LEU A 66 3.84 1.26 10.47
C LEU A 66 5.09 1.13 9.59
N ASP A 67 6.16 0.70 10.21
CA ASP A 67 7.42 0.53 9.49
C ASP A 67 7.39 -0.80 8.72
N ARG A 68 8.39 -0.95 7.86
CA ARG A 68 8.49 -2.16 7.06
C ARG A 68 9.83 -2.85 7.30
N GLU A 69 10.89 -2.08 7.12
CA GLU A 69 12.23 -2.60 7.32
C GLU A 69 12.31 -3.42 8.62
N MET A 70 13.07 -4.50 8.55
CA MET A 70 13.22 -5.37 9.70
C MET A 70 14.70 -5.56 10.05
N ASN A 71 14.96 -5.71 11.35
CA ASN A 71 16.32 -5.89 11.82
C ASN A 71 16.36 -7.08 12.79
N GLY A 1 9.66 -28.58 -2.20
CA GLY A 1 8.25 -28.68 -2.52
C GLY A 1 7.51 -27.40 -2.12
N SER A 2 6.41 -27.14 -2.82
CA SER A 2 5.61 -25.96 -2.54
C SER A 2 6.42 -24.69 -2.84
N SER A 3 6.05 -24.04 -3.92
CA SER A 3 6.73 -22.82 -4.33
C SER A 3 5.72 -21.79 -4.84
N GLY A 4 5.27 -22.00 -6.06
CA GLY A 4 4.30 -21.11 -6.67
C GLY A 4 4.92 -20.34 -7.84
N SER A 5 4.35 -19.18 -8.12
CA SER A 5 4.83 -18.34 -9.20
C SER A 5 4.92 -16.89 -8.75
N SER A 6 5.88 -16.18 -9.30
CA SER A 6 6.08 -14.78 -8.97
C SER A 6 4.83 -13.97 -9.34
N GLY A 7 4.60 -13.84 -10.63
CA GLY A 7 3.46 -13.10 -11.12
C GLY A 7 3.62 -11.60 -10.87
N MET A 8 2.97 -11.14 -9.81
CA MET A 8 3.03 -9.74 -9.45
C MET A 8 3.71 -9.55 -8.08
N CYS A 9 4.97 -9.14 -8.15
CA CYS A 9 5.75 -8.92 -6.93
C CYS A 9 7.17 -8.54 -7.33
N GLY A 10 7.92 -8.08 -6.35
CA GLY A 10 9.30 -7.68 -6.58
C GLY A 10 9.40 -6.17 -6.83
N VAL A 11 9.59 -5.82 -8.10
CA VAL A 11 9.71 -4.43 -8.48
C VAL A 11 8.34 -3.75 -8.36
N GLU A 12 7.40 -4.23 -9.16
CA GLU A 12 6.06 -3.69 -9.15
C GLU A 12 5.61 -3.40 -7.71
N LEU A 13 5.68 -4.44 -6.88
CA LEU A 13 5.29 -4.32 -5.49
C LEU A 13 5.90 -3.04 -4.91
N ASP A 14 7.22 -2.96 -5.00
CA ASP A 14 7.94 -1.81 -4.49
C ASP A 14 7.33 -0.53 -5.06
N SER A 15 7.13 -0.55 -6.38
CA SER A 15 6.56 0.59 -7.07
C SER A 15 5.19 0.94 -6.46
N LEU A 16 4.31 -0.04 -6.46
CA LEU A 16 2.98 0.16 -5.91
C LEU A 16 3.07 0.97 -4.62
N ILE A 17 3.88 0.47 -3.70
CA ILE A 17 4.08 1.13 -2.42
C ILE A 17 4.54 2.56 -2.66
N SER A 18 5.78 2.67 -3.13
CA SER A 18 6.37 3.97 -3.40
C SER A 18 5.32 4.89 -4.04
N GLN A 19 4.70 4.38 -5.10
CA GLN A 19 3.68 5.14 -5.80
C GLN A 19 2.74 5.82 -4.80
N VAL A 20 2.21 5.03 -3.89
CA VAL A 20 1.30 5.55 -2.88
C VAL A 20 2.07 6.47 -1.94
N LYS A 21 3.12 5.92 -1.34
CA LYS A 21 3.94 6.69 -0.41
C LYS A 21 4.20 8.07 -1.00
N ASP A 22 4.77 8.07 -2.21
CA ASP A 22 5.07 9.32 -2.89
C ASP A 22 3.93 10.30 -2.70
N LEU A 23 2.72 9.75 -2.65
CA LEU A 23 1.53 10.57 -2.46
C LEU A 23 1.25 10.73 -0.97
N LEU A 24 1.46 9.64 -0.24
CA LEU A 24 1.24 9.64 1.20
C LEU A 24 2.51 9.17 1.90
N PRO A 25 3.53 10.07 1.93
CA PRO A 25 4.80 9.75 2.57
C PRO A 25 4.66 9.80 4.09
N ASP A 26 3.73 10.62 4.55
CA ASP A 26 3.49 10.77 5.98
C ASP A 26 3.24 9.39 6.60
N LEU A 27 2.42 8.61 5.90
CA LEU A 27 2.09 7.27 6.36
C LEU A 27 3.31 6.38 6.24
N GLY A 28 3.34 5.34 7.07
CA GLY A 28 4.44 4.40 7.07
C GLY A 28 4.21 3.27 6.07
N GLU A 29 5.29 2.86 5.43
CA GLU A 29 5.22 1.79 4.45
C GLU A 29 4.42 0.60 5.01
N GLY A 30 4.82 0.17 6.20
CA GLY A 30 4.16 -0.94 6.85
C GLY A 30 2.64 -0.89 6.61
N PHE A 31 2.07 0.28 6.82
CA PHE A 31 0.65 0.48 6.64
C PHE A 31 0.30 0.56 5.15
N ILE A 32 1.22 1.13 4.39
CA ILE A 32 1.02 1.28 2.96
C ILE A 32 1.01 -0.10 2.30
N LEU A 33 1.86 -0.97 2.82
CA LEU A 33 1.96 -2.32 2.28
C LEU A 33 0.68 -3.09 2.63
N ALA A 34 0.34 -3.07 3.91
CA ALA A 34 -0.85 -3.76 4.37
C ALA A 34 -2.03 -3.38 3.48
N CYS A 35 -2.30 -2.09 3.44
CA CYS A 35 -3.40 -1.57 2.64
C CYS A 35 -3.34 -2.23 1.26
N LEU A 36 -2.25 -1.96 0.56
CA LEU A 36 -2.06 -2.53 -0.77
C LEU A 36 -2.50 -3.99 -0.77
N GLU A 37 -1.81 -4.78 0.03
CA GLU A 37 -2.12 -6.20 0.14
C GLU A 37 -3.63 -6.40 0.25
N TYR A 38 -4.21 -5.83 1.29
CA TYR A 38 -5.63 -5.93 1.53
C TYR A 38 -6.42 -5.65 0.24
N TYR A 39 -6.05 -4.56 -0.42
CA TYR A 39 -6.71 -4.17 -1.65
C TYR A 39 -6.00 -4.79 -2.87
N HIS A 40 -5.69 -6.07 -2.74
CA HIS A 40 -5.02 -6.78 -3.82
C HIS A 40 -3.97 -5.88 -4.45
N TYR A 41 -2.99 -5.51 -3.64
CA TYR A 41 -1.92 -4.65 -4.11
C TYR A 41 -2.45 -3.59 -5.09
N ASP A 42 -3.40 -2.82 -4.60
CA ASP A 42 -3.99 -1.77 -5.42
C ASP A 42 -3.69 -0.40 -4.80
N PRO A 43 -2.95 0.44 -5.58
CA PRO A 43 -2.59 1.76 -5.12
C PRO A 43 -3.79 2.71 -5.17
N GLU A 44 -4.33 2.88 -6.37
CA GLU A 44 -5.48 3.75 -6.56
C GLU A 44 -6.54 3.48 -5.49
N GLN A 45 -6.97 2.22 -5.43
CA GLN A 45 -7.97 1.83 -4.46
C GLN A 45 -7.67 2.44 -3.09
N VAL A 46 -6.51 2.08 -2.56
CA VAL A 46 -6.10 2.58 -1.27
C VAL A 46 -6.28 4.10 -1.23
N ILE A 47 -5.41 4.79 -1.95
CA ILE A 47 -5.46 6.24 -2.02
C ILE A 47 -6.92 6.68 -2.11
N ASN A 48 -7.64 6.03 -3.02
CA ASN A 48 -9.05 6.35 -3.23
C ASN A 48 -9.79 6.26 -1.88
N ASN A 49 -9.57 5.13 -1.21
CA ASN A 49 -10.20 4.91 0.08
C ASN A 49 -9.82 6.03 1.04
N ILE A 50 -8.51 6.15 1.26
CA ILE A 50 -8.00 7.18 2.15
C ILE A 50 -8.64 8.52 1.81
N LEU A 51 -8.88 8.71 0.52
CA LEU A 51 -9.50 9.95 0.06
C LEU A 51 -10.99 9.91 0.34
N GLU A 52 -11.58 8.73 0.12
CA GLU A 52 -13.00 8.55 0.35
C GLU A 52 -13.25 8.08 1.78
N GLU A 53 -12.27 8.32 2.64
CA GLU A 53 -12.37 7.93 4.04
C GLU A 53 -13.04 6.56 4.14
N ARG A 54 -12.70 5.69 3.22
CA ARG A 54 -13.26 4.35 3.20
C ARG A 54 -12.24 3.34 3.74
N LEU A 55 -11.23 3.87 4.41
CA LEU A 55 -10.18 3.04 4.97
C LEU A 55 -10.83 1.94 5.82
N ALA A 56 -10.55 0.70 5.43
CA ALA A 56 -11.09 -0.45 6.13
C ALA A 56 -10.94 -0.23 7.63
N PRO A 57 -11.81 -0.93 8.41
CA PRO A 57 -11.78 -0.83 9.86
C PRO A 57 -10.59 -1.60 10.44
N THR A 58 -9.98 -2.40 9.59
CA THR A 58 -8.83 -3.20 10.00
C THR A 58 -7.53 -2.48 9.66
N LEU A 59 -7.60 -1.65 8.62
CA LEU A 59 -6.45 -0.89 8.17
C LEU A 59 -6.42 0.47 8.87
N SER A 60 -7.61 1.06 8.98
CA SER A 60 -7.75 2.35 9.62
C SER A 60 -7.25 2.27 11.06
N GLN A 61 -7.39 1.10 11.65
CA GLN A 61 -6.96 0.88 13.01
C GLN A 61 -5.45 0.65 13.08
N LEU A 62 -4.94 0.00 12.03
CA LEU A 62 -3.52 -0.29 11.95
C LEU A 62 -2.73 1.00 12.22
N ASP A 63 -1.44 0.82 12.48
CA ASP A 63 -0.57 1.94 12.76
C ASP A 63 -0.35 2.74 11.47
N ARG A 64 -0.83 3.97 11.47
CA ARG A 64 -0.69 4.84 10.31
C ARG A 64 0.78 4.98 9.94
N ASN A 65 1.64 4.71 10.90
CA ASN A 65 3.07 4.80 10.68
C ASN A 65 3.69 3.40 10.78
N LEU A 66 2.87 2.41 10.49
CA LEU A 66 3.33 1.02 10.54
C LEU A 66 4.54 0.86 9.63
N ASP A 67 5.51 0.08 10.11
CA ASP A 67 6.72 -0.17 9.36
C ASP A 67 6.63 -1.53 8.68
N ARG A 68 7.57 -1.78 7.79
CA ARG A 68 7.62 -3.04 7.07
C ARG A 68 8.36 -4.09 7.87
N GLU A 69 9.65 -3.84 8.07
CA GLU A 69 10.49 -4.76 8.82
C GLU A 69 11.55 -3.99 9.61
N MET A 70 11.97 -4.59 10.71
CA MET A 70 12.98 -3.97 11.56
C MET A 70 13.46 -4.93 12.64
N ASN A 71 14.55 -4.56 13.28
CA ASN A 71 15.12 -5.38 14.34
C ASN A 71 15.52 -4.48 15.51
N GLY A 1 1.63 -11.11 -25.41
CA GLY A 1 0.22 -10.79 -25.57
C GLY A 1 0.05 -9.37 -26.13
N SER A 2 -0.25 -8.44 -25.23
CA SER A 2 -0.44 -7.06 -25.62
C SER A 2 0.57 -6.17 -24.90
N SER A 3 0.84 -5.02 -25.50
CA SER A 3 1.79 -4.08 -24.94
C SER A 3 1.31 -3.61 -23.56
N GLY A 4 1.89 -4.21 -22.53
CA GLY A 4 1.52 -3.86 -21.17
C GLY A 4 2.45 -4.56 -20.16
N SER A 5 1.90 -4.81 -18.98
CA SER A 5 2.66 -5.47 -17.93
C SER A 5 2.02 -6.82 -17.58
N SER A 6 2.87 -7.74 -17.16
CA SER A 6 2.40 -9.07 -16.80
C SER A 6 3.36 -9.70 -15.78
N GLY A 7 2.82 -9.97 -14.60
CA GLY A 7 3.62 -10.57 -13.54
C GLY A 7 3.76 -9.62 -12.35
N MET A 8 2.66 -9.50 -11.61
CA MET A 8 2.65 -8.63 -10.45
C MET A 8 3.29 -9.31 -9.24
N CYS A 9 4.61 -9.20 -9.17
CA CYS A 9 5.35 -9.79 -8.07
C CYS A 9 6.83 -9.41 -8.22
N GLY A 10 7.17 -8.27 -7.66
CA GLY A 10 8.54 -7.77 -7.72
C GLY A 10 8.58 -6.26 -7.59
N VAL A 11 9.46 -5.64 -8.35
CA VAL A 11 9.62 -4.20 -8.33
C VAL A 11 8.24 -3.55 -8.29
N GLU A 12 7.31 -4.16 -9.01
CA GLU A 12 5.95 -3.65 -9.06
C GLU A 12 5.39 -3.47 -7.65
N LEU A 13 5.46 -4.54 -6.88
CA LEU A 13 4.97 -4.52 -5.51
C LEU A 13 5.53 -3.30 -4.79
N ASP A 14 6.85 -3.16 -4.83
CA ASP A 14 7.51 -2.04 -4.20
C ASP A 14 7.05 -0.75 -4.85
N SER A 15 7.00 -0.76 -6.17
CA SER A 15 6.57 0.41 -6.93
C SER A 15 5.25 0.93 -6.37
N LEU A 16 4.28 0.04 -6.31
CA LEU A 16 2.95 0.39 -5.80
C LEU A 16 3.10 1.12 -4.47
N ILE A 17 3.89 0.52 -3.59
CA ILE A 17 4.12 1.10 -2.28
C ILE A 17 4.62 2.53 -2.45
N SER A 18 5.81 2.66 -3.00
CA SER A 18 6.41 3.97 -3.21
C SER A 18 5.39 4.91 -3.86
N GLN A 19 4.79 4.42 -4.94
CA GLN A 19 3.80 5.20 -5.66
C GLN A 19 2.84 5.88 -4.67
N VAL A 20 2.24 5.06 -3.82
CA VAL A 20 1.31 5.57 -2.83
C VAL A 20 2.05 6.46 -1.84
N LYS A 21 3.12 5.90 -1.29
CA LYS A 21 3.93 6.64 -0.32
C LYS A 21 4.18 8.05 -0.85
N ASP A 22 4.69 8.13 -2.07
CA ASP A 22 4.97 9.41 -2.69
C ASP A 22 3.79 10.35 -2.46
N LEU A 23 2.60 9.76 -2.47
CA LEU A 23 1.39 10.53 -2.27
C LEU A 23 1.12 10.68 -0.76
N LEU A 24 1.45 9.62 -0.04
CA LEU A 24 1.25 9.61 1.40
C LEU A 24 2.54 9.16 2.09
N PRO A 25 3.54 10.09 2.09
CA PRO A 25 4.83 9.80 2.70
C PRO A 25 4.72 9.85 4.23
N ASP A 26 3.80 10.70 4.70
CA ASP A 26 3.60 10.85 6.13
C ASP A 26 3.43 9.48 6.77
N LEU A 27 2.54 8.70 6.19
CA LEU A 27 2.27 7.36 6.69
C LEU A 27 3.50 6.48 6.49
N GLY A 28 3.51 5.35 7.18
CA GLY A 28 4.62 4.42 7.08
C GLY A 28 4.34 3.33 6.04
N GLU A 29 5.40 2.90 5.37
CA GLU A 29 5.28 1.88 4.36
C GLU A 29 4.50 0.68 4.90
N GLY A 30 4.93 0.21 6.06
CA GLY A 30 4.28 -0.92 6.71
C GLY A 30 2.76 -0.85 6.53
N PHE A 31 2.23 0.36 6.73
CA PHE A 31 0.80 0.57 6.59
C PHE A 31 0.40 0.71 5.13
N ILE A 32 1.30 1.28 4.35
CA ILE A 32 1.05 1.47 2.93
C ILE A 32 1.03 0.11 2.23
N LEU A 33 1.88 -0.78 2.72
CA LEU A 33 1.97 -2.11 2.15
C LEU A 33 0.70 -2.90 2.50
N ALA A 34 0.41 -2.94 3.79
CA ALA A 34 -0.77 -3.64 4.27
C ALA A 34 -1.97 -3.26 3.40
N CYS A 35 -2.23 -1.96 3.34
CA CYS A 35 -3.34 -1.46 2.55
C CYS A 35 -3.30 -2.12 1.17
N LEU A 36 -2.19 -1.91 0.49
CA LEU A 36 -2.00 -2.47 -0.83
C LEU A 36 -2.45 -3.93 -0.83
N GLU A 37 -1.77 -4.71 0.00
CA GLU A 37 -2.08 -6.13 0.11
C GLU A 37 -3.59 -6.33 0.19
N TYR A 38 -4.19 -5.73 1.21
CA TYR A 38 -5.62 -5.84 1.42
C TYR A 38 -6.37 -5.60 0.11
N TYR A 39 -6.03 -4.50 -0.54
CA TYR A 39 -6.68 -4.16 -1.80
C TYR A 39 -5.96 -4.81 -2.98
N HIS A 40 -5.59 -6.06 -2.78
CA HIS A 40 -4.90 -6.81 -3.81
C HIS A 40 -3.88 -5.90 -4.52
N TYR A 41 -2.90 -5.46 -3.75
CA TYR A 41 -1.87 -4.59 -4.29
C TYR A 41 -2.46 -3.59 -5.29
N ASP A 42 -3.29 -2.70 -4.76
CA ASP A 42 -3.92 -1.69 -5.59
C ASP A 42 -3.61 -0.30 -5.02
N PRO A 43 -2.99 0.56 -5.87
CA PRO A 43 -2.64 1.90 -5.47
C PRO A 43 -3.89 2.80 -5.43
N GLU A 44 -4.52 2.93 -6.58
CA GLU A 44 -5.72 3.75 -6.69
C GLU A 44 -6.68 3.43 -5.54
N GLN A 45 -7.13 2.19 -5.52
CA GLN A 45 -8.06 1.74 -4.49
C GLN A 45 -7.67 2.34 -3.13
N VAL A 46 -6.44 2.03 -2.73
CA VAL A 46 -5.92 2.52 -1.47
C VAL A 46 -6.11 4.04 -1.40
N ILE A 47 -5.31 4.74 -2.18
CA ILE A 47 -5.37 6.19 -2.20
C ILE A 47 -6.85 6.63 -2.17
N ASN A 48 -7.65 5.97 -2.98
CA ASN A 48 -9.07 6.28 -3.05
C ASN A 48 -9.67 6.17 -1.66
N ASN A 49 -9.68 4.96 -1.13
CA ASN A 49 -10.23 4.72 0.19
C ASN A 49 -9.79 5.83 1.13
N ILE A 50 -8.49 5.86 1.41
CA ILE A 50 -7.93 6.86 2.29
C ILE A 50 -8.55 8.23 1.96
N LEU A 51 -8.63 8.51 0.67
CA LEU A 51 -9.20 9.77 0.21
C LEU A 51 -10.67 9.84 0.64
N GLU A 52 -11.37 8.74 0.42
CA GLU A 52 -12.78 8.67 0.78
C GLU A 52 -12.93 8.18 2.22
N GLU A 53 -11.85 8.30 2.98
CA GLU A 53 -11.86 7.86 4.36
C GLU A 53 -12.65 6.56 4.51
N ARG A 54 -12.55 5.72 3.50
CA ARG A 54 -13.25 4.45 3.51
C ARG A 54 -12.27 3.30 3.78
N LEU A 55 -11.30 3.58 4.65
CA LEU A 55 -10.30 2.60 5.00
C LEU A 55 -10.94 1.51 5.87
N ALA A 56 -10.58 0.27 5.58
CA ALA A 56 -11.12 -0.85 6.32
C ALA A 56 -10.82 -0.65 7.82
N PRO A 57 -11.63 -1.36 8.65
CA PRO A 57 -11.47 -1.27 10.10
C PRO A 57 -10.24 -2.06 10.56
N THR A 58 -9.65 -2.78 9.62
CA THR A 58 -8.47 -3.57 9.92
C THR A 58 -7.20 -2.80 9.58
N LEU A 59 -7.32 -1.93 8.57
CA LEU A 59 -6.20 -1.13 8.13
C LEU A 59 -6.20 0.20 8.89
N SER A 60 -7.37 0.82 8.94
CA SER A 60 -7.52 2.08 9.63
C SER A 60 -6.99 1.97 11.06
N GLN A 61 -7.14 0.77 11.61
CA GLN A 61 -6.69 0.51 12.97
C GLN A 61 -5.17 0.30 12.99
N LEU A 62 -4.70 -0.42 11.99
CA LEU A 62 -3.28 -0.71 11.88
C LEU A 62 -2.48 0.58 12.16
N ASP A 63 -1.22 0.37 12.52
CA ASP A 63 -0.35 1.50 12.83
C ASP A 63 -0.17 2.35 11.57
N ARG A 64 -0.67 3.58 11.65
CA ARG A 64 -0.57 4.50 10.53
C ARG A 64 0.87 4.63 10.07
N ASN A 65 1.78 4.52 11.04
CA ASN A 65 3.20 4.63 10.74
C ASN A 65 3.85 3.26 10.91
N LEU A 66 3.24 2.27 10.27
CA LEU A 66 3.74 0.90 10.33
C LEU A 66 4.95 0.76 9.40
N ASP A 67 5.93 0.01 9.87
CA ASP A 67 7.14 -0.20 9.09
C ASP A 67 7.07 -1.60 8.44
N ARG A 68 8.00 -1.83 7.53
CA ARG A 68 8.06 -3.10 6.83
C ARG A 68 9.14 -4.00 7.44
N GLU A 69 10.35 -3.46 7.49
CA GLU A 69 11.47 -4.19 8.06
C GLU A 69 11.04 -4.92 9.33
N MET A 70 11.52 -6.14 9.47
CA MET A 70 11.20 -6.96 10.64
C MET A 70 12.45 -7.63 11.20
N ASN A 71 12.30 -8.16 12.40
CA ASN A 71 13.41 -8.84 13.06
C ASN A 71 12.87 -9.69 14.21
N GLY A 1 2.86 1.53 -14.91
CA GLY A 1 3.77 0.58 -14.30
C GLY A 1 5.08 0.48 -15.09
N SER A 2 5.34 -0.73 -15.57
CA SER A 2 6.56 -0.96 -16.34
C SER A 2 6.46 -2.33 -17.05
N SER A 3 6.73 -2.30 -18.35
CA SER A 3 6.68 -3.51 -19.14
C SER A 3 5.25 -4.07 -19.16
N GLY A 4 4.97 -4.93 -18.18
CA GLY A 4 3.66 -5.54 -18.08
C GLY A 4 3.40 -6.00 -16.65
N SER A 5 2.39 -6.86 -16.51
CA SER A 5 2.02 -7.40 -15.22
C SER A 5 2.40 -8.88 -15.14
N SER A 6 3.69 -9.13 -14.95
CA SER A 6 4.19 -10.49 -14.86
C SER A 6 5.11 -10.62 -13.65
N GLY A 7 4.89 -11.69 -12.90
CA GLY A 7 5.71 -11.95 -11.71
C GLY A 7 5.74 -10.73 -10.81
N MET A 8 4.56 -10.29 -10.39
CA MET A 8 4.45 -9.14 -9.52
C MET A 8 4.64 -9.53 -8.05
N CYS A 9 5.89 -9.52 -7.63
CA CYS A 9 6.22 -9.87 -6.26
C CYS A 9 7.72 -9.63 -6.05
N GLY A 10 8.04 -8.37 -5.79
CA GLY A 10 9.43 -7.98 -5.56
C GLY A 10 9.64 -6.49 -5.84
N VAL A 11 9.90 -6.19 -7.11
CA VAL A 11 10.11 -4.82 -7.52
C VAL A 11 8.77 -4.12 -7.70
N GLU A 12 8.00 -4.62 -8.66
CA GLU A 12 6.69 -4.06 -8.94
C GLU A 12 5.97 -3.69 -7.64
N LEU A 13 5.88 -4.68 -6.76
CA LEU A 13 5.22 -4.48 -5.48
C LEU A 13 5.72 -3.18 -4.86
N ASP A 14 7.03 -3.11 -4.68
CA ASP A 14 7.65 -1.92 -4.10
C ASP A 14 7.14 -0.68 -4.82
N SER A 15 7.14 -0.76 -6.14
CA SER A 15 6.67 0.35 -6.96
C SER A 15 5.35 0.88 -6.42
N LEU A 16 4.37 -0.01 -6.34
CA LEU A 16 3.05 0.35 -5.84
C LEU A 16 3.21 1.14 -4.53
N ILE A 17 3.93 0.55 -3.60
CA ILE A 17 4.16 1.18 -2.31
C ILE A 17 4.68 2.60 -2.53
N SER A 18 5.85 2.68 -3.15
CA SER A 18 6.46 3.97 -3.43
C SER A 18 5.45 4.90 -4.09
N GLN A 19 4.86 4.40 -5.18
CA GLN A 19 3.88 5.17 -5.91
C GLN A 19 2.88 5.83 -4.95
N VAL A 20 2.34 5.01 -4.06
CA VAL A 20 1.38 5.51 -3.09
C VAL A 20 2.09 6.45 -2.11
N LYS A 21 3.17 5.94 -1.53
CA LYS A 21 3.94 6.72 -0.58
C LYS A 21 4.19 8.11 -1.15
N ASP A 22 4.67 8.13 -2.39
CA ASP A 22 4.95 9.39 -3.06
C ASP A 22 3.78 10.34 -2.85
N LEU A 23 2.60 9.76 -2.69
CA LEU A 23 1.39 10.55 -2.49
C LEU A 23 1.05 10.57 -1.00
N LEU A 24 1.46 9.53 -0.31
CA LEU A 24 1.20 9.41 1.12
C LEU A 24 2.50 9.03 1.83
N PRO A 25 3.45 10.01 1.88
CA PRO A 25 4.72 9.80 2.53
C PRO A 25 4.57 9.82 4.05
N ASP A 26 3.75 10.74 4.52
CA ASP A 26 3.51 10.88 5.95
C ASP A 26 3.29 9.49 6.56
N LEU A 27 2.39 8.74 5.95
CA LEU A 27 2.09 7.40 6.43
C LEU A 27 3.34 6.53 6.32
N GLY A 28 3.26 5.36 6.95
CA GLY A 28 4.38 4.44 6.95
C GLY A 28 4.14 3.30 5.96
N GLU A 29 5.22 2.91 5.28
CA GLU A 29 5.14 1.84 4.31
C GLU A 29 4.38 0.64 4.89
N GLY A 30 4.81 0.22 6.06
CA GLY A 30 4.18 -0.91 6.73
C GLY A 30 2.65 -0.84 6.59
N PHE A 31 2.13 0.37 6.75
CA PHE A 31 0.70 0.58 6.65
C PHE A 31 0.27 0.70 5.18
N ILE A 32 1.17 1.22 4.37
CA ILE A 32 0.90 1.38 2.96
C ILE A 32 0.88 0.02 2.27
N LEU A 33 1.74 -0.87 2.77
CA LEU A 33 1.83 -2.21 2.22
C LEU A 33 0.58 -3.00 2.60
N ALA A 34 0.28 -3.00 3.89
CA ALA A 34 -0.88 -3.71 4.39
C ALA A 34 -2.09 -3.35 3.54
N CYS A 35 -2.35 -2.06 3.43
CA CYS A 35 -3.47 -1.56 2.65
C CYS A 35 -3.40 -2.20 1.26
N LEU A 36 -2.30 -1.91 0.57
CA LEU A 36 -2.09 -2.44 -0.77
C LEU A 36 -2.50 -3.92 -0.80
N GLU A 37 -1.81 -4.70 0.01
CA GLU A 37 -2.08 -6.12 0.08
C GLU A 37 -3.59 -6.38 0.13
N TYR A 38 -4.23 -5.77 1.11
CA TYR A 38 -5.66 -5.91 1.27
C TYR A 38 -6.39 -5.60 -0.03
N TYR A 39 -6.01 -4.49 -0.63
CA TYR A 39 -6.62 -4.07 -1.88
C TYR A 39 -5.90 -4.70 -3.09
N HIS A 40 -5.56 -5.97 -2.93
CA HIS A 40 -4.88 -6.69 -3.99
C HIS A 40 -3.83 -5.79 -4.64
N TYR A 41 -2.92 -5.31 -3.80
CA TYR A 41 -1.87 -4.43 -4.28
C TYR A 41 -2.41 -3.39 -5.27
N ASP A 42 -3.39 -2.63 -4.80
CA ASP A 42 -4.00 -1.61 -5.63
C ASP A 42 -3.68 -0.23 -5.05
N PRO A 43 -3.03 0.62 -5.90
CA PRO A 43 -2.65 1.96 -5.49
C PRO A 43 -3.88 2.88 -5.44
N GLU A 44 -4.51 3.02 -6.60
CA GLU A 44 -5.69 3.86 -6.71
C GLU A 44 -6.66 3.58 -5.56
N GLN A 45 -7.05 2.32 -5.45
CA GLN A 45 -7.96 1.91 -4.40
C GLN A 45 -7.50 2.46 -3.05
N VAL A 46 -6.32 2.04 -2.64
CA VAL A 46 -5.75 2.50 -1.38
C VAL A 46 -6.03 3.99 -1.21
N ILE A 47 -5.38 4.78 -2.05
CA ILE A 47 -5.54 6.22 -1.99
C ILE A 47 -7.03 6.56 -1.95
N ASN A 48 -7.77 6.01 -2.90
CA ASN A 48 -9.20 6.24 -2.98
C ASN A 48 -9.81 6.12 -1.59
N ASN A 49 -9.66 4.93 -1.01
CA ASN A 49 -10.19 4.67 0.31
C ASN A 49 -9.79 5.82 1.25
N ILE A 50 -8.49 5.88 1.53
CA ILE A 50 -7.96 6.91 2.41
C ILE A 50 -8.65 8.24 2.09
N LEU A 51 -8.72 8.55 0.79
CA LEU A 51 -9.34 9.77 0.35
C LEU A 51 -10.78 9.83 0.86
N GLU A 52 -11.49 8.74 0.66
CA GLU A 52 -12.88 8.64 1.10
C GLU A 52 -12.95 8.10 2.53
N GLU A 53 -11.82 8.20 3.21
CA GLU A 53 -11.74 7.72 4.59
C GLU A 53 -12.53 6.42 4.74
N ARG A 54 -12.43 5.58 3.71
CA ARG A 54 -13.13 4.31 3.72
C ARG A 54 -12.16 3.18 4.08
N LEU A 55 -11.08 3.55 4.76
CA LEU A 55 -10.08 2.58 5.17
C LEU A 55 -10.73 1.53 6.06
N ALA A 56 -10.54 0.26 5.67
CA ALA A 56 -11.10 -0.84 6.42
C ALA A 56 -10.78 -0.66 7.90
N PRO A 57 -11.44 -1.50 8.74
CA PRO A 57 -11.23 -1.44 10.18
C PRO A 57 -9.88 -2.06 10.57
N THR A 58 -9.59 -3.19 9.95
CA THR A 58 -8.35 -3.88 10.21
C THR A 58 -7.15 -3.02 9.81
N LEU A 59 -7.30 -2.36 8.67
CA LEU A 59 -6.23 -1.49 8.17
C LEU A 59 -6.22 -0.20 8.99
N SER A 60 -7.40 0.38 9.16
CA SER A 60 -7.53 1.61 9.92
C SER A 60 -6.95 1.42 11.33
N GLN A 61 -6.82 0.17 11.71
CA GLN A 61 -6.28 -0.17 13.02
C GLN A 61 -4.76 -0.12 13.01
N LEU A 62 -4.20 -0.64 11.93
CA LEU A 62 -2.75 -0.67 11.78
C LEU A 62 -2.19 0.73 11.98
N ASP A 63 -1.01 0.78 12.58
CA ASP A 63 -0.36 2.06 12.84
C ASP A 63 -0.23 2.83 11.54
N ARG A 64 -0.63 4.10 11.59
CA ARG A 64 -0.57 4.96 10.42
C ARG A 64 0.89 5.09 9.95
N ASN A 65 1.80 5.05 10.91
CA ASN A 65 3.21 5.15 10.60
C ASN A 65 3.89 3.81 10.85
N LEU A 66 3.31 2.78 10.27
CA LEU A 66 3.85 1.43 10.41
C LEU A 66 5.08 1.28 9.52
N ASP A 67 6.15 0.78 10.13
CA ASP A 67 7.39 0.58 9.41
C ASP A 67 7.34 -0.75 8.65
N ARG A 68 8.32 -0.94 7.78
CA ARG A 68 8.39 -2.16 6.99
C ARG A 68 9.67 -2.92 7.31
N GLU A 69 10.79 -2.25 7.11
CA GLU A 69 12.09 -2.85 7.38
C GLU A 69 12.07 -3.57 8.72
N MET A 70 12.12 -4.89 8.65
CA MET A 70 12.12 -5.71 9.86
C MET A 70 13.04 -6.92 9.69
N ASN A 71 13.99 -7.02 10.62
CA ASN A 71 14.93 -8.14 10.59
C ASN A 71 14.54 -9.16 11.67
N GLY A 1 -6.10 -23.97 -12.99
CA GLY A 1 -5.67 -23.37 -14.24
C GLY A 1 -4.69 -22.23 -13.99
N SER A 2 -5.23 -21.03 -13.90
CA SER A 2 -4.42 -19.84 -13.67
C SER A 2 -4.29 -19.59 -12.16
N SER A 3 -3.06 -19.33 -11.74
CA SER A 3 -2.78 -19.07 -10.35
C SER A 3 -1.68 -18.02 -10.21
N GLY A 4 -2.10 -16.83 -9.78
CA GLY A 4 -1.16 -15.73 -9.61
C GLY A 4 -0.97 -14.97 -10.92
N SER A 5 -1.13 -13.66 -10.84
CA SER A 5 -0.97 -12.80 -12.01
C SER A 5 0.42 -12.18 -12.01
N SER A 6 1.02 -12.15 -13.19
CA SER A 6 2.35 -11.59 -13.35
C SER A 6 2.32 -10.09 -13.03
N GLY A 7 3.03 -9.73 -11.97
CA GLY A 7 3.09 -8.34 -11.55
C GLY A 7 3.96 -8.19 -10.29
N MET A 8 3.44 -7.42 -9.35
CA MET A 8 4.15 -7.19 -8.10
C MET A 8 4.64 -8.51 -7.50
N CYS A 9 5.86 -8.46 -6.96
CA CYS A 9 6.44 -9.64 -6.34
C CYS A 9 7.68 -9.20 -5.55
N GLY A 10 8.49 -8.37 -6.20
CA GLY A 10 9.70 -7.87 -5.57
C GLY A 10 9.85 -6.37 -5.78
N VAL A 11 10.42 -6.01 -6.92
CA VAL A 11 10.63 -4.62 -7.25
C VAL A 11 9.29 -3.97 -7.58
N GLU A 12 8.59 -4.58 -8.54
CA GLU A 12 7.30 -4.07 -8.96
C GLU A 12 6.47 -3.64 -7.73
N LEU A 13 6.19 -4.62 -6.88
CA LEU A 13 5.42 -4.37 -5.68
C LEU A 13 5.87 -3.05 -5.06
N ASP A 14 7.14 -2.98 -4.73
CA ASP A 14 7.71 -1.78 -4.13
C ASP A 14 7.16 -0.55 -4.86
N SER A 15 7.19 -0.63 -6.19
CA SER A 15 6.71 0.46 -7.02
C SER A 15 5.37 0.98 -6.48
N LEU A 16 4.39 0.08 -6.49
CA LEU A 16 3.06 0.43 -6.02
C LEU A 16 3.18 1.23 -4.71
N ILE A 17 3.83 0.61 -3.73
CA ILE A 17 4.03 1.24 -2.45
C ILE A 17 4.54 2.67 -2.65
N SER A 18 5.75 2.76 -3.18
CA SER A 18 6.37 4.05 -3.43
C SER A 18 5.37 4.97 -4.15
N GLN A 19 4.81 4.44 -5.23
CA GLN A 19 3.84 5.20 -6.02
C GLN A 19 2.82 5.87 -5.10
N VAL A 20 2.30 5.07 -4.16
CA VAL A 20 1.32 5.57 -3.22
C VAL A 20 2.00 6.47 -2.19
N LYS A 21 3.02 5.91 -1.56
CA LYS A 21 3.78 6.65 -0.56
C LYS A 21 4.09 8.05 -1.09
N ASP A 22 4.63 8.08 -2.30
CA ASP A 22 4.98 9.35 -2.93
C ASP A 22 3.84 10.34 -2.72
N LEU A 23 2.64 9.80 -2.63
CA LEU A 23 1.45 10.63 -2.45
C LEU A 23 1.16 10.75 -0.95
N LEU A 24 1.45 9.67 -0.24
CA LEU A 24 1.21 9.65 1.20
C LEU A 24 2.48 9.16 1.90
N PRO A 25 3.52 10.03 1.89
CA PRO A 25 4.78 9.70 2.53
C PRO A 25 4.68 9.80 4.04
N ASP A 26 3.71 10.58 4.49
CA ASP A 26 3.48 10.76 5.92
C ASP A 26 3.29 9.39 6.58
N LEU A 27 2.44 8.58 5.97
CA LEU A 27 2.17 7.25 6.48
C LEU A 27 3.41 6.37 6.30
N GLY A 28 3.42 5.28 7.04
CA GLY A 28 4.54 4.34 6.97
C GLY A 28 4.25 3.21 5.98
N GLU A 29 5.27 2.84 5.23
CA GLU A 29 5.14 1.77 4.26
C GLU A 29 4.37 0.60 4.85
N GLY A 30 4.81 0.18 6.03
CA GLY A 30 4.17 -0.93 6.72
C GLY A 30 2.65 -0.88 6.57
N PHE A 31 2.11 0.32 6.74
CA PHE A 31 0.69 0.53 6.63
C PHE A 31 0.26 0.61 5.16
N ILE A 32 1.15 1.15 4.34
CA ILE A 32 0.90 1.29 2.92
C ILE A 32 0.86 -0.09 2.27
N LEU A 33 1.73 -0.97 2.77
CA LEU A 33 1.80 -2.32 2.25
C LEU A 33 0.54 -3.09 2.64
N ALA A 34 0.26 -3.07 3.94
CA ALA A 34 -0.92 -3.76 4.45
C ALA A 34 -2.14 -3.39 3.60
N CYS A 35 -2.39 -2.10 3.50
CA CYS A 35 -3.52 -1.61 2.72
C CYS A 35 -3.47 -2.26 1.34
N LEU A 36 -2.34 -2.09 0.67
CA LEU A 36 -2.16 -2.66 -0.64
C LEU A 36 -2.61 -4.11 -0.63
N GLU A 37 -1.97 -4.88 0.24
CA GLU A 37 -2.29 -6.30 0.36
C GLU A 37 -3.81 -6.50 0.43
N TYR A 38 -4.43 -5.73 1.33
CA TYR A 38 -5.87 -5.81 1.50
C TYR A 38 -6.60 -5.44 0.20
N TYR A 39 -6.11 -4.40 -0.44
CA TYR A 39 -6.70 -3.94 -1.68
C TYR A 39 -6.03 -4.60 -2.89
N HIS A 40 -5.76 -5.88 -2.74
CA HIS A 40 -5.13 -6.64 -3.81
C HIS A 40 -4.05 -5.78 -4.47
N TYR A 41 -3.05 -5.42 -3.67
CA TYR A 41 -1.96 -4.61 -4.17
C TYR A 41 -2.45 -3.55 -5.15
N ASP A 42 -3.42 -2.76 -4.69
CA ASP A 42 -3.99 -1.71 -5.52
C ASP A 42 -3.61 -0.35 -4.94
N PRO A 43 -2.93 0.47 -5.80
CA PRO A 43 -2.51 1.79 -5.38
C PRO A 43 -3.70 2.76 -5.34
N GLU A 44 -4.33 2.92 -6.50
CA GLU A 44 -5.46 3.82 -6.60
C GLU A 44 -6.44 3.57 -5.46
N GLN A 45 -6.93 2.33 -5.39
CA GLN A 45 -7.86 1.95 -4.35
C GLN A 45 -7.43 2.52 -3.00
N VAL A 46 -6.24 2.11 -2.58
CA VAL A 46 -5.68 2.56 -1.32
C VAL A 46 -5.96 4.06 -1.16
N ILE A 47 -5.25 4.84 -1.96
CA ILE A 47 -5.42 6.29 -1.92
C ILE A 47 -6.90 6.64 -1.88
N ASN A 48 -7.60 6.26 -2.95
CA ASN A 48 -9.03 6.52 -3.04
C ASN A 48 -9.68 6.26 -1.69
N ASN A 49 -9.54 5.02 -1.24
CA ASN A 49 -10.12 4.62 0.03
C ASN A 49 -9.79 5.68 1.09
N ILE A 50 -8.50 5.82 1.36
CA ILE A 50 -8.04 6.78 2.33
C ILE A 50 -8.85 8.08 2.20
N LEU A 51 -8.84 8.62 0.98
CA LEU A 51 -9.58 9.84 0.71
C LEU A 51 -11.04 9.66 1.11
N GLU A 52 -11.57 8.51 0.76
CA GLU A 52 -12.96 8.20 1.09
C GLU A 52 -13.05 7.56 2.48
N GLU A 53 -11.98 7.71 3.25
CA GLU A 53 -11.92 7.17 4.59
C GLU A 53 -12.60 5.80 4.62
N ARG A 54 -12.53 5.10 3.49
CA ARG A 54 -13.13 3.79 3.39
C ARG A 54 -12.18 2.73 3.95
N LEU A 55 -11.03 3.20 4.43
CA LEU A 55 -10.03 2.30 4.99
C LEU A 55 -10.70 1.36 5.99
N ALA A 56 -10.55 0.07 5.73
CA ALA A 56 -11.13 -0.94 6.60
C ALA A 56 -10.73 -0.65 8.05
N PRO A 57 -11.55 -1.20 8.99
CA PRO A 57 -11.30 -1.01 10.41
C PRO A 57 -10.14 -1.88 10.87
N THR A 58 -9.63 -2.68 9.95
CA THR A 58 -8.52 -3.56 10.25
C THR A 58 -7.19 -2.93 9.82
N LEU A 59 -7.29 -2.05 8.83
CA LEU A 59 -6.11 -1.37 8.31
C LEU A 59 -5.99 0.00 9.00
N SER A 60 -7.10 0.71 9.02
CA SER A 60 -7.12 2.03 9.63
C SER A 60 -6.71 1.93 11.10
N GLN A 61 -6.93 0.75 11.67
CA GLN A 61 -6.60 0.52 13.05
C GLN A 61 -5.10 0.28 13.20
N LEU A 62 -4.50 -0.25 12.14
CA LEU A 62 -3.08 -0.54 12.14
C LEU A 62 -2.30 0.77 12.31
N ASP A 63 -1.04 0.62 12.68
CA ASP A 63 -0.18 1.78 12.88
C ASP A 63 -0.08 2.57 11.57
N ARG A 64 -0.50 3.83 11.65
CA ARG A 64 -0.46 4.69 10.48
C ARG A 64 0.98 4.85 9.99
N ASN A 65 1.91 4.68 10.92
CA ASN A 65 3.33 4.80 10.59
C ASN A 65 3.98 3.42 10.70
N LEU A 66 3.20 2.39 10.39
CA LEU A 66 3.70 1.03 10.43
C LEU A 66 4.89 0.89 9.49
N ASP A 67 5.84 0.06 9.91
CA ASP A 67 7.03 -0.17 9.11
C ASP A 67 6.97 -1.58 8.51
N ARG A 68 7.88 -1.83 7.58
CA ARG A 68 7.94 -3.12 6.91
C ARG A 68 9.02 -3.99 7.55
N GLU A 69 8.59 -5.15 8.02
CA GLU A 69 9.50 -6.09 8.65
C GLU A 69 10.29 -6.86 7.59
N MET A 70 11.60 -6.93 7.80
CA MET A 70 12.46 -7.64 6.88
C MET A 70 13.05 -8.90 7.52
N ASN A 71 12.52 -10.04 7.11
CA ASN A 71 12.99 -11.31 7.64
C ASN A 71 13.20 -11.18 9.15
N GLY A 1 18.78 -5.04 -6.54
CA GLY A 1 17.38 -5.22 -6.92
C GLY A 1 17.02 -6.71 -6.97
N SER A 2 16.10 -7.03 -7.86
CA SER A 2 15.66 -8.41 -8.01
C SER A 2 16.35 -9.05 -9.22
N SER A 3 17.35 -9.87 -8.91
CA SER A 3 18.10 -10.55 -9.95
C SER A 3 17.46 -11.91 -10.24
N GLY A 4 16.53 -11.90 -11.19
CA GLY A 4 15.84 -13.12 -11.59
C GLY A 4 14.38 -12.83 -11.94
N SER A 5 13.54 -13.83 -11.73
CA SER A 5 12.12 -13.70 -12.03
C SER A 5 11.30 -14.40 -10.95
N SER A 6 10.20 -13.75 -10.58
CA SER A 6 9.31 -14.30 -9.57
C SER A 6 7.85 -14.03 -9.95
N GLY A 7 7.52 -12.75 -10.05
CA GLY A 7 6.17 -12.36 -10.40
C GLY A 7 5.58 -11.42 -9.35
N MET A 8 5.77 -10.13 -9.57
CA MET A 8 5.27 -9.12 -8.65
C MET A 8 5.51 -9.54 -7.20
N CYS A 9 6.75 -9.36 -6.76
CA CYS A 9 7.11 -9.72 -5.40
C CYS A 9 8.55 -9.28 -5.16
N GLY A 10 8.74 -7.97 -5.13
CA GLY A 10 10.05 -7.39 -4.91
C GLY A 10 10.12 -5.94 -5.38
N VAL A 11 10.44 -5.78 -6.65
CA VAL A 11 10.53 -4.45 -7.23
C VAL A 11 9.12 -3.93 -7.53
N GLU A 12 8.44 -4.62 -8.42
CA GLU A 12 7.09 -4.23 -8.80
C GLU A 12 6.31 -3.78 -7.57
N LEU A 13 6.27 -4.65 -6.57
CA LEU A 13 5.56 -4.35 -5.34
C LEU A 13 5.96 -2.95 -4.85
N ASP A 14 7.24 -2.81 -4.55
CA ASP A 14 7.76 -1.54 -4.08
C ASP A 14 7.13 -0.40 -4.90
N SER A 15 7.10 -0.62 -6.21
CA SER A 15 6.54 0.38 -7.11
C SER A 15 5.22 0.91 -6.55
N LEU A 16 4.28 -0.01 -6.33
CA LEU A 16 2.98 0.35 -5.80
C LEU A 16 3.16 1.18 -4.53
N ILE A 17 3.90 0.61 -3.60
CA ILE A 17 4.17 1.29 -2.34
C ILE A 17 4.68 2.71 -2.62
N SER A 18 5.89 2.76 -3.16
CA SER A 18 6.50 4.04 -3.48
C SER A 18 5.48 4.96 -4.15
N GLN A 19 4.84 4.44 -5.19
CA GLN A 19 3.85 5.20 -5.92
C GLN A 19 2.90 5.90 -4.96
N VAL A 20 2.34 5.10 -4.05
CA VAL A 20 1.42 5.63 -3.06
C VAL A 20 2.18 6.51 -2.07
N LYS A 21 3.22 5.94 -1.51
CA LYS A 21 4.04 6.67 -0.55
C LYS A 21 4.32 8.08 -1.08
N ASP A 22 4.87 8.12 -2.29
CA ASP A 22 5.19 9.38 -2.92
C ASP A 22 4.03 10.37 -2.71
N LEU A 23 2.83 9.80 -2.65
CA LEU A 23 1.64 10.61 -2.45
C LEU A 23 1.36 10.74 -0.94
N LEU A 24 1.62 9.66 -0.23
CA LEU A 24 1.40 9.63 1.20
C LEU A 24 2.67 9.11 1.90
N PRO A 25 3.71 9.98 1.91
CA PRO A 25 4.98 9.61 2.53
C PRO A 25 4.87 9.67 4.05
N ASP A 26 3.96 10.52 4.51
CA ASP A 26 3.75 10.67 5.95
C ASP A 26 3.52 9.30 6.58
N LEU A 27 2.58 8.57 6.00
CA LEU A 27 2.26 7.24 6.50
C LEU A 27 3.47 6.32 6.30
N GLY A 28 3.49 5.25 7.07
CA GLY A 28 4.57 4.28 7.00
C GLY A 28 4.27 3.20 5.96
N GLU A 29 5.29 2.85 5.20
CA GLU A 29 5.15 1.83 4.17
C GLU A 29 4.40 0.62 4.73
N GLY A 30 4.89 0.15 5.87
CA GLY A 30 4.28 -1.01 6.52
C GLY A 30 2.75 -0.96 6.41
N PHE A 31 2.22 0.22 6.68
CA PHE A 31 0.79 0.42 6.62
C PHE A 31 0.31 0.57 5.17
N ILE A 32 1.18 1.16 4.35
CA ILE A 32 0.87 1.37 2.96
C ILE A 32 0.82 0.02 2.24
N LEU A 33 1.69 -0.88 2.67
CA LEU A 33 1.75 -2.20 2.08
C LEU A 33 0.51 -2.99 2.47
N ALA A 34 0.26 -3.03 3.77
CA ALA A 34 -0.89 -3.76 4.30
C ALA A 34 -2.13 -3.37 3.50
N CYS A 35 -2.39 -2.06 3.46
CA CYS A 35 -3.54 -1.55 2.74
C CYS A 35 -3.54 -2.16 1.34
N LEU A 36 -2.41 -2.01 0.67
CA LEU A 36 -2.26 -2.54 -0.68
C LEU A 36 -2.71 -4.01 -0.70
N GLU A 37 -2.02 -4.82 0.09
CA GLU A 37 -2.33 -6.23 0.18
C GLU A 37 -3.84 -6.44 0.25
N TYR A 38 -4.44 -5.86 1.28
CA TYR A 38 -5.88 -5.97 1.48
C TYR A 38 -6.63 -5.67 0.17
N TYR A 39 -6.27 -4.56 -0.44
CA TYR A 39 -6.90 -4.15 -1.68
C TYR A 39 -6.20 -4.78 -2.88
N HIS A 40 -5.90 -6.07 -2.75
CA HIS A 40 -5.24 -6.80 -3.81
C HIS A 40 -4.15 -5.91 -4.44
N TYR A 41 -3.21 -5.51 -3.60
CA TYR A 41 -2.11 -4.66 -4.06
C TYR A 41 -2.62 -3.61 -5.06
N ASP A 42 -3.60 -2.84 -4.61
CA ASP A 42 -4.17 -1.80 -5.46
C ASP A 42 -3.81 -0.43 -4.89
N PRO A 43 -3.11 0.37 -5.73
CA PRO A 43 -2.69 1.70 -5.32
C PRO A 43 -3.88 2.67 -5.33
N GLU A 44 -4.48 2.83 -6.50
CA GLU A 44 -5.62 3.72 -6.64
C GLU A 44 -6.62 3.49 -5.51
N GLN A 45 -7.06 2.24 -5.41
CA GLN A 45 -8.02 1.87 -4.37
C GLN A 45 -7.59 2.45 -3.02
N VAL A 46 -6.42 2.01 -2.57
CA VAL A 46 -5.89 2.48 -1.30
C VAL A 46 -6.06 4.00 -1.20
N ILE A 47 -5.31 4.69 -2.04
CA ILE A 47 -5.37 6.15 -2.06
C ILE A 47 -6.83 6.60 -2.03
N ASN A 48 -7.60 6.06 -2.96
CA ASN A 48 -9.02 6.39 -3.06
C ASN A 48 -9.66 6.25 -1.68
N ASN A 49 -9.57 5.04 -1.15
CA ASN A 49 -10.14 4.76 0.16
C ASN A 49 -9.75 5.86 1.14
N ILE A 50 -8.45 5.93 1.42
CA ILE A 50 -7.94 6.94 2.33
C ILE A 50 -8.64 8.27 2.07
N LEU A 51 -8.62 8.67 0.80
CA LEU A 51 -9.25 9.91 0.40
C LEU A 51 -10.69 9.94 0.91
N GLU A 52 -11.39 8.83 0.66
CA GLU A 52 -12.77 8.71 1.07
C GLU A 52 -12.85 8.15 2.50
N GLU A 53 -11.73 8.23 3.20
CA GLU A 53 -11.66 7.73 4.56
C GLU A 53 -12.45 6.43 4.69
N ARG A 54 -12.39 5.62 3.64
CA ARG A 54 -13.09 4.36 3.62
C ARG A 54 -12.12 3.20 3.92
N LEU A 55 -11.14 3.50 4.76
CA LEU A 55 -10.15 2.51 5.12
C LEU A 55 -10.79 1.48 6.07
N ALA A 56 -10.57 0.22 5.76
CA ALA A 56 -11.13 -0.85 6.56
C ALA A 56 -10.77 -0.61 8.03
N PRO A 57 -11.57 -1.25 8.93
CA PRO A 57 -11.35 -1.10 10.36
C PRO A 57 -10.14 -1.93 10.81
N THR A 58 -9.63 -2.73 9.89
CA THR A 58 -8.48 -3.56 10.18
C THR A 58 -7.19 -2.86 9.76
N LEU A 59 -7.32 -2.01 8.75
CA LEU A 59 -6.18 -1.27 8.24
C LEU A 59 -6.10 0.08 8.95
N SER A 60 -7.25 0.70 9.11
CA SER A 60 -7.32 2.00 9.78
C SER A 60 -6.77 1.88 11.20
N GLN A 61 -6.93 0.70 11.76
CA GLN A 61 -6.45 0.45 13.12
C GLN A 61 -4.93 0.21 13.11
N LEU A 62 -4.48 -0.47 12.08
CA LEU A 62 -3.06 -0.77 11.94
C LEU A 62 -2.25 0.50 12.23
N ASP A 63 -0.99 0.29 12.55
CA ASP A 63 -0.09 1.39 12.84
C ASP A 63 0.04 2.28 11.60
N ARG A 64 -0.55 3.47 11.70
CA ARG A 64 -0.50 4.42 10.60
C ARG A 64 0.92 4.56 10.08
N ASN A 65 1.87 4.42 11.00
CA ASN A 65 3.28 4.54 10.66
C ASN A 65 3.95 3.18 10.83
N LEU A 66 3.39 2.19 10.15
CA LEU A 66 3.93 0.84 10.23
C LEU A 66 5.11 0.72 9.25
N ASP A 67 6.16 0.07 9.74
CA ASP A 67 7.36 -0.12 8.93
C ASP A 67 7.29 -1.50 8.25
N ARG A 68 8.22 -1.71 7.34
CA ARG A 68 8.29 -2.97 6.62
C ARG A 68 9.47 -3.81 7.12
N GLU A 69 10.64 -3.21 7.10
CA GLU A 69 11.83 -3.89 7.55
C GLU A 69 12.03 -5.20 6.78
N MET A 70 13.00 -5.19 5.89
CA MET A 70 13.29 -6.37 5.08
C MET A 70 14.68 -6.26 4.43
N ASN A 71 15.42 -7.35 4.52
CA ASN A 71 16.76 -7.40 3.95
C ASN A 71 16.81 -8.48 2.87
N GLY A 1 12.16 -8.46 -22.27
CA GLY A 1 13.20 -7.48 -22.57
C GLY A 1 12.77 -6.08 -22.18
N SER A 2 13.10 -5.13 -23.04
CA SER A 2 12.75 -3.74 -22.80
C SER A 2 11.24 -3.54 -22.98
N SER A 3 10.75 -2.44 -22.41
CA SER A 3 9.34 -2.12 -22.52
C SER A 3 8.50 -3.40 -22.36
N GLY A 4 8.21 -3.73 -21.11
CA GLY A 4 7.42 -4.91 -20.81
C GLY A 4 8.18 -5.85 -19.87
N SER A 5 8.52 -5.32 -18.70
CA SER A 5 9.24 -6.09 -17.71
C SER A 5 8.30 -6.49 -16.58
N SER A 6 7.62 -7.61 -16.78
CA SER A 6 6.69 -8.11 -15.78
C SER A 6 7.45 -8.81 -14.65
N GLY A 7 6.79 -8.91 -13.50
CA GLY A 7 7.39 -9.55 -12.35
C GLY A 7 6.67 -9.15 -11.06
N MET A 8 5.38 -9.40 -11.05
CA MET A 8 4.56 -9.07 -9.89
C MET A 8 5.04 -9.84 -8.64
N CYS A 9 5.06 -9.12 -7.53
CA CYS A 9 5.49 -9.72 -6.27
C CYS A 9 7.01 -9.64 -6.20
N GLY A 10 7.51 -8.41 -6.18
CA GLY A 10 8.94 -8.19 -6.12
C GLY A 10 9.28 -6.72 -6.36
N VAL A 11 9.57 -6.42 -7.62
CA VAL A 11 9.90 -5.05 -7.99
C VAL A 11 8.63 -4.22 -8.06
N GLU A 12 7.76 -4.59 -9.00
CA GLU A 12 6.50 -3.88 -9.17
C GLU A 12 5.92 -3.50 -7.82
N LEU A 13 5.70 -4.52 -7.00
CA LEU A 13 5.14 -4.31 -5.67
C LEU A 13 5.78 -3.07 -5.04
N ASP A 14 7.11 -3.09 -4.99
CA ASP A 14 7.85 -1.98 -4.42
C ASP A 14 7.30 -0.66 -4.99
N SER A 15 7.22 -0.62 -6.31
CA SER A 15 6.73 0.58 -6.99
C SER A 15 5.36 0.95 -6.44
N LEU A 16 4.46 -0.03 -6.43
CA LEU A 16 3.11 0.19 -5.94
C LEU A 16 3.18 1.01 -4.64
N ILE A 17 3.95 0.49 -3.70
CA ILE A 17 4.11 1.16 -2.42
C ILE A 17 4.60 2.59 -2.64
N SER A 18 5.83 2.69 -3.11
CA SER A 18 6.43 3.99 -3.37
C SER A 18 5.40 4.91 -4.02
N GLN A 19 4.79 4.41 -5.09
CA GLN A 19 3.79 5.17 -5.81
C GLN A 19 2.83 5.86 -4.82
N VAL A 20 2.23 5.04 -3.98
CA VAL A 20 1.29 5.55 -2.99
C VAL A 20 2.03 6.48 -2.02
N LYS A 21 3.11 5.95 -1.46
CA LYS A 21 3.91 6.71 -0.52
C LYS A 21 4.16 8.10 -1.08
N ASP A 22 4.67 8.13 -2.31
CA ASP A 22 4.97 9.39 -2.97
C ASP A 22 3.78 10.34 -2.80
N LEU A 23 2.60 9.75 -2.70
CA LEU A 23 1.38 10.52 -2.52
C LEU A 23 1.07 10.66 -1.04
N LEU A 24 1.37 9.60 -0.30
CA LEU A 24 1.12 9.59 1.13
C LEU A 24 2.39 9.11 1.85
N PRO A 25 3.42 10.00 1.87
CA PRO A 25 4.67 9.68 2.53
C PRO A 25 4.54 9.75 4.05
N ASP A 26 3.61 10.58 4.49
CA ASP A 26 3.37 10.75 5.91
C ASP A 26 3.16 9.39 6.56
N LEU A 27 2.36 8.57 5.89
CA LEU A 27 2.08 7.23 6.39
C LEU A 27 3.33 6.37 6.27
N GLY A 28 3.35 5.29 7.03
CA GLY A 28 4.48 4.38 7.03
C GLY A 28 4.23 3.20 6.06
N GLU A 29 5.28 2.88 5.30
CA GLU A 29 5.18 1.79 4.34
C GLU A 29 4.40 0.62 4.94
N GLY A 30 4.82 0.22 6.13
CA GLY A 30 4.17 -0.88 6.81
C GLY A 30 2.65 -0.84 6.61
N PHE A 31 2.10 0.34 6.80
CA PHE A 31 0.66 0.54 6.64
C PHE A 31 0.29 0.60 5.16
N ILE A 32 1.20 1.15 4.37
CA ILE A 32 0.97 1.28 2.94
C ILE A 32 0.95 -0.11 2.30
N LEU A 33 1.81 -0.97 2.81
CA LEU A 33 1.90 -2.33 2.32
C LEU A 33 0.61 -3.09 2.67
N ALA A 34 0.29 -3.05 3.95
CA ALA A 34 -0.91 -3.72 4.43
C ALA A 34 -2.10 -3.33 3.57
N CYS A 35 -2.32 -2.02 3.46
CA CYS A 35 -3.42 -1.50 2.66
C CYS A 35 -3.36 -2.18 1.29
N LEU A 36 -2.27 -1.94 0.59
CA LEU A 36 -2.09 -2.52 -0.74
C LEU A 36 -2.53 -3.98 -0.72
N GLU A 37 -1.88 -4.76 0.13
CA GLU A 37 -2.20 -6.17 0.25
C GLU A 37 -3.72 -6.36 0.30
N TYR A 38 -4.34 -5.69 1.25
CA TYR A 38 -5.78 -5.77 1.42
C TYR A 38 -6.50 -5.47 0.11
N TYR A 39 -6.11 -4.37 -0.50
CA TYR A 39 -6.71 -3.95 -1.76
C TYR A 39 -6.00 -4.62 -2.95
N HIS A 40 -5.72 -5.90 -2.79
CA HIS A 40 -5.04 -6.65 -3.83
C HIS A 40 -3.97 -5.78 -4.48
N TYR A 41 -2.99 -5.40 -3.68
CA TYR A 41 -1.90 -4.58 -4.16
C TYR A 41 -2.40 -3.53 -5.16
N ASP A 42 -3.34 -2.72 -4.70
CA ASP A 42 -3.92 -1.68 -5.54
C ASP A 42 -3.57 -0.31 -4.95
N PRO A 43 -2.91 0.52 -5.79
CA PRO A 43 -2.52 1.86 -5.37
C PRO A 43 -3.72 2.80 -5.33
N GLU A 44 -4.34 2.96 -6.49
CA GLU A 44 -5.51 3.82 -6.61
C GLU A 44 -6.50 3.54 -5.48
N GLN A 45 -6.98 2.30 -5.46
CA GLN A 45 -7.93 1.88 -4.44
C GLN A 45 -7.52 2.43 -3.07
N VAL A 46 -6.31 2.06 -2.65
CA VAL A 46 -5.78 2.51 -1.37
C VAL A 46 -6.10 3.99 -1.19
N ILE A 47 -5.38 4.82 -1.95
CA ILE A 47 -5.58 6.25 -1.88
C ILE A 47 -7.07 6.57 -1.96
N ASN A 48 -7.72 5.94 -2.93
CA ASN A 48 -9.14 6.14 -3.12
C ASN A 48 -9.86 6.06 -1.77
N ASN A 49 -9.62 4.96 -1.09
CA ASN A 49 -10.24 4.74 0.21
C ASN A 49 -9.85 5.88 1.15
N ILE A 50 -8.55 6.01 1.37
CA ILE A 50 -8.04 7.06 2.24
C ILE A 50 -8.72 8.38 1.90
N LEU A 51 -8.74 8.68 0.61
CA LEU A 51 -9.35 9.91 0.14
C LEU A 51 -10.83 9.91 0.52
N GLU A 52 -11.47 8.76 0.31
CA GLU A 52 -12.88 8.62 0.63
C GLU A 52 -13.05 8.16 2.08
N GLU A 53 -12.00 8.37 2.86
CA GLU A 53 -12.02 7.97 4.27
C GLU A 53 -12.73 6.62 4.42
N ARG A 54 -12.56 5.77 3.42
CA ARG A 54 -13.16 4.45 3.45
C ARG A 54 -12.17 3.42 4.00
N LEU A 55 -11.10 3.93 4.60
CA LEU A 55 -10.09 3.07 5.17
C LEU A 55 -10.76 1.95 5.97
N ALA A 56 -10.42 0.72 5.61
CA ALA A 56 -10.98 -0.44 6.28
C ALA A 56 -10.82 -0.28 7.79
N PRO A 57 -11.62 -1.08 8.54
CA PRO A 57 -11.57 -1.03 9.99
C PRO A 57 -10.31 -1.74 10.52
N THR A 58 -9.67 -2.48 9.63
CA THR A 58 -8.47 -3.20 9.99
C THR A 58 -7.22 -2.40 9.61
N LEU A 59 -7.36 -1.61 8.55
CA LEU A 59 -6.26 -0.79 8.08
C LEU A 59 -6.26 0.53 8.86
N SER A 60 -7.45 1.07 9.07
CA SER A 60 -7.59 2.31 9.80
C SER A 60 -7.00 2.18 11.21
N GLN A 61 -7.28 1.03 11.81
CA GLN A 61 -6.79 0.75 13.15
C GLN A 61 -5.28 0.56 13.13
N LEU A 62 -4.81 -0.09 12.08
CA LEU A 62 -3.38 -0.34 11.94
C LEU A 62 -2.61 0.95 12.21
N ASP A 63 -1.31 0.79 12.45
CA ASP A 63 -0.45 1.93 12.72
C ASP A 63 -0.24 2.72 11.44
N ARG A 64 -0.84 3.91 11.42
CA ARG A 64 -0.73 4.78 10.26
C ARG A 64 0.74 4.91 9.83
N ASN A 65 1.62 4.75 10.80
CA ASN A 65 3.04 4.86 10.54
C ASN A 65 3.69 3.48 10.75
N LEU A 66 2.98 2.46 10.30
CA LEU A 66 3.48 1.10 10.42
C LEU A 66 4.67 0.91 9.50
N ASP A 67 5.66 0.19 10.00
CA ASP A 67 6.87 -0.07 9.23
C ASP A 67 6.75 -1.44 8.55
N ARG A 68 7.67 -1.70 7.64
CA ARG A 68 7.68 -2.95 6.91
C ARG A 68 8.48 -4.01 7.68
N GLU A 69 9.75 -3.68 7.92
CA GLU A 69 10.63 -4.58 8.64
C GLU A 69 10.51 -6.01 8.07
N MET A 70 11.26 -6.24 7.01
CA MET A 70 11.24 -7.54 6.36
C MET A 70 12.53 -7.78 5.58
N ASN A 71 13.06 -8.99 5.71
CA ASN A 71 14.29 -9.34 5.02
C ASN A 71 14.12 -10.72 4.37
#